data_5JYS
# 
_entry.id   5JYS 
# 
_audit_conform.dict_name       mmcif_pdbx.dic 
_audit_conform.dict_version    5.398 
_audit_conform.dict_location   http://mmcif.pdb.org/dictionaries/ascii/mmcif_pdbx.dic 
# 
loop_
_database_2.database_id 
_database_2.database_code 
_database_2.pdbx_database_accession 
_database_2.pdbx_DOI 
PDB   5JYS         pdb_00005jys 10.2210/pdb5jys/pdb 
WWPDB D_1000221436 ?            ?                   
# 
loop_
_pdbx_audit_revision_history.ordinal 
_pdbx_audit_revision_history.data_content_type 
_pdbx_audit_revision_history.major_revision 
_pdbx_audit_revision_history.minor_revision 
_pdbx_audit_revision_history.revision_date 
1 'Structure model' 1 0 2016-07-20 
2 'Structure model' 1 1 2023-09-27 
3 'Structure model' 1 2 2024-11-06 
# 
_pdbx_audit_revision_details.ordinal             1 
_pdbx_audit_revision_details.revision_ordinal    1 
_pdbx_audit_revision_details.data_content_type   'Structure model' 
_pdbx_audit_revision_details.provider            repository 
_pdbx_audit_revision_details.type                'Initial release' 
_pdbx_audit_revision_details.description         ? 
_pdbx_audit_revision_details.details             ? 
# 
loop_
_pdbx_audit_revision_group.ordinal 
_pdbx_audit_revision_group.revision_ordinal 
_pdbx_audit_revision_group.data_content_type 
_pdbx_audit_revision_group.group 
1 2 'Structure model' 'Data collection'        
2 2 'Structure model' 'Database references'    
3 2 'Structure model' 'Derived calculations'   
4 2 'Structure model' 'Refinement description' 
5 3 'Structure model' 'Structure summary'      
# 
loop_
_pdbx_audit_revision_category.ordinal 
_pdbx_audit_revision_category.revision_ordinal 
_pdbx_audit_revision_category.data_content_type 
_pdbx_audit_revision_category.category 
1 2 'Structure model' chem_comp_atom                
2 2 'Structure model' chem_comp_bond                
3 2 'Structure model' database_2                    
4 2 'Structure model' pdbx_initial_refinement_model 
5 2 'Structure model' pdbx_struct_oper_list         
6 3 'Structure model' pdbx_entry_details            
7 3 'Structure model' pdbx_modification_feature     
# 
loop_
_pdbx_audit_revision_item.ordinal 
_pdbx_audit_revision_item.revision_ordinal 
_pdbx_audit_revision_item.data_content_type 
_pdbx_audit_revision_item.item 
1 2 'Structure model' '_database_2.pdbx_DOI'                      
2 2 'Structure model' '_database_2.pdbx_database_accession'       
3 2 'Structure model' '_pdbx_struct_oper_list.symmetry_operation' 
# 
_pdbx_database_status.status_code                     REL 
_pdbx_database_status.status_code_sf                  REL 
_pdbx_database_status.status_code_mr                  ? 
_pdbx_database_status.entry_id                        5JYS 
_pdbx_database_status.recvd_initial_deposition_date   2016-05-15 
_pdbx_database_status.SG_entry                        N 
_pdbx_database_status.deposit_site                    RCSB 
_pdbx_database_status.process_site                    RCSB 
_pdbx_database_status.status_code_cs                  ? 
_pdbx_database_status.methods_development_category    ? 
_pdbx_database_status.pdb_format_compatible           Y 
_pdbx_database_status.status_code_nmr_data            ? 
# 
_pdbx_database_related.db_name        PDB 
_pdbx_database_related.details        '5ETE is same protein complexed with dioxane' 
_pdbx_database_related.db_id          5ETE 
_pdbx_database_related.content_type   unspecified 
# 
_audit_author.name           'Asojo, O.A.' 
_audit_author.pdbx_ordinal   1 
# 
_citation.abstract                  ? 
_citation.abstract_id_CAS           ? 
_citation.book_id_ISBN              ? 
_citation.book_publisher            ? 
_citation.book_publisher_city       ? 
_citation.book_title                ? 
_citation.coordinate_linkage        ? 
_citation.country                   UK 
_citation.database_id_Medline       ? 
_citation.details                   ? 
_citation.id                        primary 
_citation.journal_abbrev            'Sci Rep' 
_citation.journal_id_ASTM           ? 
_citation.journal_id_CSD            ? 
_citation.journal_id_ISSN           2045-2322 
_citation.journal_full              ? 
_citation.journal_issue             ? 
_citation.journal_volume            6 
_citation.language                  ? 
_citation.page_first                28838 
_citation.page_last                 28838 
_citation.title                     
'Structural and functional characterization of the CAP domain of pathogen-related yeast 1 (Pry1) protein.' 
_citation.year                      2016 
_citation.database_id_CSD           ? 
_citation.pdbx_database_id_DOI      10.1038/srep28838 
_citation.pdbx_database_id_PubMed   27344972 
_citation.unpublished_flag          ? 
# 
loop_
_citation_author.citation_id 
_citation_author.name 
_citation_author.ordinal 
_citation_author.identifier_ORCID 
primary 'Darwiche, R.'   1 ? 
primary 'Kelleher, A.'   2 ? 
primary 'Hudspeth, E.M.' 3 ? 
primary 'Schneiter, R.'  4 ? 
primary 'Asojo, O.A.'    5 ? 
# 
loop_
_entity.id 
_entity.type 
_entity.src_method 
_entity.pdbx_description 
_entity.formula_weight 
_entity.pdbx_number_of_molecules 
_entity.pdbx_ec 
_entity.pdbx_mutation 
_entity.pdbx_fragment 
_entity.details 
1 polymer     man 'Protein PRY1'  30519.854 1   ? ? ? ? 
2 non-polymer syn 'MAGNESIUM ION' 24.305    1   ? ? ? ? 
3 water       nat water           18.015    196 ? ? ? ? 
# 
_entity_name_com.entity_id   1 
_entity_name_com.name        'Pathogenesis-related protein 1' 
# 
_entity_poly.entity_id                      1 
_entity_poly.type                           'polypeptide(L)' 
_entity_poly.nstd_linkage                   no 
_entity_poly.nstd_monomer                   no 
_entity_poly.pdbx_seq_one_letter_code       
;KLSKLSILTSALATSALAAPAVVTVTEHAHEAAVVTVQGVVYVENGQTRTTYETLAPASTATPTSTATALVAPPVAPSSA
SSNSDVVLSALKNLASVWGKTTDSTTTLTSSESTSQSLAQATTTSTPAAASTTSTPAATTTTSQAAATSSASSSDSDLSD
FASSVLAEHNKKRALHKDTPALSWSDTLASYAQDYADNYDCSGTLTHSGGPYGENLALGYDGPAAVDAWYNEISNYDFSN
PGFSSNTGHFTQVVWKSTTQVGCGIKTCGGAWGDYVICSYDPAGNYEGEYADNVEPLA
;
_entity_poly.pdbx_seq_one_letter_code_can   
;KLSKLSILTSALATSALAAPAVVTVTEHAHEAAVVTVQGVVYVENGQTRTTYETLAPASTATPTSTATALVAPPVAPSSA
SSNSDVVLSALKNLASVWGKTTDSTTTLTSSESTSQSLAQATTTSTPAAASTTSTPAATTTTSQAAATSSASSSDSDLSD
FASSVLAEHNKKRALHKDTPALSWSDTLASYAQDYADNYDCSGTLTHSGGPYGENLALGYDGPAAVDAWYNEISNYDFSN
PGFSSNTGHFTQVVWKSTTQVGCGIKTCGGAWGDYVICSYDPAGNYEGEYADNVEPLA
;
_entity_poly.pdbx_strand_id                 A 
_entity_poly.pdbx_target_identifier         ? 
# 
loop_
_pdbx_entity_nonpoly.entity_id 
_pdbx_entity_nonpoly.name 
_pdbx_entity_nonpoly.comp_id 
2 'MAGNESIUM ION' MG  
3 water           HOH 
# 
loop_
_entity_poly_seq.entity_id 
_entity_poly_seq.num 
_entity_poly_seq.mon_id 
_entity_poly_seq.hetero 
1 1   LYS n 
1 2   LEU n 
1 3   SER n 
1 4   LYS n 
1 5   LEU n 
1 6   SER n 
1 7   ILE n 
1 8   LEU n 
1 9   THR n 
1 10  SER n 
1 11  ALA n 
1 12  LEU n 
1 13  ALA n 
1 14  THR n 
1 15  SER n 
1 16  ALA n 
1 17  LEU n 
1 18  ALA n 
1 19  ALA n 
1 20  PRO n 
1 21  ALA n 
1 22  VAL n 
1 23  VAL n 
1 24  THR n 
1 25  VAL n 
1 26  THR n 
1 27  GLU n 
1 28  HIS n 
1 29  ALA n 
1 30  HIS n 
1 31  GLU n 
1 32  ALA n 
1 33  ALA n 
1 34  VAL n 
1 35  VAL n 
1 36  THR n 
1 37  VAL n 
1 38  GLN n 
1 39  GLY n 
1 40  VAL n 
1 41  VAL n 
1 42  TYR n 
1 43  VAL n 
1 44  GLU n 
1 45  ASN n 
1 46  GLY n 
1 47  GLN n 
1 48  THR n 
1 49  ARG n 
1 50  THR n 
1 51  THR n 
1 52  TYR n 
1 53  GLU n 
1 54  THR n 
1 55  LEU n 
1 56  ALA n 
1 57  PRO n 
1 58  ALA n 
1 59  SER n 
1 60  THR n 
1 61  ALA n 
1 62  THR n 
1 63  PRO n 
1 64  THR n 
1 65  SER n 
1 66  THR n 
1 67  ALA n 
1 68  THR n 
1 69  ALA n 
1 70  LEU n 
1 71  VAL n 
1 72  ALA n 
1 73  PRO n 
1 74  PRO n 
1 75  VAL n 
1 76  ALA n 
1 77  PRO n 
1 78  SER n 
1 79  SER n 
1 80  ALA n 
1 81  SER n 
1 82  SER n 
1 83  ASN n 
1 84  SER n 
1 85  ASP n 
1 86  VAL n 
1 87  VAL n 
1 88  LEU n 
1 89  SER n 
1 90  ALA n 
1 91  LEU n 
1 92  LYS n 
1 93  ASN n 
1 94  LEU n 
1 95  ALA n 
1 96  SER n 
1 97  VAL n 
1 98  TRP n 
1 99  GLY n 
1 100 LYS n 
1 101 THR n 
1 102 THR n 
1 103 ASP n 
1 104 SER n 
1 105 THR n 
1 106 THR n 
1 107 THR n 
1 108 LEU n 
1 109 THR n 
1 110 SER n 
1 111 SER n 
1 112 GLU n 
1 113 SER n 
1 114 THR n 
1 115 SER n 
1 116 GLN n 
1 117 SER n 
1 118 LEU n 
1 119 ALA n 
1 120 GLN n 
1 121 ALA n 
1 122 THR n 
1 123 THR n 
1 124 THR n 
1 125 SER n 
1 126 THR n 
1 127 PRO n 
1 128 ALA n 
1 129 ALA n 
1 130 ALA n 
1 131 SER n 
1 132 THR n 
1 133 THR n 
1 134 SER n 
1 135 THR n 
1 136 PRO n 
1 137 ALA n 
1 138 ALA n 
1 139 THR n 
1 140 THR n 
1 141 THR n 
1 142 THR n 
1 143 SER n 
1 144 GLN n 
1 145 ALA n 
1 146 ALA n 
1 147 ALA n 
1 148 THR n 
1 149 SER n 
1 150 SER n 
1 151 ALA n 
1 152 SER n 
1 153 SER n 
1 154 SER n 
1 155 ASP n 
1 156 SER n 
1 157 ASP n 
1 158 LEU n 
1 159 SER n 
1 160 ASP n 
1 161 PHE n 
1 162 ALA n 
1 163 SER n 
1 164 SER n 
1 165 VAL n 
1 166 LEU n 
1 167 ALA n 
1 168 GLU n 
1 169 HIS n 
1 170 ASN n 
1 171 LYS n 
1 172 LYS n 
1 173 ARG n 
1 174 ALA n 
1 175 LEU n 
1 176 HIS n 
1 177 LYS n 
1 178 ASP n 
1 179 THR n 
1 180 PRO n 
1 181 ALA n 
1 182 LEU n 
1 183 SER n 
1 184 TRP n 
1 185 SER n 
1 186 ASP n 
1 187 THR n 
1 188 LEU n 
1 189 ALA n 
1 190 SER n 
1 191 TYR n 
1 192 ALA n 
1 193 GLN n 
1 194 ASP n 
1 195 TYR n 
1 196 ALA n 
1 197 ASP n 
1 198 ASN n 
1 199 TYR n 
1 200 ASP n 
1 201 CYS n 
1 202 SER n 
1 203 GLY n 
1 204 THR n 
1 205 LEU n 
1 206 THR n 
1 207 HIS n 
1 208 SER n 
1 209 GLY n 
1 210 GLY n 
1 211 PRO n 
1 212 TYR n 
1 213 GLY n 
1 214 GLU n 
1 215 ASN n 
1 216 LEU n 
1 217 ALA n 
1 218 LEU n 
1 219 GLY n 
1 220 TYR n 
1 221 ASP n 
1 222 GLY n 
1 223 PRO n 
1 224 ALA n 
1 225 ALA n 
1 226 VAL n 
1 227 ASP n 
1 228 ALA n 
1 229 TRP n 
1 230 TYR n 
1 231 ASN n 
1 232 GLU n 
1 233 ILE n 
1 234 SER n 
1 235 ASN n 
1 236 TYR n 
1 237 ASP n 
1 238 PHE n 
1 239 SER n 
1 240 ASN n 
1 241 PRO n 
1 242 GLY n 
1 243 PHE n 
1 244 SER n 
1 245 SER n 
1 246 ASN n 
1 247 THR n 
1 248 GLY n 
1 249 HIS n 
1 250 PHE n 
1 251 THR n 
1 252 GLN n 
1 253 VAL n 
1 254 VAL n 
1 255 TRP n 
1 256 LYS n 
1 257 SER n 
1 258 THR n 
1 259 THR n 
1 260 GLN n 
1 261 VAL n 
1 262 GLY n 
1 263 CYS n 
1 264 GLY n 
1 265 ILE n 
1 266 LYS n 
1 267 THR n 
1 268 CYS n 
1 269 GLY n 
1 270 GLY n 
1 271 ALA n 
1 272 TRP n 
1 273 GLY n 
1 274 ASP n 
1 275 TYR n 
1 276 VAL n 
1 277 ILE n 
1 278 CYS n 
1 279 SER n 
1 280 TYR n 
1 281 ASP n 
1 282 PRO n 
1 283 ALA n 
1 284 GLY n 
1 285 ASN n 
1 286 TYR n 
1 287 GLU n 
1 288 GLY n 
1 289 GLU n 
1 290 TYR n 
1 291 ALA n 
1 292 ASP n 
1 293 ASN n 
1 294 VAL n 
1 295 GLU n 
1 296 PRO n 
1 297 LEU n 
1 298 ALA n 
# 
_entity_src_gen.entity_id                          1 
_entity_src_gen.pdbx_src_id                        1 
_entity_src_gen.pdbx_alt_source_flag               sample 
_entity_src_gen.pdbx_seq_type                      'Biological sequence' 
_entity_src_gen.pdbx_beg_seq_num                   1 
_entity_src_gen.pdbx_end_seq_num                   298 
_entity_src_gen.gene_src_common_name               
;Baker's yeast
;
_entity_src_gen.gene_src_genus                     ? 
_entity_src_gen.pdbx_gene_src_gene                 'PRY1, YJL079C, J1022' 
_entity_src_gen.gene_src_species                   ? 
_entity_src_gen.gene_src_strain                    'ATCC 204508 / S288c' 
_entity_src_gen.gene_src_tissue                    ? 
_entity_src_gen.gene_src_tissue_fraction           ? 
_entity_src_gen.gene_src_details                   ? 
_entity_src_gen.pdbx_gene_src_fragment             ? 
_entity_src_gen.pdbx_gene_src_scientific_name      'Saccharomyces cerevisiae (strain ATCC 204508 / S288c)' 
_entity_src_gen.pdbx_gene_src_ncbi_taxonomy_id     559292 
_entity_src_gen.pdbx_gene_src_variant              ? 
_entity_src_gen.pdbx_gene_src_cell_line            ? 
_entity_src_gen.pdbx_gene_src_atcc                 ? 
_entity_src_gen.pdbx_gene_src_organ                ? 
_entity_src_gen.pdbx_gene_src_organelle            ? 
_entity_src_gen.pdbx_gene_src_cell                 ? 
_entity_src_gen.pdbx_gene_src_cellular_location    ? 
_entity_src_gen.host_org_common_name               ? 
_entity_src_gen.pdbx_host_org_scientific_name      'Komagataella pastoris GS115' 
_entity_src_gen.pdbx_host_org_ncbi_taxonomy_id     644223 
_entity_src_gen.host_org_genus                     ? 
_entity_src_gen.pdbx_host_org_gene                 ? 
_entity_src_gen.pdbx_host_org_organ                ? 
_entity_src_gen.host_org_species                   ? 
_entity_src_gen.pdbx_host_org_tissue               ? 
_entity_src_gen.pdbx_host_org_tissue_fraction      ? 
_entity_src_gen.pdbx_host_org_strain               ? 
_entity_src_gen.pdbx_host_org_variant              ? 
_entity_src_gen.pdbx_host_org_cell_line            ? 
_entity_src_gen.pdbx_host_org_atcc                 ? 
_entity_src_gen.pdbx_host_org_culture_collection   ? 
_entity_src_gen.pdbx_host_org_cell                 ? 
_entity_src_gen.pdbx_host_org_organelle            ? 
_entity_src_gen.pdbx_host_org_cellular_location    ? 
_entity_src_gen.pdbx_host_org_vector_type          ? 
_entity_src_gen.pdbx_host_org_vector               ? 
_entity_src_gen.host_org_details                   ? 
_entity_src_gen.expression_system_id               ? 
_entity_src_gen.plasmid_name                       ? 
_entity_src_gen.plasmid_details                    ? 
_entity_src_gen.pdbx_description                   ? 
# 
loop_
_chem_comp.id 
_chem_comp.type 
_chem_comp.mon_nstd_flag 
_chem_comp.name 
_chem_comp.pdbx_synonyms 
_chem_comp.formula 
_chem_comp.formula_weight 
ALA 'L-peptide linking' y ALANINE         ? 'C3 H7 N O2'     89.093  
ARG 'L-peptide linking' y ARGININE        ? 'C6 H15 N4 O2 1' 175.209 
ASN 'L-peptide linking' y ASPARAGINE      ? 'C4 H8 N2 O3'    132.118 
ASP 'L-peptide linking' y 'ASPARTIC ACID' ? 'C4 H7 N O4'     133.103 
CYS 'L-peptide linking' y CYSTEINE        ? 'C3 H7 N O2 S'   121.158 
GLN 'L-peptide linking' y GLUTAMINE       ? 'C5 H10 N2 O3'   146.144 
GLU 'L-peptide linking' y 'GLUTAMIC ACID' ? 'C5 H9 N O4'     147.129 
GLY 'peptide linking'   y GLYCINE         ? 'C2 H5 N O2'     75.067  
HIS 'L-peptide linking' y HISTIDINE       ? 'C6 H10 N3 O2 1' 156.162 
HOH non-polymer         . WATER           ? 'H2 O'           18.015  
ILE 'L-peptide linking' y ISOLEUCINE      ? 'C6 H13 N O2'    131.173 
LEU 'L-peptide linking' y LEUCINE         ? 'C6 H13 N O2'    131.173 
LYS 'L-peptide linking' y LYSINE          ? 'C6 H15 N2 O2 1' 147.195 
MG  non-polymer         . 'MAGNESIUM ION' ? 'Mg 2'           24.305  
PHE 'L-peptide linking' y PHENYLALANINE   ? 'C9 H11 N O2'    165.189 
PRO 'L-peptide linking' y PROLINE         ? 'C5 H9 N O2'     115.130 
SER 'L-peptide linking' y SERINE          ? 'C3 H7 N O3'     105.093 
THR 'L-peptide linking' y THREONINE       ? 'C4 H9 N O3'     119.119 
TRP 'L-peptide linking' y TRYPTOPHAN      ? 'C11 H12 N2 O2'  204.225 
TYR 'L-peptide linking' y TYROSINE        ? 'C9 H11 N O3'    181.189 
VAL 'L-peptide linking' y VALINE          ? 'C5 H11 N O2'    117.146 
# 
loop_
_pdbx_poly_seq_scheme.asym_id 
_pdbx_poly_seq_scheme.entity_id 
_pdbx_poly_seq_scheme.seq_id 
_pdbx_poly_seq_scheme.mon_id 
_pdbx_poly_seq_scheme.ndb_seq_num 
_pdbx_poly_seq_scheme.pdb_seq_num 
_pdbx_poly_seq_scheme.auth_seq_num 
_pdbx_poly_seq_scheme.pdb_mon_id 
_pdbx_poly_seq_scheme.auth_mon_id 
_pdbx_poly_seq_scheme.pdb_strand_id 
_pdbx_poly_seq_scheme.pdb_ins_code 
_pdbx_poly_seq_scheme.hetero 
A 1 1   LYS 1   2   ?   ?   ?   A . n 
A 1 2   LEU 2   3   ?   ?   ?   A . n 
A 1 3   SER 3   4   ?   ?   ?   A . n 
A 1 4   LYS 4   5   ?   ?   ?   A . n 
A 1 5   LEU 5   6   ?   ?   ?   A . n 
A 1 6   SER 6   7   ?   ?   ?   A . n 
A 1 7   ILE 7   8   ?   ?   ?   A . n 
A 1 8   LEU 8   9   ?   ?   ?   A . n 
A 1 9   THR 9   10  ?   ?   ?   A . n 
A 1 10  SER 10  11  ?   ?   ?   A . n 
A 1 11  ALA 11  12  ?   ?   ?   A . n 
A 1 12  LEU 12  13  ?   ?   ?   A . n 
A 1 13  ALA 13  14  ?   ?   ?   A . n 
A 1 14  THR 14  15  ?   ?   ?   A . n 
A 1 15  SER 15  16  ?   ?   ?   A . n 
A 1 16  ALA 16  17  ?   ?   ?   A . n 
A 1 17  LEU 17  18  ?   ?   ?   A . n 
A 1 18  ALA 18  19  ?   ?   ?   A . n 
A 1 19  ALA 19  20  ?   ?   ?   A . n 
A 1 20  PRO 20  21  ?   ?   ?   A . n 
A 1 21  ALA 21  22  ?   ?   ?   A . n 
A 1 22  VAL 22  23  ?   ?   ?   A . n 
A 1 23  VAL 23  24  ?   ?   ?   A . n 
A 1 24  THR 24  25  ?   ?   ?   A . n 
A 1 25  VAL 25  26  ?   ?   ?   A . n 
A 1 26  THR 26  27  ?   ?   ?   A . n 
A 1 27  GLU 27  28  ?   ?   ?   A . n 
A 1 28  HIS 28  29  ?   ?   ?   A . n 
A 1 29  ALA 29  30  ?   ?   ?   A . n 
A 1 30  HIS 30  31  ?   ?   ?   A . n 
A 1 31  GLU 31  32  ?   ?   ?   A . n 
A 1 32  ALA 32  33  ?   ?   ?   A . n 
A 1 33  ALA 33  34  ?   ?   ?   A . n 
A 1 34  VAL 34  35  ?   ?   ?   A . n 
A 1 35  VAL 35  36  ?   ?   ?   A . n 
A 1 36  THR 36  37  ?   ?   ?   A . n 
A 1 37  VAL 37  38  ?   ?   ?   A . n 
A 1 38  GLN 38  39  ?   ?   ?   A . n 
A 1 39  GLY 39  40  ?   ?   ?   A . n 
A 1 40  VAL 40  41  ?   ?   ?   A . n 
A 1 41  VAL 41  42  ?   ?   ?   A . n 
A 1 42  TYR 42  43  ?   ?   ?   A . n 
A 1 43  VAL 43  44  ?   ?   ?   A . n 
A 1 44  GLU 44  45  ?   ?   ?   A . n 
A 1 45  ASN 45  46  ?   ?   ?   A . n 
A 1 46  GLY 46  47  ?   ?   ?   A . n 
A 1 47  GLN 47  48  ?   ?   ?   A . n 
A 1 48  THR 48  49  ?   ?   ?   A . n 
A 1 49  ARG 49  50  ?   ?   ?   A . n 
A 1 50  THR 50  51  ?   ?   ?   A . n 
A 1 51  THR 51  52  ?   ?   ?   A . n 
A 1 52  TYR 52  53  ?   ?   ?   A . n 
A 1 53  GLU 53  54  ?   ?   ?   A . n 
A 1 54  THR 54  55  ?   ?   ?   A . n 
A 1 55  LEU 55  56  ?   ?   ?   A . n 
A 1 56  ALA 56  57  ?   ?   ?   A . n 
A 1 57  PRO 57  58  ?   ?   ?   A . n 
A 1 58  ALA 58  59  ?   ?   ?   A . n 
A 1 59  SER 59  60  ?   ?   ?   A . n 
A 1 60  THR 60  61  ?   ?   ?   A . n 
A 1 61  ALA 61  62  ?   ?   ?   A . n 
A 1 62  THR 62  63  ?   ?   ?   A . n 
A 1 63  PRO 63  64  ?   ?   ?   A . n 
A 1 64  THR 64  65  ?   ?   ?   A . n 
A 1 65  SER 65  66  ?   ?   ?   A . n 
A 1 66  THR 66  67  ?   ?   ?   A . n 
A 1 67  ALA 67  68  ?   ?   ?   A . n 
A 1 68  THR 68  69  ?   ?   ?   A . n 
A 1 69  ALA 69  70  ?   ?   ?   A . n 
A 1 70  LEU 70  71  ?   ?   ?   A . n 
A 1 71  VAL 71  72  ?   ?   ?   A . n 
A 1 72  ALA 72  73  ?   ?   ?   A . n 
A 1 73  PRO 73  74  ?   ?   ?   A . n 
A 1 74  PRO 74  75  ?   ?   ?   A . n 
A 1 75  VAL 75  76  ?   ?   ?   A . n 
A 1 76  ALA 76  77  ?   ?   ?   A . n 
A 1 77  PRO 77  78  ?   ?   ?   A . n 
A 1 78  SER 78  79  ?   ?   ?   A . n 
A 1 79  SER 79  80  ?   ?   ?   A . n 
A 1 80  ALA 80  81  ?   ?   ?   A . n 
A 1 81  SER 81  82  ?   ?   ?   A . n 
A 1 82  SER 82  83  ?   ?   ?   A . n 
A 1 83  ASN 83  84  ?   ?   ?   A . n 
A 1 84  SER 84  85  ?   ?   ?   A . n 
A 1 85  ASP 85  86  ?   ?   ?   A . n 
A 1 86  VAL 86  87  ?   ?   ?   A . n 
A 1 87  VAL 87  88  ?   ?   ?   A . n 
A 1 88  LEU 88  89  ?   ?   ?   A . n 
A 1 89  SER 89  90  ?   ?   ?   A . n 
A 1 90  ALA 90  91  ?   ?   ?   A . n 
A 1 91  LEU 91  92  ?   ?   ?   A . n 
A 1 92  LYS 92  93  ?   ?   ?   A . n 
A 1 93  ASN 93  94  ?   ?   ?   A . n 
A 1 94  LEU 94  95  ?   ?   ?   A . n 
A 1 95  ALA 95  96  ?   ?   ?   A . n 
A 1 96  SER 96  97  ?   ?   ?   A . n 
A 1 97  VAL 97  98  ?   ?   ?   A . n 
A 1 98  TRP 98  99  ?   ?   ?   A . n 
A 1 99  GLY 99  100 ?   ?   ?   A . n 
A 1 100 LYS 100 101 ?   ?   ?   A . n 
A 1 101 THR 101 102 ?   ?   ?   A . n 
A 1 102 THR 102 103 ?   ?   ?   A . n 
A 1 103 ASP 103 104 ?   ?   ?   A . n 
A 1 104 SER 104 105 ?   ?   ?   A . n 
A 1 105 THR 105 106 ?   ?   ?   A . n 
A 1 106 THR 106 107 ?   ?   ?   A . n 
A 1 107 THR 107 108 ?   ?   ?   A . n 
A 1 108 LEU 108 109 ?   ?   ?   A . n 
A 1 109 THR 109 110 ?   ?   ?   A . n 
A 1 110 SER 110 111 ?   ?   ?   A . n 
A 1 111 SER 111 112 ?   ?   ?   A . n 
A 1 112 GLU 112 113 ?   ?   ?   A . n 
A 1 113 SER 113 114 ?   ?   ?   A . n 
A 1 114 THR 114 115 ?   ?   ?   A . n 
A 1 115 SER 115 116 ?   ?   ?   A . n 
A 1 116 GLN 116 117 ?   ?   ?   A . n 
A 1 117 SER 117 118 ?   ?   ?   A . n 
A 1 118 LEU 118 119 ?   ?   ?   A . n 
A 1 119 ALA 119 120 ?   ?   ?   A . n 
A 1 120 GLN 120 121 ?   ?   ?   A . n 
A 1 121 ALA 121 122 ?   ?   ?   A . n 
A 1 122 THR 122 123 ?   ?   ?   A . n 
A 1 123 THR 123 124 ?   ?   ?   A . n 
A 1 124 THR 124 125 ?   ?   ?   A . n 
A 1 125 SER 125 126 ?   ?   ?   A . n 
A 1 126 THR 126 127 ?   ?   ?   A . n 
A 1 127 PRO 127 128 ?   ?   ?   A . n 
A 1 128 ALA 128 129 ?   ?   ?   A . n 
A 1 129 ALA 129 130 ?   ?   ?   A . n 
A 1 130 ALA 130 131 ?   ?   ?   A . n 
A 1 131 SER 131 132 ?   ?   ?   A . n 
A 1 132 THR 132 133 ?   ?   ?   A . n 
A 1 133 THR 133 134 ?   ?   ?   A . n 
A 1 134 SER 134 135 ?   ?   ?   A . n 
A 1 135 THR 135 136 ?   ?   ?   A . n 
A 1 136 PRO 136 137 ?   ?   ?   A . n 
A 1 137 ALA 137 138 ?   ?   ?   A . n 
A 1 138 ALA 138 139 ?   ?   ?   A . n 
A 1 139 THR 139 140 ?   ?   ?   A . n 
A 1 140 THR 140 141 ?   ?   ?   A . n 
A 1 141 THR 141 142 ?   ?   ?   A . n 
A 1 142 THR 142 143 ?   ?   ?   A . n 
A 1 143 SER 143 144 ?   ?   ?   A . n 
A 1 144 GLN 144 145 ?   ?   ?   A . n 
A 1 145 ALA 145 146 ?   ?   ?   A . n 
A 1 146 ALA 146 147 ?   ?   ?   A . n 
A 1 147 ALA 147 148 ?   ?   ?   A . n 
A 1 148 THR 148 149 ?   ?   ?   A . n 
A 1 149 SER 149 150 ?   ?   ?   A . n 
A 1 150 SER 150 151 ?   ?   ?   A . n 
A 1 151 ALA 151 152 ?   ?   ?   A . n 
A 1 152 SER 152 153 ?   ?   ?   A . n 
A 1 153 SER 153 154 ?   ?   ?   A . n 
A 1 154 SER 154 155 ?   ?   ?   A . n 
A 1 155 ASP 155 156 ?   ?   ?   A . n 
A 1 156 SER 156 157 ?   ?   ?   A . n 
A 1 157 ASP 157 158 ?   ?   ?   A . n 
A 1 158 LEU 158 159 159 LEU LEU A . n 
A 1 159 SER 159 160 160 SER SER A . n 
A 1 160 ASP 160 161 161 ASP ASP A . n 
A 1 161 PHE 161 162 162 PHE PHE A . n 
A 1 162 ALA 162 163 163 ALA ALA A . n 
A 1 163 SER 163 164 164 SER SER A . n 
A 1 164 SER 164 165 165 SER SER A . n 
A 1 165 VAL 165 166 166 VAL VAL A . n 
A 1 166 LEU 166 167 167 LEU LEU A . n 
A 1 167 ALA 167 168 168 ALA ALA A . n 
A 1 168 GLU 168 169 169 GLU GLU A . n 
A 1 169 HIS 169 170 170 HIS HIS A . n 
A 1 170 ASN 170 171 171 ASN ASN A . n 
A 1 171 LYS 171 172 172 LYS LYS A . n 
A 1 172 LYS 172 173 173 LYS LYS A . n 
A 1 173 ARG 173 174 174 ARG ARG A . n 
A 1 174 ALA 174 175 175 ALA ALA A . n 
A 1 175 LEU 175 176 176 LEU LEU A . n 
A 1 176 HIS 176 177 177 HIS HIS A . n 
A 1 177 LYS 177 178 178 LYS LYS A . n 
A 1 178 ASP 178 179 179 ASP ASP A . n 
A 1 179 THR 179 180 180 THR THR A . n 
A 1 180 PRO 180 181 181 PRO PRO A . n 
A 1 181 ALA 181 182 182 ALA ALA A . n 
A 1 182 LEU 182 183 183 LEU LEU A . n 
A 1 183 SER 183 184 184 SER SER A . n 
A 1 184 TRP 184 185 185 TRP TRP A . n 
A 1 185 SER 185 186 186 SER SER A . n 
A 1 186 ASP 186 187 187 ASP ASP A . n 
A 1 187 THR 187 188 188 THR THR A . n 
A 1 188 LEU 188 189 189 LEU LEU A . n 
A 1 189 ALA 189 190 190 ALA ALA A . n 
A 1 190 SER 190 191 191 SER SER A . n 
A 1 191 TYR 191 192 192 TYR TYR A . n 
A 1 192 ALA 192 193 193 ALA ALA A . n 
A 1 193 GLN 193 194 194 GLN GLN A . n 
A 1 194 ASP 194 195 195 ASP ASP A . n 
A 1 195 TYR 195 196 196 TYR TYR A . n 
A 1 196 ALA 196 197 197 ALA ALA A . n 
A 1 197 ASP 197 198 198 ASP ASP A . n 
A 1 198 ASN 198 199 199 ASN ASN A . n 
A 1 199 TYR 199 200 200 TYR TYR A . n 
A 1 200 ASP 200 201 201 ASP ASP A . n 
A 1 201 CYS 201 202 202 CYS CYS A . n 
A 1 202 SER 202 203 203 SER SER A . n 
A 1 203 GLY 203 204 204 GLY GLY A . n 
A 1 204 THR 204 205 205 THR THR A . n 
A 1 205 LEU 205 206 206 LEU LEU A . n 
A 1 206 THR 206 207 207 THR THR A . n 
A 1 207 HIS 207 208 208 HIS HIS A . n 
A 1 208 SER 208 209 209 SER SER A . n 
A 1 209 GLY 209 210 210 GLY GLY A . n 
A 1 210 GLY 210 211 211 GLY GLY A . n 
A 1 211 PRO 211 212 212 PRO PRO A . n 
A 1 212 TYR 212 213 213 TYR TYR A . n 
A 1 213 GLY 213 214 214 GLY GLY A . n 
A 1 214 GLU 214 215 215 GLU GLU A . n 
A 1 215 ASN 215 216 216 ASN ASN A . n 
A 1 216 LEU 216 217 217 LEU LEU A . n 
A 1 217 ALA 217 218 218 ALA ALA A . n 
A 1 218 LEU 218 219 219 LEU LEU A . n 
A 1 219 GLY 219 220 220 GLY GLY A . n 
A 1 220 TYR 220 221 221 TYR TYR A . n 
A 1 221 ASP 221 222 222 ASP ASP A . n 
A 1 222 GLY 222 223 223 GLY GLY A . n 
A 1 223 PRO 223 224 224 PRO PRO A . n 
A 1 224 ALA 224 225 225 ALA ALA A . n 
A 1 225 ALA 225 226 226 ALA ALA A . n 
A 1 226 VAL 226 227 227 VAL VAL A . n 
A 1 227 ASP 227 228 228 ASP ASP A . n 
A 1 228 ALA 228 229 229 ALA ALA A . n 
A 1 229 TRP 229 230 230 TRP TRP A . n 
A 1 230 TYR 230 231 231 TYR TYR A . n 
A 1 231 ASN 231 232 232 ASN ASN A . n 
A 1 232 GLU 232 233 233 GLU GLU A . n 
A 1 233 ILE 233 234 234 ILE ILE A . n 
A 1 234 SER 234 235 235 SER SER A . n 
A 1 235 ASN 235 236 236 ASN ASN A . n 
A 1 236 TYR 236 237 237 TYR TYR A . n 
A 1 237 ASP 237 238 238 ASP ASP A . n 
A 1 238 PHE 238 239 239 PHE PHE A . n 
A 1 239 SER 239 240 240 SER SER A . n 
A 1 240 ASN 240 241 241 ASN ASN A . n 
A 1 241 PRO 241 242 242 PRO PRO A . n 
A 1 242 GLY 242 243 243 GLY GLY A . n 
A 1 243 PHE 243 244 244 PHE PHE A . n 
A 1 244 SER 244 245 245 SER SER A . n 
A 1 245 SER 245 246 246 SER SER A . n 
A 1 246 ASN 246 247 247 ASN ASN A . n 
A 1 247 THR 247 248 248 THR THR A . n 
A 1 248 GLY 248 249 249 GLY GLY A . n 
A 1 249 HIS 249 250 250 HIS HIS A . n 
A 1 250 PHE 250 251 251 PHE PHE A . n 
A 1 251 THR 251 252 252 THR THR A . n 
A 1 252 GLN 252 253 253 GLN GLN A . n 
A 1 253 VAL 253 254 254 VAL VAL A . n 
A 1 254 VAL 254 255 255 VAL VAL A . n 
A 1 255 TRP 255 256 256 TRP TRP A . n 
A 1 256 LYS 256 257 257 LYS LYS A . n 
A 1 257 SER 257 258 258 SER SER A . n 
A 1 258 THR 258 259 259 THR THR A . n 
A 1 259 THR 259 260 260 THR THR A . n 
A 1 260 GLN 260 261 261 GLN GLN A . n 
A 1 261 VAL 261 262 262 VAL VAL A . n 
A 1 262 GLY 262 263 263 GLY GLY A . n 
A 1 263 CYS 263 264 264 CYS CYS A . n 
A 1 264 GLY 264 265 265 GLY GLY A . n 
A 1 265 ILE 265 266 266 ILE ILE A . n 
A 1 266 LYS 266 267 267 LYS LYS A . n 
A 1 267 THR 267 268 268 THR THR A . n 
A 1 268 CYS 268 269 269 CYS CYS A . n 
A 1 269 GLY 269 270 270 GLY GLY A . n 
A 1 270 GLY 270 271 271 GLY GLY A . n 
A 1 271 ALA 271 272 272 ALA ALA A . n 
A 1 272 TRP 272 273 273 TRP TRP A . n 
A 1 273 GLY 273 274 274 GLY GLY A . n 
A 1 274 ASP 274 275 275 ASP ASP A . n 
A 1 275 TYR 275 276 276 TYR TYR A . n 
A 1 276 VAL 276 277 277 VAL VAL A . n 
A 1 277 ILE 277 278 278 ILE ILE A . n 
A 1 278 CYS 278 279 279 CYS CYS A . n 
A 1 279 SER 279 280 280 SER SER A . n 
A 1 280 TYR 280 281 281 TYR TYR A . n 
A 1 281 ASP 281 282 282 ASP ASP A . n 
A 1 282 PRO 282 283 283 PRO PRO A . n 
A 1 283 ALA 283 284 284 ALA ALA A . n 
A 1 284 GLY 284 285 285 GLY GLY A . n 
A 1 285 ASN 285 286 286 ASN ASN A . n 
A 1 286 TYR 286 287 287 TYR TYR A . n 
A 1 287 GLU 287 288 288 GLU GLU A . n 
A 1 288 GLY 288 289 289 GLY GLY A . n 
A 1 289 GLU 289 290 290 GLU GLU A . n 
A 1 290 TYR 290 291 291 TYR TYR A . n 
A 1 291 ALA 291 292 292 ALA ALA A . n 
A 1 292 ASP 292 293 293 ASP ASP A . n 
A 1 293 ASN 293 294 294 ASN ASN A . n 
A 1 294 VAL 294 295 295 VAL VAL A . n 
A 1 295 GLU 295 296 296 GLU GLU A . n 
A 1 296 PRO 296 297 297 PRO PRO A . n 
A 1 297 LEU 297 298 298 LEU LEU A . n 
A 1 298 ALA 298 299 299 ALA ALA A . n 
# 
loop_
_pdbx_nonpoly_scheme.asym_id 
_pdbx_nonpoly_scheme.entity_id 
_pdbx_nonpoly_scheme.mon_id 
_pdbx_nonpoly_scheme.ndb_seq_num 
_pdbx_nonpoly_scheme.pdb_seq_num 
_pdbx_nonpoly_scheme.auth_seq_num 
_pdbx_nonpoly_scheme.pdb_mon_id 
_pdbx_nonpoly_scheme.auth_mon_id 
_pdbx_nonpoly_scheme.pdb_strand_id 
_pdbx_nonpoly_scheme.pdb_ins_code 
B 2 MG  1   301 1   MG  MG  A . 
C 3 HOH 1   401 188 HOH HOH A . 
C 3 HOH 2   402 99  HOH HOH A . 
C 3 HOH 3   403 47  HOH HOH A . 
C 3 HOH 4   404 150 HOH HOH A . 
C 3 HOH 5   405 60  HOH HOH A . 
C 3 HOH 6   406 32  HOH HOH A . 
C 3 HOH 7   407 42  HOH HOH A . 
C 3 HOH 8   408 16  HOH HOH A . 
C 3 HOH 9   409 114 HOH HOH A . 
C 3 HOH 10  410 19  HOH HOH A . 
C 3 HOH 11  411 17  HOH HOH A . 
C 3 HOH 12  412 126 HOH HOH A . 
C 3 HOH 13  413 95  HOH HOH A . 
C 3 HOH 14  414 10  HOH HOH A . 
C 3 HOH 15  415 39  HOH HOH A . 
C 3 HOH 16  416 20  HOH HOH A . 
C 3 HOH 17  417 90  HOH HOH A . 
C 3 HOH 18  418 28  HOH HOH A . 
C 3 HOH 19  419 45  HOH HOH A . 
C 3 HOH 20  420 85  HOH HOH A . 
C 3 HOH 21  421 105 HOH HOH A . 
C 3 HOH 22  422 11  HOH HOH A . 
C 3 HOH 23  423 37  HOH HOH A . 
C 3 HOH 24  424 88  HOH HOH A . 
C 3 HOH 25  425 159 HOH HOH A . 
C 3 HOH 26  426 92  HOH HOH A . 
C 3 HOH 27  427 50  HOH HOH A . 
C 3 HOH 28  428 80  HOH HOH A . 
C 3 HOH 29  429 104 HOH HOH A . 
C 3 HOH 30  430 168 HOH HOH A . 
C 3 HOH 31  431 130 HOH HOH A . 
C 3 HOH 32  432 194 HOH HOH A . 
C 3 HOH 33  433 7   HOH HOH A . 
C 3 HOH 34  434 15  HOH HOH A . 
C 3 HOH 35  435 133 HOH HOH A . 
C 3 HOH 36  436 41  HOH HOH A . 
C 3 HOH 37  437 66  HOH HOH A . 
C 3 HOH 38  438 9   HOH HOH A . 
C 3 HOH 39  439 53  HOH HOH A . 
C 3 HOH 40  440 35  HOH HOH A . 
C 3 HOH 41  441 38  HOH HOH A . 
C 3 HOH 42  442 3   HOH HOH A . 
C 3 HOH 43  443 74  HOH HOH A . 
C 3 HOH 44  444 12  HOH HOH A . 
C 3 HOH 45  445 70  HOH HOH A . 
C 3 HOH 46  446 89  HOH HOH A . 
C 3 HOH 47  447 21  HOH HOH A . 
C 3 HOH 48  448 1   HOH HOH A . 
C 3 HOH 49  449 170 HOH HOH A . 
C 3 HOH 50  450 179 HOH HOH A . 
C 3 HOH 51  451 111 HOH HOH A . 
C 3 HOH 52  452 141 HOH HOH A . 
C 3 HOH 53  453 23  HOH HOH A . 
C 3 HOH 54  454 109 HOH HOH A . 
C 3 HOH 55  455 29  HOH HOH A . 
C 3 HOH 56  456 24  HOH HOH A . 
C 3 HOH 57  457 57  HOH HOH A . 
C 3 HOH 58  458 158 HOH HOH A . 
C 3 HOH 59  459 156 HOH HOH A . 
C 3 HOH 60  460 31  HOH HOH A . 
C 3 HOH 61  461 8   HOH HOH A . 
C 3 HOH 62  462 34  HOH HOH A . 
C 3 HOH 63  463 40  HOH HOH A . 
C 3 HOH 64  464 185 HOH HOH A . 
C 3 HOH 65  465 138 HOH HOH A . 
C 3 HOH 66  466 87  HOH HOH A . 
C 3 HOH 67  467 58  HOH HOH A . 
C 3 HOH 68  468 27  HOH HOH A . 
C 3 HOH 69  469 5   HOH HOH A . 
C 3 HOH 70  470 119 HOH HOH A . 
C 3 HOH 71  471 83  HOH HOH A . 
C 3 HOH 72  472 123 HOH HOH A . 
C 3 HOH 73  473 77  HOH HOH A . 
C 3 HOH 74  474 43  HOH HOH A . 
C 3 HOH 75  475 69  HOH HOH A . 
C 3 HOH 76  476 59  HOH HOH A . 
C 3 HOH 77  477 44  HOH HOH A . 
C 3 HOH 78  478 192 HOH HOH A . 
C 3 HOH 79  479 14  HOH HOH A . 
C 3 HOH 80  480 147 HOH HOH A . 
C 3 HOH 81  481 101 HOH HOH A . 
C 3 HOH 82  482 52  HOH HOH A . 
C 3 HOH 83  483 131 HOH HOH A . 
C 3 HOH 84  484 49  HOH HOH A . 
C 3 HOH 85  485 26  HOH HOH A . 
C 3 HOH 86  486 36  HOH HOH A . 
C 3 HOH 87  487 162 HOH HOH A . 
C 3 HOH 88  488 4   HOH HOH A . 
C 3 HOH 89  489 51  HOH HOH A . 
C 3 HOH 90  490 18  HOH HOH A . 
C 3 HOH 91  491 127 HOH HOH A . 
C 3 HOH 92  492 33  HOH HOH A . 
C 3 HOH 93  493 139 HOH HOH A . 
C 3 HOH 94  494 6   HOH HOH A . 
C 3 HOH 95  495 177 HOH HOH A . 
C 3 HOH 96  496 76  HOH HOH A . 
C 3 HOH 97  497 46  HOH HOH A . 
C 3 HOH 98  498 78  HOH HOH A . 
C 3 HOH 99  499 84  HOH HOH A . 
C 3 HOH 100 500 164 HOH HOH A . 
C 3 HOH 101 501 13  HOH HOH A . 
C 3 HOH 102 502 108 HOH HOH A . 
C 3 HOH 103 503 116 HOH HOH A . 
C 3 HOH 104 504 180 HOH HOH A . 
C 3 HOH 105 505 30  HOH HOH A . 
C 3 HOH 106 506 161 HOH HOH A . 
C 3 HOH 107 507 73  HOH HOH A . 
C 3 HOH 108 508 91  HOH HOH A . 
C 3 HOH 109 509 106 HOH HOH A . 
C 3 HOH 110 510 54  HOH HOH A . 
C 3 HOH 111 511 167 HOH HOH A . 
C 3 HOH 112 512 67  HOH HOH A . 
C 3 HOH 113 513 71  HOH HOH A . 
C 3 HOH 114 514 2   HOH HOH A . 
C 3 HOH 115 515 56  HOH HOH A . 
C 3 HOH 116 516 63  HOH HOH A . 
C 3 HOH 117 517 25  HOH HOH A . 
C 3 HOH 118 518 62  HOH HOH A . 
C 3 HOH 119 519 155 HOH HOH A . 
C 3 HOH 120 520 145 HOH HOH A . 
C 3 HOH 121 521 64  HOH HOH A . 
C 3 HOH 122 522 115 HOH HOH A . 
C 3 HOH 123 523 196 HOH HOH A . 
C 3 HOH 124 524 166 HOH HOH A . 
C 3 HOH 125 525 96  HOH HOH A . 
C 3 HOH 126 526 107 HOH HOH A . 
C 3 HOH 127 527 163 HOH HOH A . 
C 3 HOH 128 528 102 HOH HOH A . 
C 3 HOH 129 529 189 HOH HOH A . 
C 3 HOH 130 530 117 HOH HOH A . 
C 3 HOH 131 531 81  HOH HOH A . 
C 3 HOH 132 532 79  HOH HOH A . 
C 3 HOH 133 533 172 HOH HOH A . 
C 3 HOH 134 534 122 HOH HOH A . 
C 3 HOH 135 535 113 HOH HOH A . 
C 3 HOH 136 536 68  HOH HOH A . 
C 3 HOH 137 537 121 HOH HOH A . 
C 3 HOH 138 538 157 HOH HOH A . 
C 3 HOH 139 539 82  HOH HOH A . 
C 3 HOH 140 540 110 HOH HOH A . 
C 3 HOH 141 541 120 HOH HOH A . 
C 3 HOH 142 542 144 HOH HOH A . 
C 3 HOH 143 543 193 HOH HOH A . 
C 3 HOH 144 544 22  HOH HOH A . 
C 3 HOH 145 545 143 HOH HOH A . 
C 3 HOH 146 546 93  HOH HOH A . 
C 3 HOH 147 547 142 HOH HOH A . 
C 3 HOH 148 548 149 HOH HOH A . 
C 3 HOH 149 549 55  HOH HOH A . 
C 3 HOH 150 550 61  HOH HOH A . 
C 3 HOH 151 551 129 HOH HOH A . 
C 3 HOH 152 552 75  HOH HOH A . 
C 3 HOH 153 553 171 HOH HOH A . 
C 3 HOH 154 554 118 HOH HOH A . 
C 3 HOH 155 555 94  HOH HOH A . 
C 3 HOH 156 556 72  HOH HOH A . 
C 3 HOH 157 557 100 HOH HOH A . 
C 3 HOH 158 558 132 HOH HOH A . 
C 3 HOH 159 559 103 HOH HOH A . 
C 3 HOH 160 560 176 HOH HOH A . 
C 3 HOH 161 561 65  HOH HOH A . 
C 3 HOH 162 562 165 HOH HOH A . 
C 3 HOH 163 563 112 HOH HOH A . 
C 3 HOH 164 564 48  HOH HOH A . 
C 3 HOH 165 565 86  HOH HOH A . 
C 3 HOH 166 566 97  HOH HOH A . 
C 3 HOH 167 567 191 HOH HOH A . 
C 3 HOH 168 568 98  HOH HOH A . 
C 3 HOH 169 569 151 HOH HOH A . 
C 3 HOH 170 570 184 HOH HOH A . 
C 3 HOH 171 571 135 HOH HOH A . 
C 3 HOH 172 572 160 HOH HOH A . 
C 3 HOH 173 573 183 HOH HOH A . 
C 3 HOH 174 574 182 HOH HOH A . 
C 3 HOH 175 575 195 HOH HOH A . 
C 3 HOH 176 576 146 HOH HOH A . 
C 3 HOH 177 577 136 HOH HOH A . 
C 3 HOH 178 578 153 HOH HOH A . 
C 3 HOH 179 579 124 HOH HOH A . 
C 3 HOH 180 580 174 HOH HOH A . 
C 3 HOH 181 581 173 HOH HOH A . 
C 3 HOH 182 582 125 HOH HOH A . 
C 3 HOH 183 583 190 HOH HOH A . 
C 3 HOH 184 584 137 HOH HOH A . 
C 3 HOH 185 585 128 HOH HOH A . 
C 3 HOH 186 586 140 HOH HOH A . 
C 3 HOH 187 587 178 HOH HOH A . 
C 3 HOH 188 588 148 HOH HOH A . 
C 3 HOH 189 589 181 HOH HOH A . 
C 3 HOH 190 590 134 HOH HOH A . 
C 3 HOH 191 591 169 HOH HOH A . 
C 3 HOH 192 592 175 HOH HOH A . 
C 3 HOH 193 593 154 HOH HOH A . 
C 3 HOH 194 594 152 HOH HOH A . 
C 3 HOH 195 595 186 HOH HOH A . 
C 3 HOH 196 596 187 HOH HOH A . 
# 
loop_
_software.citation_id 
_software.classification 
_software.compiler_name 
_software.compiler_version 
_software.contact_author 
_software.contact_author_email 
_software.date 
_software.description 
_software.dependencies 
_software.hardware 
_software.language 
_software.location 
_software.mods 
_software.name 
_software.os 
_software.os_version 
_software.type 
_software.version 
_software.pdbx_ordinal 
? refinement       ? ? ? ? ? ? ? ? ? ? ? PHENIX ? ? ? '(dev_2405)' 1 
? 'data reduction' ? ? ? ? ? ? ? ? ? ? ? MOSFLM ? ? ? .            2 
? 'data scaling'   ? ? ? ? ? ? ? ? ? ? ? SCALA  ? ? ? .            3 
? phasing          ? ? ? ? ? ? ? ? ? ? ? PHASES ? ? ? .            4 
# 
_cell.angle_alpha                  90.00 
_cell.angle_alpha_esd              ? 
_cell.angle_beta                   90.00 
_cell.angle_beta_esd               ? 
_cell.angle_gamma                  90.00 
_cell.angle_gamma_esd              ? 
_cell.entry_id                     5JYS 
_cell.details                      ? 
_cell.formula_units_Z              ? 
_cell.length_a                     69.105 
_cell.length_a_esd                 ? 
_cell.length_b                     69.105 
_cell.length_b_esd                 ? 
_cell.length_c                     97.730 
_cell.length_c_esd                 ? 
_cell.volume                       ? 
_cell.volume_esd                   ? 
_cell.Z_PDB                        8 
_cell.reciprocal_angle_alpha       ? 
_cell.reciprocal_angle_beta        ? 
_cell.reciprocal_angle_gamma       ? 
_cell.reciprocal_angle_alpha_esd   ? 
_cell.reciprocal_angle_beta_esd    ? 
_cell.reciprocal_angle_gamma_esd   ? 
_cell.reciprocal_length_a          ? 
_cell.reciprocal_length_b          ? 
_cell.reciprocal_length_c          ? 
_cell.reciprocal_length_a_esd      ? 
_cell.reciprocal_length_b_esd      ? 
_cell.reciprocal_length_c_esd      ? 
_cell.pdbx_unique_axis             ? 
# 
_symmetry.entry_id                         5JYS 
_symmetry.cell_setting                     ? 
_symmetry.Int_Tables_number                80 
_symmetry.space_group_name_Hall            ? 
_symmetry.space_group_name_H-M             'I 41' 
_symmetry.pdbx_full_space_group_name_H-M   ? 
# 
_exptl.absorpt_coefficient_mu     ? 
_exptl.absorpt_correction_T_max   ? 
_exptl.absorpt_correction_T_min   ? 
_exptl.absorpt_correction_type    ? 
_exptl.absorpt_process_details    ? 
_exptl.entry_id                   5JYS 
_exptl.crystals_number            1 
_exptl.details                    ? 
_exptl.method                     'X-RAY DIFFRACTION' 
_exptl.method_details             ? 
# 
_exptl_crystal.colour                      ? 
_exptl_crystal.density_diffrn              ? 
_exptl_crystal.density_Matthews            1.91 
_exptl_crystal.density_method              ? 
_exptl_crystal.density_percent_sol         35.65 
_exptl_crystal.description                 ? 
_exptl_crystal.F_000                       ? 
_exptl_crystal.id                          1 
_exptl_crystal.preparation                 ? 
_exptl_crystal.size_max                    ? 
_exptl_crystal.size_mid                    ? 
_exptl_crystal.size_min                    ? 
_exptl_crystal.size_rad                    ? 
_exptl_crystal.colour_lustre               ? 
_exptl_crystal.colour_modifier             ? 
_exptl_crystal.colour_primary              ? 
_exptl_crystal.density_meas                ? 
_exptl_crystal.density_meas_esd            ? 
_exptl_crystal.density_meas_gt             ? 
_exptl_crystal.density_meas_lt             ? 
_exptl_crystal.density_meas_temp           ? 
_exptl_crystal.density_meas_temp_esd       ? 
_exptl_crystal.density_meas_temp_gt        ? 
_exptl_crystal.density_meas_temp_lt        ? 
_exptl_crystal.pdbx_crystal_image_url      ? 
_exptl_crystal.pdbx_crystal_image_format   ? 
_exptl_crystal.pdbx_mosaicity              ? 
_exptl_crystal.pdbx_mosaicity_esd          ? 
# 
_exptl_crystal_grow.apparatus       ? 
_exptl_crystal_grow.atmosphere      ? 
_exptl_crystal_grow.crystal_id      1 
_exptl_crystal_grow.details         ? 
_exptl_crystal_grow.method          'VAPOR DIFFUSION, SITTING DROP' 
_exptl_crystal_grow.method_ref      ? 
_exptl_crystal_grow.pH              8.5 
_exptl_crystal_grow.pressure        ? 
_exptl_crystal_grow.pressure_esd    ? 
_exptl_crystal_grow.seeding         ? 
_exptl_crystal_grow.seeding_ref     ? 
_exptl_crystal_grow.temp            298 
_exptl_crystal_grow.temp_details    ? 
_exptl_crystal_grow.temp_esd        ? 
_exptl_crystal_grow.time            ? 
_exptl_crystal_grow.pdbx_details    '100mM Tris pH 8.5, 0.2M Magnesium chloride' 
_exptl_crystal_grow.pdbx_pH_range   ? 
# 
_diffrn.ambient_environment    ? 
_diffrn.ambient_temp           100 
_diffrn.ambient_temp_details   ? 
_diffrn.ambient_temp_esd       ? 
_diffrn.crystal_id             1 
_diffrn.crystal_support        ? 
_diffrn.crystal_treatment      ? 
_diffrn.details                ? 
_diffrn.id                     1 
_diffrn.ambient_pressure       ? 
_diffrn.ambient_pressure_esd   ? 
_diffrn.ambient_pressure_gt    ? 
_diffrn.ambient_pressure_lt    ? 
_diffrn.ambient_temp_gt        ? 
_diffrn.ambient_temp_lt        ? 
# 
_diffrn_detector.details                      ? 
_diffrn_detector.detector                     'IMAGE PLATE' 
_diffrn_detector.diffrn_id                    1 
_diffrn_detector.type                         RIGAKU 
_diffrn_detector.area_resol_mean              ? 
_diffrn_detector.dtime                        ? 
_diffrn_detector.pdbx_frames_total            ? 
_diffrn_detector.pdbx_collection_time_total   ? 
_diffrn_detector.pdbx_collection_date         2015-11-25 
# 
_diffrn_radiation.collimation                      ? 
_diffrn_radiation.diffrn_id                        1 
_diffrn_radiation.filter_edge                      ? 
_diffrn_radiation.inhomogeneity                    ? 
_diffrn_radiation.monochromator                    ? 
_diffrn_radiation.polarisn_norm                    ? 
_diffrn_radiation.polarisn_ratio                   ? 
_diffrn_radiation.probe                            ? 
_diffrn_radiation.type                             ? 
_diffrn_radiation.xray_symbol                      ? 
_diffrn_radiation.wavelength_id                    1 
_diffrn_radiation.pdbx_monochromatic_or_laue_m_l   M 
_diffrn_radiation.pdbx_wavelength_list             ? 
_diffrn_radiation.pdbx_wavelength                  ? 
_diffrn_radiation.pdbx_diffrn_protocol             'SINGLE WAVELENGTH' 
_diffrn_radiation.pdbx_analyzer                    ? 
_diffrn_radiation.pdbx_scattering_type             x-ray 
# 
_diffrn_radiation_wavelength.id           1 
_diffrn_radiation_wavelength.wavelength   1.514 
_diffrn_radiation_wavelength.wt           1.0 
# 
_diffrn_source.current                     ? 
_diffrn_source.details                     ? 
_diffrn_source.diffrn_id                   1 
_diffrn_source.power                       ? 
_diffrn_source.size                        ? 
_diffrn_source.source                      'ROTATING ANODE' 
_diffrn_source.target                      ? 
_diffrn_source.type                        'RIGAKU FR-E+ SUPERBRIGHT' 
_diffrn_source.voltage                     ? 
_diffrn_source.take-off_angle              ? 
_diffrn_source.pdbx_wavelength_list        1.514 
_diffrn_source.pdbx_wavelength             ? 
_diffrn_source.pdbx_synchrotron_beamline   ? 
_diffrn_source.pdbx_synchrotron_site       ? 
# 
_reflns.B_iso_Wilson_estimate            ? 
_reflns.entry_id                         5JYS 
_reflns.data_reduction_details           ? 
_reflns.data_reduction_method            ? 
_reflns.d_resolution_high                1.89 
_reflns.d_resolution_low                 34.553 
_reflns.details                          ? 
_reflns.limit_h_max                      ? 
_reflns.limit_h_min                      ? 
_reflns.limit_k_max                      ? 
_reflns.limit_k_min                      ? 
_reflns.limit_l_max                      ? 
_reflns.limit_l_min                      ? 
_reflns.number_all                       ? 
_reflns.number_obs                       18355 
_reflns.observed_criterion               ? 
_reflns.observed_criterion_F_max         ? 
_reflns.observed_criterion_F_min         ? 
_reflns.observed_criterion_I_max         ? 
_reflns.observed_criterion_I_min         ? 
_reflns.observed_criterion_sigma_F       ? 
_reflns.observed_criterion_sigma_I       ? 
_reflns.percent_possible_obs             100 
_reflns.R_free_details                   ? 
_reflns.Rmerge_F_all                     ? 
_reflns.Rmerge_F_obs                     ? 
_reflns.Friedel_coverage                 ? 
_reflns.number_gt                        ? 
_reflns.threshold_expression             ? 
_reflns.pdbx_redundancy                  3.6 
_reflns.pdbx_Rmerge_I_obs                0.082 
_reflns.pdbx_Rmerge_I_all                ? 
_reflns.pdbx_Rsym_value                  0.081 
_reflns.pdbx_netI_over_av_sigmaI         ? 
_reflns.pdbx_netI_over_sigmaI            9.4 
_reflns.pdbx_res_netI_over_av_sigmaI_2   ? 
_reflns.pdbx_res_netI_over_sigmaI_2      ? 
_reflns.pdbx_chi_squared                 ? 
_reflns.pdbx_scaling_rejects             ? 
_reflns.pdbx_d_res_high_opt              ? 
_reflns.pdbx_d_res_low_opt               ? 
_reflns.pdbx_d_res_opt_method            ? 
_reflns.phase_calculation_details        ? 
_reflns.pdbx_Rrim_I_all                  ? 
_reflns.pdbx_Rpim_I_all                  ? 
_reflns.pdbx_d_opt                       ? 
_reflns.pdbx_number_measured_all         ? 
_reflns.pdbx_diffrn_id                   1 
_reflns.pdbx_ordinal                     1 
_reflns.pdbx_CC_half                     ? 
_reflns.pdbx_R_split                     ? 
# 
_reflns_shell.d_res_high                  1.89 
_reflns_shell.d_res_low                   1.99 
_reflns_shell.meanI_over_sigI_all         ? 
_reflns_shell.meanI_over_sigI_obs         2.3 
_reflns_shell.number_measured_all         ? 
_reflns_shell.number_measured_obs         ? 
_reflns_shell.number_possible             ? 
_reflns_shell.number_unique_all           ? 
_reflns_shell.number_unique_obs           ? 
_reflns_shell.percent_possible_all        100 
_reflns_shell.percent_possible_obs        ? 
_reflns_shell.Rmerge_F_all                ? 
_reflns_shell.Rmerge_F_obs                ? 
_reflns_shell.Rmerge_I_all                ? 
_reflns_shell.Rmerge_I_obs                0.428 
_reflns_shell.meanI_over_sigI_gt          ? 
_reflns_shell.meanI_over_uI_all           ? 
_reflns_shell.meanI_over_uI_gt            ? 
_reflns_shell.number_measured_gt          ? 
_reflns_shell.number_unique_gt            ? 
_reflns_shell.percent_possible_gt         ? 
_reflns_shell.Rmerge_F_gt                 ? 
_reflns_shell.Rmerge_I_gt                 ? 
_reflns_shell.pdbx_redundancy             3.2 
_reflns_shell.pdbx_Rsym_value             ? 
_reflns_shell.pdbx_chi_squared            ? 
_reflns_shell.pdbx_netI_over_sigmaI_all   ? 
_reflns_shell.pdbx_netI_over_sigmaI_obs   ? 
_reflns_shell.pdbx_Rrim_I_all             ? 
_reflns_shell.pdbx_Rpim_I_all             ? 
_reflns_shell.pdbx_rejects                ? 
_reflns_shell.pdbx_ordinal                1 
_reflns_shell.pdbx_diffrn_id              1 
_reflns_shell.pdbx_CC_half                ? 
_reflns_shell.pdbx_R_split                ? 
# 
_refine.aniso_B[1][1]                            ? 
_refine.aniso_B[1][2]                            ? 
_refine.aniso_B[1][3]                            ? 
_refine.aniso_B[2][2]                            ? 
_refine.aniso_B[2][3]                            ? 
_refine.aniso_B[3][3]                            ? 
_refine.B_iso_max                                ? 
_refine.B_iso_mean                               ? 
_refine.B_iso_min                                ? 
_refine.correlation_coeff_Fo_to_Fc               ? 
_refine.correlation_coeff_Fo_to_Fc_free          ? 
_refine.details                                  ? 
_refine.diff_density_max                         ? 
_refine.diff_density_max_esd                     ? 
_refine.diff_density_min                         ? 
_refine.diff_density_min_esd                     ? 
_refine.diff_density_rms                         ? 
_refine.diff_density_rms_esd                     ? 
_refine.entry_id                                 5JYS 
_refine.pdbx_refine_id                           'X-RAY DIFFRACTION' 
_refine.ls_abs_structure_details                 ? 
_refine.ls_abs_structure_Flack                   ? 
_refine.ls_abs_structure_Flack_esd               ? 
_refine.ls_abs_structure_Rogers                  ? 
_refine.ls_abs_structure_Rogers_esd              ? 
_refine.ls_d_res_high                            1.901 
_refine.ls_d_res_low                             34.553 
_refine.ls_extinction_coef                       ? 
_refine.ls_extinction_coef_esd                   ? 
_refine.ls_extinction_expression                 ? 
_refine.ls_extinction_method                     ? 
_refine.ls_goodness_of_fit_all                   ? 
_refine.ls_goodness_of_fit_all_esd               ? 
_refine.ls_goodness_of_fit_obs                   ? 
_refine.ls_goodness_of_fit_obs_esd               ? 
_refine.ls_hydrogen_treatment                    ? 
_refine.ls_matrix_type                           ? 
_refine.ls_number_constraints                    ? 
_refine.ls_number_parameters                     ? 
_refine.ls_number_reflns_all                     ? 
_refine.ls_number_reflns_obs                     18061 
_refine.ls_number_reflns_R_free                  961 
_refine.ls_number_reflns_R_work                  ? 
_refine.ls_number_restraints                     ? 
_refine.ls_percent_reflns_obs                    99.95 
_refine.ls_percent_reflns_R_free                 5.32 
_refine.ls_R_factor_all                          ? 
_refine.ls_R_factor_obs                          0.1985 
_refine.ls_R_factor_R_free                       0.2083 
_refine.ls_R_factor_R_free_error                 ? 
_refine.ls_R_factor_R_free_error_details         ? 
_refine.ls_R_factor_R_work                       0.1980 
_refine.ls_R_Fsqd_factor_obs                     ? 
_refine.ls_R_I_factor_obs                        ? 
_refine.ls_redundancy_reflns_all                 ? 
_refine.ls_redundancy_reflns_obs                 ? 
_refine.ls_restrained_S_all                      ? 
_refine.ls_restrained_S_obs                      ? 
_refine.ls_shift_over_esd_max                    ? 
_refine.ls_shift_over_esd_mean                   ? 
_refine.ls_structure_factor_coef                 ? 
_refine.ls_weighting_details                     ? 
_refine.ls_weighting_scheme                      ? 
_refine.ls_wR_factor_all                         ? 
_refine.ls_wR_factor_obs                         ? 
_refine.ls_wR_factor_R_free                      ? 
_refine.ls_wR_factor_R_work                      ? 
_refine.occupancy_max                            ? 
_refine.occupancy_min                            ? 
_refine.solvent_model_details                    ? 
_refine.solvent_model_param_bsol                 ? 
_refine.solvent_model_param_ksol                 ? 
_refine.ls_R_factor_gt                           ? 
_refine.ls_goodness_of_fit_gt                    ? 
_refine.ls_goodness_of_fit_ref                   ? 
_refine.ls_shift_over_su_max                     ? 
_refine.ls_shift_over_su_max_lt                  ? 
_refine.ls_shift_over_su_mean                    ? 
_refine.ls_shift_over_su_mean_lt                 ? 
_refine.pdbx_ls_sigma_I                          ? 
_refine.pdbx_ls_sigma_F                          0.00 
_refine.pdbx_ls_sigma_Fsqd                       ? 
_refine.pdbx_data_cutoff_high_absF               ? 
_refine.pdbx_data_cutoff_high_rms_absF           ? 
_refine.pdbx_data_cutoff_low_absF                ? 
_refine.pdbx_isotropic_thermal_model             ? 
_refine.pdbx_ls_cross_valid_method               'FREE R-VALUE' 
_refine.pdbx_method_to_determine_struct          'MOLECULAR REPLACEMENT' 
_refine.pdbx_starting_model                      5ETE 
_refine.pdbx_stereochemistry_target_values       ? 
_refine.pdbx_R_Free_selection_details            'RANDOM SELECTION' 
_refine.pdbx_stereochem_target_val_spec_case     ? 
_refine.pdbx_overall_ESU_R                       ? 
_refine.pdbx_overall_ESU_R_Free                  ? 
_refine.pdbx_solvent_vdw_probe_radii             1.11 
_refine.pdbx_solvent_ion_probe_radii             ? 
_refine.pdbx_solvent_shrinkage_radii             0.90 
_refine.pdbx_real_space_R                        ? 
_refine.pdbx_density_correlation                 ? 
_refine.pdbx_pd_number_of_powder_patterns        ? 
_refine.pdbx_pd_number_of_points                 ? 
_refine.pdbx_pd_meas_number_of_points            ? 
_refine.pdbx_pd_proc_ls_prof_R_factor            ? 
_refine.pdbx_pd_proc_ls_prof_wR_factor           ? 
_refine.pdbx_pd_Marquardt_correlation_coeff      ? 
_refine.pdbx_pd_Fsqrd_R_factor                   ? 
_refine.pdbx_pd_ls_matrix_band_width             ? 
_refine.pdbx_overall_phase_error                 19.82 
_refine.pdbx_overall_SU_R_free_Cruickshank_DPI   ? 
_refine.pdbx_overall_SU_R_free_Blow_DPI          ? 
_refine.pdbx_overall_SU_R_Blow_DPI               ? 
_refine.pdbx_TLS_residual_ADP_flag               ? 
_refine.pdbx_diffrn_id                           1 
_refine.overall_SU_B                             ? 
_refine.overall_SU_ML                            0.17 
_refine.overall_SU_R_Cruickshank_DPI             ? 
_refine.overall_SU_R_free                        ? 
_refine.overall_FOM_free_R_set                   ? 
_refine.overall_FOM_work_R_set                   ? 
_refine.pdbx_average_fsc_overall                 ? 
_refine.pdbx_average_fsc_work                    ? 
_refine.pdbx_average_fsc_free                    ? 
# 
_refine_hist.pdbx_refine_id                   'X-RAY DIFFRACTION' 
_refine_hist.cycle_id                         LAST 
_refine_hist.pdbx_number_atoms_protein        1071 
_refine_hist.pdbx_number_atoms_nucleic_acid   0 
_refine_hist.pdbx_number_atoms_ligand         1 
_refine_hist.number_atoms_solvent             196 
_refine_hist.number_atoms_total               1268 
_refine_hist.d_res_high                       1.901 
_refine_hist.d_res_low                        34.553 
# 
loop_
_refine_ls_restr.pdbx_refine_id 
_refine_ls_restr.criterion 
_refine_ls_restr.dev_ideal 
_refine_ls_restr.dev_ideal_target 
_refine_ls_restr.number 
_refine_ls_restr.rejects 
_refine_ls_restr.type 
_refine_ls_restr.weight 
_refine_ls_restr.pdbx_restraint_function 
'X-RAY DIFFRACTION' ? 0.003  ? 1105 ? f_bond_d           ? ? 
'X-RAY DIFFRACTION' ? 0.533  ? 1513 ? f_angle_d          ? ? 
'X-RAY DIFFRACTION' ? 13.806 ? 626  ? f_dihedral_angle_d ? ? 
'X-RAY DIFFRACTION' ? 0.039  ? 154  ? f_chiral_restr     ? ? 
'X-RAY DIFFRACTION' ? 0.004  ? 201  ? f_plane_restr      ? ? 
# 
loop_
_refine_ls_shell.pdbx_refine_id 
_refine_ls_shell.d_res_high 
_refine_ls_shell.d_res_low 
_refine_ls_shell.number_reflns_all 
_refine_ls_shell.number_reflns_obs 
_refine_ls_shell.number_reflns_R_free 
_refine_ls_shell.number_reflns_R_work 
_refine_ls_shell.percent_reflns_obs 
_refine_ls_shell.percent_reflns_R_free 
_refine_ls_shell.R_factor_all 
_refine_ls_shell.R_factor_obs 
_refine_ls_shell.R_factor_R_free 
_refine_ls_shell.R_factor_R_free_error 
_refine_ls_shell.R_factor_R_work 
_refine_ls_shell.redundancy_reflns_all 
_refine_ls_shell.redundancy_reflns_obs 
_refine_ls_shell.wR_factor_all 
_refine_ls_shell.wR_factor_obs 
_refine_ls_shell.wR_factor_R_free 
_refine_ls_shell.wR_factor_R_work 
_refine_ls_shell.pdbx_total_number_of_bins_used 
_refine_ls_shell.pdbx_phase_error 
_refine_ls_shell.pdbx_fsc_work 
_refine_ls_shell.pdbx_fsc_free 
'X-RAY DIFFRACTION' 1.901  2.0008 . . 131 2432 100.00 5 . . 0.1913 . 0.1755 . . . . . . . . . . 
'X-RAY DIFFRACTION' 2.0008 2.1261 . . 101 2499 100.00 . . . 0.1770 . 0.1774 . . . . . . . . . . 
'X-RAY DIFFRACTION' 2.1261 2.2903 . . 124 2422 100.00 . . . 0.2008 . 0.1949 . . . . . . . . . . 
'X-RAY DIFFRACTION' 2.2903 2.5207 . . 174 2396 100.00 . . . 0.2317 . 0.2063 . . . . . . . . . . 
'X-RAY DIFFRACTION' 2.5207 2.8853 . . 149 2429 100.00 . . . 0.2232 . 0.2093 . . . . . . . . . . 
'X-RAY DIFFRACTION' 2.8853 3.6345 . . 156 2452 100.00 . . . 0.2075 . 0.1969 . . . . . . . . . . 
'X-RAY DIFFRACTION' 3.6345 34.553 . . 126 2470 100.00 . . . 0.1995 . 0.1993 . . . . . . . . . . 
# 
_struct.entry_id                     5JYS 
_struct.title                        'Pry1 CAP domain' 
_struct.pdbx_model_details           ? 
_struct.pdbx_formula_weight          ? 
_struct.pdbx_formula_weight_method   ? 
_struct.pdbx_model_type_details      ? 
_struct.pdbx_CASP_flag               N 
# 
_struct_keywords.entry_id        5JYS 
_struct_keywords.text            'CAP protein, TRANSPORT PROTEIN' 
_struct_keywords.pdbx_keywords   'TRANSPORT PROTEIN' 
# 
loop_
_struct_asym.id 
_struct_asym.pdbx_blank_PDB_chainid_flag 
_struct_asym.pdbx_modified 
_struct_asym.entity_id 
_struct_asym.details 
A N N 1 ? 
B N N 2 ? 
C N N 3 ? 
# 
_struct_ref.id                         1 
_struct_ref.db_name                    UNP 
_struct_ref.db_code                    PRY1_YEAST 
_struct_ref.pdbx_db_accession          P47032 
_struct_ref.pdbx_db_isoform            ? 
_struct_ref.entity_id                  1 
_struct_ref.pdbx_seq_one_letter_code   
;KLSKLSILTSALATSALAAPAVVTVTEHAHEAAVVTVQGVVYVENGQTRTTYETLAPASTATPTSTATALVAPPVAPSSA
SSNSDVVLSALKNLASVWGKTTDSTTTLTSSESTSQSLAQATTTSTPAAASTTSTPAATTTTSQAAATSSASSSDSDLSD
FASSVLAEHNKKRALHKDTPALSWSDTLASYAQDYADNYDCSGTLTHSGGPYGENLALGYDGPAAVDAWYNEISNYDFSN
PGFSSNTGHFTQVVWKSTTQVGCGIKTCGGAWGDYVICSYDPAGNYEGEYADNVEPLA
;
_struct_ref.pdbx_align_begin           2 
# 
_struct_ref_seq.align_id                      1 
_struct_ref_seq.ref_id                        1 
_struct_ref_seq.pdbx_PDB_id_code              5JYS 
_struct_ref_seq.pdbx_strand_id                A 
_struct_ref_seq.seq_align_beg                 1 
_struct_ref_seq.pdbx_seq_align_beg_ins_code   ? 
_struct_ref_seq.seq_align_end                 298 
_struct_ref_seq.pdbx_seq_align_end_ins_code   ? 
_struct_ref_seq.pdbx_db_accession             P47032 
_struct_ref_seq.db_align_beg                  2 
_struct_ref_seq.pdbx_db_align_beg_ins_code    ? 
_struct_ref_seq.db_align_end                  299 
_struct_ref_seq.pdbx_db_align_end_ins_code    ? 
_struct_ref_seq.pdbx_auth_seq_align_beg       2 
_struct_ref_seq.pdbx_auth_seq_align_end       299 
# 
_pdbx_struct_assembly.id                   1 
_pdbx_struct_assembly.details              software_defined_assembly 
_pdbx_struct_assembly.method_details       PISA 
_pdbx_struct_assembly.oligomeric_details   monomeric 
_pdbx_struct_assembly.oligomeric_count     1 
# 
_pdbx_struct_assembly_gen.assembly_id       1 
_pdbx_struct_assembly_gen.oper_expression   1 
_pdbx_struct_assembly_gen.asym_id_list      A,B,C 
# 
_pdbx_struct_oper_list.id                   1 
_pdbx_struct_oper_list.type                 'identity operation' 
_pdbx_struct_oper_list.name                 1_555 
_pdbx_struct_oper_list.symmetry_operation   x,y,z 
_pdbx_struct_oper_list.matrix[1][1]         1.0000000000 
_pdbx_struct_oper_list.matrix[1][2]         0.0000000000 
_pdbx_struct_oper_list.matrix[1][3]         0.0000000000 
_pdbx_struct_oper_list.vector[1]            0.0000000000 
_pdbx_struct_oper_list.matrix[2][1]         0.0000000000 
_pdbx_struct_oper_list.matrix[2][2]         1.0000000000 
_pdbx_struct_oper_list.matrix[2][3]         0.0000000000 
_pdbx_struct_oper_list.vector[2]            0.0000000000 
_pdbx_struct_oper_list.matrix[3][1]         0.0000000000 
_pdbx_struct_oper_list.matrix[3][2]         0.0000000000 
_pdbx_struct_oper_list.matrix[3][3]         1.0000000000 
_pdbx_struct_oper_list.vector[3]            0.0000000000 
# 
_struct_biol.id        1 
_struct_biol.details   'Dimer determined by Gel-filtration' 
# 
loop_
_struct_conf.conf_type_id 
_struct_conf.id 
_struct_conf.pdbx_PDB_helix_id 
_struct_conf.beg_label_comp_id 
_struct_conf.beg_label_asym_id 
_struct_conf.beg_label_seq_id 
_struct_conf.pdbx_beg_PDB_ins_code 
_struct_conf.end_label_comp_id 
_struct_conf.end_label_asym_id 
_struct_conf.end_label_seq_id 
_struct_conf.pdbx_end_PDB_ins_code 
_struct_conf.beg_auth_comp_id 
_struct_conf.beg_auth_asym_id 
_struct_conf.beg_auth_seq_id 
_struct_conf.end_auth_comp_id 
_struct_conf.end_auth_asym_id 
_struct_conf.end_auth_seq_id 
_struct_conf.pdbx_PDB_helix_class 
_struct_conf.details 
_struct_conf.pdbx_PDB_helix_length 
HELX_P HELX_P1 AA1 SER A 159 ? ALA A 174 ? SER A 160 ALA A 175 1 ? 16 
HELX_P HELX_P2 AA2 SER A 185 ? ASN A 198 ? SER A 186 ASN A 199 1 ? 14 
HELX_P HELX_P3 AA3 ASP A 221 ? ASN A 231 ? ASP A 222 ASN A 232 1 ? 11 
HELX_P HELX_P4 AA4 GLU A 232 ? TYR A 236 ? GLU A 233 TYR A 237 5 ? 5  
HELX_P HELX_P5 AA5 THR A 247 ? VAL A 254 ? THR A 248 VAL A 255 1 ? 8  
HELX_P HELX_P6 AA6 GLU A 289 ? VAL A 294 ? GLU A 290 VAL A 295 1 ? 6  
# 
_struct_conf_type.id          HELX_P 
_struct_conf_type.criteria    ? 
_struct_conf_type.reference   ? 
# 
loop_
_struct_conn.id 
_struct_conn.conn_type_id 
_struct_conn.pdbx_leaving_atom_flag 
_struct_conn.pdbx_PDB_id 
_struct_conn.ptnr1_label_asym_id 
_struct_conn.ptnr1_label_comp_id 
_struct_conn.ptnr1_label_seq_id 
_struct_conn.ptnr1_label_atom_id 
_struct_conn.pdbx_ptnr1_label_alt_id 
_struct_conn.pdbx_ptnr1_PDB_ins_code 
_struct_conn.pdbx_ptnr1_standard_comp_id 
_struct_conn.ptnr1_symmetry 
_struct_conn.ptnr2_label_asym_id 
_struct_conn.ptnr2_label_comp_id 
_struct_conn.ptnr2_label_seq_id 
_struct_conn.ptnr2_label_atom_id 
_struct_conn.pdbx_ptnr2_label_alt_id 
_struct_conn.pdbx_ptnr2_PDB_ins_code 
_struct_conn.ptnr1_auth_asym_id 
_struct_conn.ptnr1_auth_comp_id 
_struct_conn.ptnr1_auth_seq_id 
_struct_conn.ptnr2_auth_asym_id 
_struct_conn.ptnr2_auth_comp_id 
_struct_conn.ptnr2_auth_seq_id 
_struct_conn.ptnr2_symmetry 
_struct_conn.pdbx_ptnr3_label_atom_id 
_struct_conn.pdbx_ptnr3_label_seq_id 
_struct_conn.pdbx_ptnr3_label_comp_id 
_struct_conn.pdbx_ptnr3_label_asym_id 
_struct_conn.pdbx_ptnr3_label_alt_id 
_struct_conn.pdbx_ptnr3_PDB_ins_code 
_struct_conn.details 
_struct_conn.pdbx_dist_value 
_struct_conn.pdbx_value_order 
_struct_conn.pdbx_role 
disulf1 disulf ? ? A CYS 201 SG ? ? ? 1_555 A CYS 268 SG ? ? A CYS 202 A CYS 269 1_555 ? ? ? ? ? ? ? 2.038 ? ? 
disulf2 disulf ? ? A CYS 263 SG ? ? ? 1_555 A CYS 278 SG ? ? A CYS 264 A CYS 279 1_555 ? ? ? ? ? ? ? 2.037 ? ? 
# 
_struct_conn_type.id          disulf 
_struct_conn_type.criteria    ? 
_struct_conn_type.reference   ? 
# 
loop_
_pdbx_modification_feature.ordinal 
_pdbx_modification_feature.label_comp_id 
_pdbx_modification_feature.label_asym_id 
_pdbx_modification_feature.label_seq_id 
_pdbx_modification_feature.label_alt_id 
_pdbx_modification_feature.modified_residue_label_comp_id 
_pdbx_modification_feature.modified_residue_label_asym_id 
_pdbx_modification_feature.modified_residue_label_seq_id 
_pdbx_modification_feature.modified_residue_label_alt_id 
_pdbx_modification_feature.auth_comp_id 
_pdbx_modification_feature.auth_asym_id 
_pdbx_modification_feature.auth_seq_id 
_pdbx_modification_feature.PDB_ins_code 
_pdbx_modification_feature.symmetry 
_pdbx_modification_feature.modified_residue_auth_comp_id 
_pdbx_modification_feature.modified_residue_auth_asym_id 
_pdbx_modification_feature.modified_residue_auth_seq_id 
_pdbx_modification_feature.modified_residue_PDB_ins_code 
_pdbx_modification_feature.modified_residue_symmetry 
_pdbx_modification_feature.comp_id_linking_atom 
_pdbx_modification_feature.modified_residue_id_linking_atom 
_pdbx_modification_feature.modified_residue_id 
_pdbx_modification_feature.ref_pcm_id 
_pdbx_modification_feature.ref_comp_id 
_pdbx_modification_feature.type 
_pdbx_modification_feature.category 
1 CYS A 201 ? CYS A 268 ? CYS A 202 ? 1_555 CYS A 269 ? 1_555 SG SG . . . None 'Disulfide bridge' 
2 CYS A 263 ? CYS A 278 ? CYS A 264 ? 1_555 CYS A 279 ? 1_555 SG SG . . . None 'Disulfide bridge' 
# 
_struct_mon_prot_cis.pdbx_id                1 
_struct_mon_prot_cis.label_comp_id          ASP 
_struct_mon_prot_cis.label_seq_id           281 
_struct_mon_prot_cis.label_asym_id          A 
_struct_mon_prot_cis.label_alt_id           . 
_struct_mon_prot_cis.pdbx_PDB_ins_code      ? 
_struct_mon_prot_cis.auth_comp_id           ASP 
_struct_mon_prot_cis.auth_seq_id            282 
_struct_mon_prot_cis.auth_asym_id           A 
_struct_mon_prot_cis.pdbx_label_comp_id_2   PRO 
_struct_mon_prot_cis.pdbx_label_seq_id_2    282 
_struct_mon_prot_cis.pdbx_label_asym_id_2   A 
_struct_mon_prot_cis.pdbx_PDB_ins_code_2    ? 
_struct_mon_prot_cis.pdbx_auth_comp_id_2    PRO 
_struct_mon_prot_cis.pdbx_auth_seq_id_2     283 
_struct_mon_prot_cis.pdbx_auth_asym_id_2    A 
_struct_mon_prot_cis.pdbx_PDB_model_num     1 
_struct_mon_prot_cis.pdbx_omega_angle       -8.63 
# 
_struct_sheet.id               AA1 
_struct_sheet.type             ? 
_struct_sheet.number_strands   4 
_struct_sheet.details          ? 
# 
loop_
_struct_sheet_order.sheet_id 
_struct_sheet_order.range_id_1 
_struct_sheet_order.range_id_2 
_struct_sheet_order.offset 
_struct_sheet_order.sense 
AA1 1 2 ? parallel      
AA1 2 3 ? anti-parallel 
AA1 3 4 ? anti-parallel 
# 
loop_
_struct_sheet_range.sheet_id 
_struct_sheet_range.id 
_struct_sheet_range.beg_label_comp_id 
_struct_sheet_range.beg_label_asym_id 
_struct_sheet_range.beg_label_seq_id 
_struct_sheet_range.pdbx_beg_PDB_ins_code 
_struct_sheet_range.end_label_comp_id 
_struct_sheet_range.end_label_asym_id 
_struct_sheet_range.end_label_seq_id 
_struct_sheet_range.pdbx_end_PDB_ins_code 
_struct_sheet_range.beg_auth_comp_id 
_struct_sheet_range.beg_auth_asym_id 
_struct_sheet_range.beg_auth_seq_id 
_struct_sheet_range.end_auth_comp_id 
_struct_sheet_range.end_auth_asym_id 
_struct_sheet_range.end_auth_seq_id 
AA1 1 SER A 183 ? TRP A 184 ? SER A 184 TRP A 185 
AA1 2 GLN A 260 ? THR A 267 ? GLN A 261 THR A 268 
AA1 3 ASP A 274 ? ASP A 281 ? ASP A 275 ASP A 282 
AA1 4 GLY A 213 ? LEU A 218 ? GLY A 214 LEU A 219 
# 
loop_
_pdbx_struct_sheet_hbond.sheet_id 
_pdbx_struct_sheet_hbond.range_id_1 
_pdbx_struct_sheet_hbond.range_id_2 
_pdbx_struct_sheet_hbond.range_1_label_atom_id 
_pdbx_struct_sheet_hbond.range_1_label_comp_id 
_pdbx_struct_sheet_hbond.range_1_label_asym_id 
_pdbx_struct_sheet_hbond.range_1_label_seq_id 
_pdbx_struct_sheet_hbond.range_1_PDB_ins_code 
_pdbx_struct_sheet_hbond.range_1_auth_atom_id 
_pdbx_struct_sheet_hbond.range_1_auth_comp_id 
_pdbx_struct_sheet_hbond.range_1_auth_asym_id 
_pdbx_struct_sheet_hbond.range_1_auth_seq_id 
_pdbx_struct_sheet_hbond.range_2_label_atom_id 
_pdbx_struct_sheet_hbond.range_2_label_comp_id 
_pdbx_struct_sheet_hbond.range_2_label_asym_id 
_pdbx_struct_sheet_hbond.range_2_label_seq_id 
_pdbx_struct_sheet_hbond.range_2_PDB_ins_code 
_pdbx_struct_sheet_hbond.range_2_auth_atom_id 
_pdbx_struct_sheet_hbond.range_2_auth_comp_id 
_pdbx_struct_sheet_hbond.range_2_auth_asym_id 
_pdbx_struct_sheet_hbond.range_2_auth_seq_id 
AA1 1 2 N SER A 183 ? N SER A 184 O VAL A 261 ? O VAL A 262 
AA1 2 3 N GLY A 262 ? N GLY A 263 O SER A 279 ? O SER A 280 
AA1 3 4 O VAL A 276 ? O VAL A 277 N ALA A 217 ? N ALA A 218 
# 
_struct_site.id                   AC1 
_struct_site.pdbx_evidence_code   Software 
_struct_site.pdbx_auth_asym_id    A 
_struct_site.pdbx_auth_comp_id    MG 
_struct_site.pdbx_auth_seq_id     301 
_struct_site.pdbx_auth_ins_code   ? 
_struct_site.pdbx_num_residues    3 
_struct_site.details              'binding site for residue MG A 301' 
# 
loop_
_struct_site_gen.id 
_struct_site_gen.site_id 
_struct_site_gen.pdbx_num_res 
_struct_site_gen.label_comp_id 
_struct_site_gen.label_asym_id 
_struct_site_gen.label_seq_id 
_struct_site_gen.pdbx_auth_ins_code 
_struct_site_gen.auth_comp_id 
_struct_site_gen.auth_asym_id 
_struct_site_gen.auth_seq_id 
_struct_site_gen.label_atom_id 
_struct_site_gen.label_alt_id 
_struct_site_gen.symmetry 
_struct_site_gen.details 
1 AC1 3 HIS A 207 ? HIS A 208 . ? 1_555 ? 
2 AC1 3 LEU A 216 ? LEU A 217 . ? 1_555 ? 
3 AC1 3 HIS A 249 ? HIS A 250 . ? 1_555 ? 
# 
_pdbx_entry_details.entry_id                   5JYS 
_pdbx_entry_details.compound_details           ? 
_pdbx_entry_details.source_details             ? 
_pdbx_entry_details.nonpolymer_details         ? 
_pdbx_entry_details.sequence_details           ? 
_pdbx_entry_details.has_ligand_of_interest     ? 
_pdbx_entry_details.has_protein_modification   Y 
# 
loop_
_pdbx_validate_close_contact.id 
_pdbx_validate_close_contact.PDB_model_num 
_pdbx_validate_close_contact.auth_atom_id_1 
_pdbx_validate_close_contact.auth_asym_id_1 
_pdbx_validate_close_contact.auth_comp_id_1 
_pdbx_validate_close_contact.auth_seq_id_1 
_pdbx_validate_close_contact.PDB_ins_code_1 
_pdbx_validate_close_contact.label_alt_id_1 
_pdbx_validate_close_contact.auth_atom_id_2 
_pdbx_validate_close_contact.auth_asym_id_2 
_pdbx_validate_close_contact.auth_comp_id_2 
_pdbx_validate_close_contact.auth_seq_id_2 
_pdbx_validate_close_contact.PDB_ins_code_2 
_pdbx_validate_close_contact.label_alt_id_2 
_pdbx_validate_close_contact.dist 
1  1 O   A HOH 565 ? ? O A HOH 571 ? ? 1.85 
2  1 O   A HOH 511 ? ? O A HOH 543 ? ? 1.90 
3  1 O   A HOH 573 ? ? O A HOH 574 ? ? 1.95 
4  1 O   A HOH 541 ? ? O A HOH 566 ? ? 1.95 
5  1 O   A HOH 574 ? ? O A HOH 577 ? ? 1.98 
6  1 O   A HOH 581 ? ? O A HOH 587 ? ? 1.99 
7  1 O   A HOH 582 ? ? O A HOH 586 ? ? 2.01 
8  1 OE1 A GLN 261 ? ? O A HOH 401 ? ? 2.03 
9  1 O   A HOH 585 ? ? O A HOH 588 ? ? 2.04 
10 1 O   A HOH 578 ? ? O A HOH 580 ? ? 2.11 
11 1 O   A HOH 580 ? ? O A HOH 584 ? ? 2.13 
12 1 O   A HOH 578 ? ? O A HOH 584 ? ? 2.16 
# 
loop_
_pdbx_struct_special_symmetry.id 
_pdbx_struct_special_symmetry.PDB_model_num 
_pdbx_struct_special_symmetry.auth_asym_id 
_pdbx_struct_special_symmetry.auth_comp_id 
_pdbx_struct_special_symmetry.auth_seq_id 
_pdbx_struct_special_symmetry.PDB_ins_code 
_pdbx_struct_special_symmetry.label_asym_id 
_pdbx_struct_special_symmetry.label_comp_id 
_pdbx_struct_special_symmetry.label_seq_id 
1 1 A HOH 503 ? C HOH . 
2 1 A HOH 518 ? C HOH . 
# 
loop_
_pdbx_distant_solvent_atoms.id 
_pdbx_distant_solvent_atoms.PDB_model_num 
_pdbx_distant_solvent_atoms.auth_atom_id 
_pdbx_distant_solvent_atoms.label_alt_id 
_pdbx_distant_solvent_atoms.auth_asym_id 
_pdbx_distant_solvent_atoms.auth_comp_id 
_pdbx_distant_solvent_atoms.auth_seq_id 
_pdbx_distant_solvent_atoms.PDB_ins_code 
_pdbx_distant_solvent_atoms.neighbor_macromolecule_distance 
_pdbx_distant_solvent_atoms.neighbor_ligand_distance 
1  1 O ? A HOH 570 ? 6.20  . 
2  1 O ? A HOH 571 ? 6.23  . 
3  1 O ? A HOH 572 ? 6.76  . 
4  1 O ? A HOH 573 ? 6.77  . 
5  1 O ? A HOH 574 ? 7.00  . 
6  1 O ? A HOH 575 ? 7.04  . 
7  1 O ? A HOH 576 ? 7.28  . 
8  1 O ? A HOH 577 ? 7.57  . 
9  1 O ? A HOH 578 ? 7.78  . 
10 1 O ? A HOH 579 ? 7.82  . 
11 1 O ? A HOH 580 ? 8.23  . 
12 1 O ? A HOH 581 ? 8.74  . 
13 1 O ? A HOH 582 ? 8.76  . 
14 1 O ? A HOH 583 ? 9.03  . 
15 1 O ? A HOH 584 ? 9.40  . 
16 1 O ? A HOH 585 ? 9.42  . 
17 1 O ? A HOH 586 ? 9.68  . 
18 1 O ? A HOH 587 ? 10.37 . 
19 1 O ? A HOH 588 ? 10.63 . 
20 1 O ? A HOH 589 ? 10.66 . 
21 1 O ? A HOH 590 ? 10.93 . 
22 1 O ? A HOH 591 ? 11.39 . 
23 1 O ? A HOH 592 ? 12.35 . 
24 1 O ? A HOH 593 ? 12.58 . 
25 1 O ? A HOH 594 ? 13.97 . 
26 1 O ? A HOH 595 ? 18.91 . 
27 1 O ? A HOH 596 ? 20.96 . 
# 
loop_
_pdbx_unobs_or_zero_occ_residues.id 
_pdbx_unobs_or_zero_occ_residues.PDB_model_num 
_pdbx_unobs_or_zero_occ_residues.polymer_flag 
_pdbx_unobs_or_zero_occ_residues.occupancy_flag 
_pdbx_unobs_or_zero_occ_residues.auth_asym_id 
_pdbx_unobs_or_zero_occ_residues.auth_comp_id 
_pdbx_unobs_or_zero_occ_residues.auth_seq_id 
_pdbx_unobs_or_zero_occ_residues.PDB_ins_code 
_pdbx_unobs_or_zero_occ_residues.label_asym_id 
_pdbx_unobs_or_zero_occ_residues.label_comp_id 
_pdbx_unobs_or_zero_occ_residues.label_seq_id 
1   1 Y 1 A LYS 2   ? A LYS 1   
2   1 Y 1 A LEU 3   ? A LEU 2   
3   1 Y 1 A SER 4   ? A SER 3   
4   1 Y 1 A LYS 5   ? A LYS 4   
5   1 Y 1 A LEU 6   ? A LEU 5   
6   1 Y 1 A SER 7   ? A SER 6   
7   1 Y 1 A ILE 8   ? A ILE 7   
8   1 Y 1 A LEU 9   ? A LEU 8   
9   1 Y 1 A THR 10  ? A THR 9   
10  1 Y 1 A SER 11  ? A SER 10  
11  1 Y 1 A ALA 12  ? A ALA 11  
12  1 Y 1 A LEU 13  ? A LEU 12  
13  1 Y 1 A ALA 14  ? A ALA 13  
14  1 Y 1 A THR 15  ? A THR 14  
15  1 Y 1 A SER 16  ? A SER 15  
16  1 Y 1 A ALA 17  ? A ALA 16  
17  1 Y 1 A LEU 18  ? A LEU 17  
18  1 Y 1 A ALA 19  ? A ALA 18  
19  1 Y 1 A ALA 20  ? A ALA 19  
20  1 Y 1 A PRO 21  ? A PRO 20  
21  1 Y 1 A ALA 22  ? A ALA 21  
22  1 Y 1 A VAL 23  ? A VAL 22  
23  1 Y 1 A VAL 24  ? A VAL 23  
24  1 Y 1 A THR 25  ? A THR 24  
25  1 Y 1 A VAL 26  ? A VAL 25  
26  1 Y 1 A THR 27  ? A THR 26  
27  1 Y 1 A GLU 28  ? A GLU 27  
28  1 Y 1 A HIS 29  ? A HIS 28  
29  1 Y 1 A ALA 30  ? A ALA 29  
30  1 Y 1 A HIS 31  ? A HIS 30  
31  1 Y 1 A GLU 32  ? A GLU 31  
32  1 Y 1 A ALA 33  ? A ALA 32  
33  1 Y 1 A ALA 34  ? A ALA 33  
34  1 Y 1 A VAL 35  ? A VAL 34  
35  1 Y 1 A VAL 36  ? A VAL 35  
36  1 Y 1 A THR 37  ? A THR 36  
37  1 Y 1 A VAL 38  ? A VAL 37  
38  1 Y 1 A GLN 39  ? A GLN 38  
39  1 Y 1 A GLY 40  ? A GLY 39  
40  1 Y 1 A VAL 41  ? A VAL 40  
41  1 Y 1 A VAL 42  ? A VAL 41  
42  1 Y 1 A TYR 43  ? A TYR 42  
43  1 Y 1 A VAL 44  ? A VAL 43  
44  1 Y 1 A GLU 45  ? A GLU 44  
45  1 Y 1 A ASN 46  ? A ASN 45  
46  1 Y 1 A GLY 47  ? A GLY 46  
47  1 Y 1 A GLN 48  ? A GLN 47  
48  1 Y 1 A THR 49  ? A THR 48  
49  1 Y 1 A ARG 50  ? A ARG 49  
50  1 Y 1 A THR 51  ? A THR 50  
51  1 Y 1 A THR 52  ? A THR 51  
52  1 Y 1 A TYR 53  ? A TYR 52  
53  1 Y 1 A GLU 54  ? A GLU 53  
54  1 Y 1 A THR 55  ? A THR 54  
55  1 Y 1 A LEU 56  ? A LEU 55  
56  1 Y 1 A ALA 57  ? A ALA 56  
57  1 Y 1 A PRO 58  ? A PRO 57  
58  1 Y 1 A ALA 59  ? A ALA 58  
59  1 Y 1 A SER 60  ? A SER 59  
60  1 Y 1 A THR 61  ? A THR 60  
61  1 Y 1 A ALA 62  ? A ALA 61  
62  1 Y 1 A THR 63  ? A THR 62  
63  1 Y 1 A PRO 64  ? A PRO 63  
64  1 Y 1 A THR 65  ? A THR 64  
65  1 Y 1 A SER 66  ? A SER 65  
66  1 Y 1 A THR 67  ? A THR 66  
67  1 Y 1 A ALA 68  ? A ALA 67  
68  1 Y 1 A THR 69  ? A THR 68  
69  1 Y 1 A ALA 70  ? A ALA 69  
70  1 Y 1 A LEU 71  ? A LEU 70  
71  1 Y 1 A VAL 72  ? A VAL 71  
72  1 Y 1 A ALA 73  ? A ALA 72  
73  1 Y 1 A PRO 74  ? A PRO 73  
74  1 Y 1 A PRO 75  ? A PRO 74  
75  1 Y 1 A VAL 76  ? A VAL 75  
76  1 Y 1 A ALA 77  ? A ALA 76  
77  1 Y 1 A PRO 78  ? A PRO 77  
78  1 Y 1 A SER 79  ? A SER 78  
79  1 Y 1 A SER 80  ? A SER 79  
80  1 Y 1 A ALA 81  ? A ALA 80  
81  1 Y 1 A SER 82  ? A SER 81  
82  1 Y 1 A SER 83  ? A SER 82  
83  1 Y 1 A ASN 84  ? A ASN 83  
84  1 Y 1 A SER 85  ? A SER 84  
85  1 Y 1 A ASP 86  ? A ASP 85  
86  1 Y 1 A VAL 87  ? A VAL 86  
87  1 Y 1 A VAL 88  ? A VAL 87  
88  1 Y 1 A LEU 89  ? A LEU 88  
89  1 Y 1 A SER 90  ? A SER 89  
90  1 Y 1 A ALA 91  ? A ALA 90  
91  1 Y 1 A LEU 92  ? A LEU 91  
92  1 Y 1 A LYS 93  ? A LYS 92  
93  1 Y 1 A ASN 94  ? A ASN 93  
94  1 Y 1 A LEU 95  ? A LEU 94  
95  1 Y 1 A ALA 96  ? A ALA 95  
96  1 Y 1 A SER 97  ? A SER 96  
97  1 Y 1 A VAL 98  ? A VAL 97  
98  1 Y 1 A TRP 99  ? A TRP 98  
99  1 Y 1 A GLY 100 ? A GLY 99  
100 1 Y 1 A LYS 101 ? A LYS 100 
101 1 Y 1 A THR 102 ? A THR 101 
102 1 Y 1 A THR 103 ? A THR 102 
103 1 Y 1 A ASP 104 ? A ASP 103 
104 1 Y 1 A SER 105 ? A SER 104 
105 1 Y 1 A THR 106 ? A THR 105 
106 1 Y 1 A THR 107 ? A THR 106 
107 1 Y 1 A THR 108 ? A THR 107 
108 1 Y 1 A LEU 109 ? A LEU 108 
109 1 Y 1 A THR 110 ? A THR 109 
110 1 Y 1 A SER 111 ? A SER 110 
111 1 Y 1 A SER 112 ? A SER 111 
112 1 Y 1 A GLU 113 ? A GLU 112 
113 1 Y 1 A SER 114 ? A SER 113 
114 1 Y 1 A THR 115 ? A THR 114 
115 1 Y 1 A SER 116 ? A SER 115 
116 1 Y 1 A GLN 117 ? A GLN 116 
117 1 Y 1 A SER 118 ? A SER 117 
118 1 Y 1 A LEU 119 ? A LEU 118 
119 1 Y 1 A ALA 120 ? A ALA 119 
120 1 Y 1 A GLN 121 ? A GLN 120 
121 1 Y 1 A ALA 122 ? A ALA 121 
122 1 Y 1 A THR 123 ? A THR 122 
123 1 Y 1 A THR 124 ? A THR 123 
124 1 Y 1 A THR 125 ? A THR 124 
125 1 Y 1 A SER 126 ? A SER 125 
126 1 Y 1 A THR 127 ? A THR 126 
127 1 Y 1 A PRO 128 ? A PRO 127 
128 1 Y 1 A ALA 129 ? A ALA 128 
129 1 Y 1 A ALA 130 ? A ALA 129 
130 1 Y 1 A ALA 131 ? A ALA 130 
131 1 Y 1 A SER 132 ? A SER 131 
132 1 Y 1 A THR 133 ? A THR 132 
133 1 Y 1 A THR 134 ? A THR 133 
134 1 Y 1 A SER 135 ? A SER 134 
135 1 Y 1 A THR 136 ? A THR 135 
136 1 Y 1 A PRO 137 ? A PRO 136 
137 1 Y 1 A ALA 138 ? A ALA 137 
138 1 Y 1 A ALA 139 ? A ALA 138 
139 1 Y 1 A THR 140 ? A THR 139 
140 1 Y 1 A THR 141 ? A THR 140 
141 1 Y 1 A THR 142 ? A THR 141 
142 1 Y 1 A THR 143 ? A THR 142 
143 1 Y 1 A SER 144 ? A SER 143 
144 1 Y 1 A GLN 145 ? A GLN 144 
145 1 Y 1 A ALA 146 ? A ALA 145 
146 1 Y 1 A ALA 147 ? A ALA 146 
147 1 Y 1 A ALA 148 ? A ALA 147 
148 1 Y 1 A THR 149 ? A THR 148 
149 1 Y 1 A SER 150 ? A SER 149 
150 1 Y 1 A SER 151 ? A SER 150 
151 1 Y 1 A ALA 152 ? A ALA 151 
152 1 Y 1 A SER 153 ? A SER 152 
153 1 Y 1 A SER 154 ? A SER 153 
154 1 Y 1 A SER 155 ? A SER 154 
155 1 Y 1 A ASP 156 ? A ASP 155 
156 1 Y 1 A SER 157 ? A SER 156 
157 1 Y 1 A ASP 158 ? A ASP 157 
# 
loop_
_chem_comp_atom.comp_id 
_chem_comp_atom.atom_id 
_chem_comp_atom.type_symbol 
_chem_comp_atom.pdbx_aromatic_flag 
_chem_comp_atom.pdbx_stereo_config 
_chem_comp_atom.pdbx_ordinal 
ALA N    N  N N 1   
ALA CA   C  N S 2   
ALA C    C  N N 3   
ALA O    O  N N 4   
ALA CB   C  N N 5   
ALA OXT  O  N N 6   
ALA H    H  N N 7   
ALA H2   H  N N 8   
ALA HA   H  N N 9   
ALA HB1  H  N N 10  
ALA HB2  H  N N 11  
ALA HB3  H  N N 12  
ALA HXT  H  N N 13  
ARG N    N  N N 14  
ARG CA   C  N S 15  
ARG C    C  N N 16  
ARG O    O  N N 17  
ARG CB   C  N N 18  
ARG CG   C  N N 19  
ARG CD   C  N N 20  
ARG NE   N  N N 21  
ARG CZ   C  N N 22  
ARG NH1  N  N N 23  
ARG NH2  N  N N 24  
ARG OXT  O  N N 25  
ARG H    H  N N 26  
ARG H2   H  N N 27  
ARG HA   H  N N 28  
ARG HB2  H  N N 29  
ARG HB3  H  N N 30  
ARG HG2  H  N N 31  
ARG HG3  H  N N 32  
ARG HD2  H  N N 33  
ARG HD3  H  N N 34  
ARG HE   H  N N 35  
ARG HH11 H  N N 36  
ARG HH12 H  N N 37  
ARG HH21 H  N N 38  
ARG HH22 H  N N 39  
ARG HXT  H  N N 40  
ASN N    N  N N 41  
ASN CA   C  N S 42  
ASN C    C  N N 43  
ASN O    O  N N 44  
ASN CB   C  N N 45  
ASN CG   C  N N 46  
ASN OD1  O  N N 47  
ASN ND2  N  N N 48  
ASN OXT  O  N N 49  
ASN H    H  N N 50  
ASN H2   H  N N 51  
ASN HA   H  N N 52  
ASN HB2  H  N N 53  
ASN HB3  H  N N 54  
ASN HD21 H  N N 55  
ASN HD22 H  N N 56  
ASN HXT  H  N N 57  
ASP N    N  N N 58  
ASP CA   C  N S 59  
ASP C    C  N N 60  
ASP O    O  N N 61  
ASP CB   C  N N 62  
ASP CG   C  N N 63  
ASP OD1  O  N N 64  
ASP OD2  O  N N 65  
ASP OXT  O  N N 66  
ASP H    H  N N 67  
ASP H2   H  N N 68  
ASP HA   H  N N 69  
ASP HB2  H  N N 70  
ASP HB3  H  N N 71  
ASP HD2  H  N N 72  
ASP HXT  H  N N 73  
CYS N    N  N N 74  
CYS CA   C  N R 75  
CYS C    C  N N 76  
CYS O    O  N N 77  
CYS CB   C  N N 78  
CYS SG   S  N N 79  
CYS OXT  O  N N 80  
CYS H    H  N N 81  
CYS H2   H  N N 82  
CYS HA   H  N N 83  
CYS HB2  H  N N 84  
CYS HB3  H  N N 85  
CYS HG   H  N N 86  
CYS HXT  H  N N 87  
GLN N    N  N N 88  
GLN CA   C  N S 89  
GLN C    C  N N 90  
GLN O    O  N N 91  
GLN CB   C  N N 92  
GLN CG   C  N N 93  
GLN CD   C  N N 94  
GLN OE1  O  N N 95  
GLN NE2  N  N N 96  
GLN OXT  O  N N 97  
GLN H    H  N N 98  
GLN H2   H  N N 99  
GLN HA   H  N N 100 
GLN HB2  H  N N 101 
GLN HB3  H  N N 102 
GLN HG2  H  N N 103 
GLN HG3  H  N N 104 
GLN HE21 H  N N 105 
GLN HE22 H  N N 106 
GLN HXT  H  N N 107 
GLU N    N  N N 108 
GLU CA   C  N S 109 
GLU C    C  N N 110 
GLU O    O  N N 111 
GLU CB   C  N N 112 
GLU CG   C  N N 113 
GLU CD   C  N N 114 
GLU OE1  O  N N 115 
GLU OE2  O  N N 116 
GLU OXT  O  N N 117 
GLU H    H  N N 118 
GLU H2   H  N N 119 
GLU HA   H  N N 120 
GLU HB2  H  N N 121 
GLU HB3  H  N N 122 
GLU HG2  H  N N 123 
GLU HG3  H  N N 124 
GLU HE2  H  N N 125 
GLU HXT  H  N N 126 
GLY N    N  N N 127 
GLY CA   C  N N 128 
GLY C    C  N N 129 
GLY O    O  N N 130 
GLY OXT  O  N N 131 
GLY H    H  N N 132 
GLY H2   H  N N 133 
GLY HA2  H  N N 134 
GLY HA3  H  N N 135 
GLY HXT  H  N N 136 
HIS N    N  N N 137 
HIS CA   C  N S 138 
HIS C    C  N N 139 
HIS O    O  N N 140 
HIS CB   C  N N 141 
HIS CG   C  Y N 142 
HIS ND1  N  Y N 143 
HIS CD2  C  Y N 144 
HIS CE1  C  Y N 145 
HIS NE2  N  Y N 146 
HIS OXT  O  N N 147 
HIS H    H  N N 148 
HIS H2   H  N N 149 
HIS HA   H  N N 150 
HIS HB2  H  N N 151 
HIS HB3  H  N N 152 
HIS HD1  H  N N 153 
HIS HD2  H  N N 154 
HIS HE1  H  N N 155 
HIS HE2  H  N N 156 
HIS HXT  H  N N 157 
HOH O    O  N N 158 
HOH H1   H  N N 159 
HOH H2   H  N N 160 
ILE N    N  N N 161 
ILE CA   C  N S 162 
ILE C    C  N N 163 
ILE O    O  N N 164 
ILE CB   C  N S 165 
ILE CG1  C  N N 166 
ILE CG2  C  N N 167 
ILE CD1  C  N N 168 
ILE OXT  O  N N 169 
ILE H    H  N N 170 
ILE H2   H  N N 171 
ILE HA   H  N N 172 
ILE HB   H  N N 173 
ILE HG12 H  N N 174 
ILE HG13 H  N N 175 
ILE HG21 H  N N 176 
ILE HG22 H  N N 177 
ILE HG23 H  N N 178 
ILE HD11 H  N N 179 
ILE HD12 H  N N 180 
ILE HD13 H  N N 181 
ILE HXT  H  N N 182 
LEU N    N  N N 183 
LEU CA   C  N S 184 
LEU C    C  N N 185 
LEU O    O  N N 186 
LEU CB   C  N N 187 
LEU CG   C  N N 188 
LEU CD1  C  N N 189 
LEU CD2  C  N N 190 
LEU OXT  O  N N 191 
LEU H    H  N N 192 
LEU H2   H  N N 193 
LEU HA   H  N N 194 
LEU HB2  H  N N 195 
LEU HB3  H  N N 196 
LEU HG   H  N N 197 
LEU HD11 H  N N 198 
LEU HD12 H  N N 199 
LEU HD13 H  N N 200 
LEU HD21 H  N N 201 
LEU HD22 H  N N 202 
LEU HD23 H  N N 203 
LEU HXT  H  N N 204 
LYS N    N  N N 205 
LYS CA   C  N S 206 
LYS C    C  N N 207 
LYS O    O  N N 208 
LYS CB   C  N N 209 
LYS CG   C  N N 210 
LYS CD   C  N N 211 
LYS CE   C  N N 212 
LYS NZ   N  N N 213 
LYS OXT  O  N N 214 
LYS H    H  N N 215 
LYS H2   H  N N 216 
LYS HA   H  N N 217 
LYS HB2  H  N N 218 
LYS HB3  H  N N 219 
LYS HG2  H  N N 220 
LYS HG3  H  N N 221 
LYS HD2  H  N N 222 
LYS HD3  H  N N 223 
LYS HE2  H  N N 224 
LYS HE3  H  N N 225 
LYS HZ1  H  N N 226 
LYS HZ2  H  N N 227 
LYS HZ3  H  N N 228 
LYS HXT  H  N N 229 
MG  MG   MG N N 230 
PHE N    N  N N 231 
PHE CA   C  N S 232 
PHE C    C  N N 233 
PHE O    O  N N 234 
PHE CB   C  N N 235 
PHE CG   C  Y N 236 
PHE CD1  C  Y N 237 
PHE CD2  C  Y N 238 
PHE CE1  C  Y N 239 
PHE CE2  C  Y N 240 
PHE CZ   C  Y N 241 
PHE OXT  O  N N 242 
PHE H    H  N N 243 
PHE H2   H  N N 244 
PHE HA   H  N N 245 
PHE HB2  H  N N 246 
PHE HB3  H  N N 247 
PHE HD1  H  N N 248 
PHE HD2  H  N N 249 
PHE HE1  H  N N 250 
PHE HE2  H  N N 251 
PHE HZ   H  N N 252 
PHE HXT  H  N N 253 
PRO N    N  N N 254 
PRO CA   C  N S 255 
PRO C    C  N N 256 
PRO O    O  N N 257 
PRO CB   C  N N 258 
PRO CG   C  N N 259 
PRO CD   C  N N 260 
PRO OXT  O  N N 261 
PRO H    H  N N 262 
PRO HA   H  N N 263 
PRO HB2  H  N N 264 
PRO HB3  H  N N 265 
PRO HG2  H  N N 266 
PRO HG3  H  N N 267 
PRO HD2  H  N N 268 
PRO HD3  H  N N 269 
PRO HXT  H  N N 270 
SER N    N  N N 271 
SER CA   C  N S 272 
SER C    C  N N 273 
SER O    O  N N 274 
SER CB   C  N N 275 
SER OG   O  N N 276 
SER OXT  O  N N 277 
SER H    H  N N 278 
SER H2   H  N N 279 
SER HA   H  N N 280 
SER HB2  H  N N 281 
SER HB3  H  N N 282 
SER HG   H  N N 283 
SER HXT  H  N N 284 
THR N    N  N N 285 
THR CA   C  N S 286 
THR C    C  N N 287 
THR O    O  N N 288 
THR CB   C  N R 289 
THR OG1  O  N N 290 
THR CG2  C  N N 291 
THR OXT  O  N N 292 
THR H    H  N N 293 
THR H2   H  N N 294 
THR HA   H  N N 295 
THR HB   H  N N 296 
THR HG1  H  N N 297 
THR HG21 H  N N 298 
THR HG22 H  N N 299 
THR HG23 H  N N 300 
THR HXT  H  N N 301 
TRP N    N  N N 302 
TRP CA   C  N S 303 
TRP C    C  N N 304 
TRP O    O  N N 305 
TRP CB   C  N N 306 
TRP CG   C  Y N 307 
TRP CD1  C  Y N 308 
TRP CD2  C  Y N 309 
TRP NE1  N  Y N 310 
TRP CE2  C  Y N 311 
TRP CE3  C  Y N 312 
TRP CZ2  C  Y N 313 
TRP CZ3  C  Y N 314 
TRP CH2  C  Y N 315 
TRP OXT  O  N N 316 
TRP H    H  N N 317 
TRP H2   H  N N 318 
TRP HA   H  N N 319 
TRP HB2  H  N N 320 
TRP HB3  H  N N 321 
TRP HD1  H  N N 322 
TRP HE1  H  N N 323 
TRP HE3  H  N N 324 
TRP HZ2  H  N N 325 
TRP HZ3  H  N N 326 
TRP HH2  H  N N 327 
TRP HXT  H  N N 328 
TYR N    N  N N 329 
TYR CA   C  N S 330 
TYR C    C  N N 331 
TYR O    O  N N 332 
TYR CB   C  N N 333 
TYR CG   C  Y N 334 
TYR CD1  C  Y N 335 
TYR CD2  C  Y N 336 
TYR CE1  C  Y N 337 
TYR CE2  C  Y N 338 
TYR CZ   C  Y N 339 
TYR OH   O  N N 340 
TYR OXT  O  N N 341 
TYR H    H  N N 342 
TYR H2   H  N N 343 
TYR HA   H  N N 344 
TYR HB2  H  N N 345 
TYR HB3  H  N N 346 
TYR HD1  H  N N 347 
TYR HD2  H  N N 348 
TYR HE1  H  N N 349 
TYR HE2  H  N N 350 
TYR HH   H  N N 351 
TYR HXT  H  N N 352 
VAL N    N  N N 353 
VAL CA   C  N S 354 
VAL C    C  N N 355 
VAL O    O  N N 356 
VAL CB   C  N N 357 
VAL CG1  C  N N 358 
VAL CG2  C  N N 359 
VAL OXT  O  N N 360 
VAL H    H  N N 361 
VAL H2   H  N N 362 
VAL HA   H  N N 363 
VAL HB   H  N N 364 
VAL HG11 H  N N 365 
VAL HG12 H  N N 366 
VAL HG13 H  N N 367 
VAL HG21 H  N N 368 
VAL HG22 H  N N 369 
VAL HG23 H  N N 370 
VAL HXT  H  N N 371 
# 
loop_
_chem_comp_bond.comp_id 
_chem_comp_bond.atom_id_1 
_chem_comp_bond.atom_id_2 
_chem_comp_bond.value_order 
_chem_comp_bond.pdbx_aromatic_flag 
_chem_comp_bond.pdbx_stereo_config 
_chem_comp_bond.pdbx_ordinal 
ALA N   CA   sing N N 1   
ALA N   H    sing N N 2   
ALA N   H2   sing N N 3   
ALA CA  C    sing N N 4   
ALA CA  CB   sing N N 5   
ALA CA  HA   sing N N 6   
ALA C   O    doub N N 7   
ALA C   OXT  sing N N 8   
ALA CB  HB1  sing N N 9   
ALA CB  HB2  sing N N 10  
ALA CB  HB3  sing N N 11  
ALA OXT HXT  sing N N 12  
ARG N   CA   sing N N 13  
ARG N   H    sing N N 14  
ARG N   H2   sing N N 15  
ARG CA  C    sing N N 16  
ARG CA  CB   sing N N 17  
ARG CA  HA   sing N N 18  
ARG C   O    doub N N 19  
ARG C   OXT  sing N N 20  
ARG CB  CG   sing N N 21  
ARG CB  HB2  sing N N 22  
ARG CB  HB3  sing N N 23  
ARG CG  CD   sing N N 24  
ARG CG  HG2  sing N N 25  
ARG CG  HG3  sing N N 26  
ARG CD  NE   sing N N 27  
ARG CD  HD2  sing N N 28  
ARG CD  HD3  sing N N 29  
ARG NE  CZ   sing N N 30  
ARG NE  HE   sing N N 31  
ARG CZ  NH1  sing N N 32  
ARG CZ  NH2  doub N N 33  
ARG NH1 HH11 sing N N 34  
ARG NH1 HH12 sing N N 35  
ARG NH2 HH21 sing N N 36  
ARG NH2 HH22 sing N N 37  
ARG OXT HXT  sing N N 38  
ASN N   CA   sing N N 39  
ASN N   H    sing N N 40  
ASN N   H2   sing N N 41  
ASN CA  C    sing N N 42  
ASN CA  CB   sing N N 43  
ASN CA  HA   sing N N 44  
ASN C   O    doub N N 45  
ASN C   OXT  sing N N 46  
ASN CB  CG   sing N N 47  
ASN CB  HB2  sing N N 48  
ASN CB  HB3  sing N N 49  
ASN CG  OD1  doub N N 50  
ASN CG  ND2  sing N N 51  
ASN ND2 HD21 sing N N 52  
ASN ND2 HD22 sing N N 53  
ASN OXT HXT  sing N N 54  
ASP N   CA   sing N N 55  
ASP N   H    sing N N 56  
ASP N   H2   sing N N 57  
ASP CA  C    sing N N 58  
ASP CA  CB   sing N N 59  
ASP CA  HA   sing N N 60  
ASP C   O    doub N N 61  
ASP C   OXT  sing N N 62  
ASP CB  CG   sing N N 63  
ASP CB  HB2  sing N N 64  
ASP CB  HB3  sing N N 65  
ASP CG  OD1  doub N N 66  
ASP CG  OD2  sing N N 67  
ASP OD2 HD2  sing N N 68  
ASP OXT HXT  sing N N 69  
CYS N   CA   sing N N 70  
CYS N   H    sing N N 71  
CYS N   H2   sing N N 72  
CYS CA  C    sing N N 73  
CYS CA  CB   sing N N 74  
CYS CA  HA   sing N N 75  
CYS C   O    doub N N 76  
CYS C   OXT  sing N N 77  
CYS CB  SG   sing N N 78  
CYS CB  HB2  sing N N 79  
CYS CB  HB3  sing N N 80  
CYS SG  HG   sing N N 81  
CYS OXT HXT  sing N N 82  
GLN N   CA   sing N N 83  
GLN N   H    sing N N 84  
GLN N   H2   sing N N 85  
GLN CA  C    sing N N 86  
GLN CA  CB   sing N N 87  
GLN CA  HA   sing N N 88  
GLN C   O    doub N N 89  
GLN C   OXT  sing N N 90  
GLN CB  CG   sing N N 91  
GLN CB  HB2  sing N N 92  
GLN CB  HB3  sing N N 93  
GLN CG  CD   sing N N 94  
GLN CG  HG2  sing N N 95  
GLN CG  HG3  sing N N 96  
GLN CD  OE1  doub N N 97  
GLN CD  NE2  sing N N 98  
GLN NE2 HE21 sing N N 99  
GLN NE2 HE22 sing N N 100 
GLN OXT HXT  sing N N 101 
GLU N   CA   sing N N 102 
GLU N   H    sing N N 103 
GLU N   H2   sing N N 104 
GLU CA  C    sing N N 105 
GLU CA  CB   sing N N 106 
GLU CA  HA   sing N N 107 
GLU C   O    doub N N 108 
GLU C   OXT  sing N N 109 
GLU CB  CG   sing N N 110 
GLU CB  HB2  sing N N 111 
GLU CB  HB3  sing N N 112 
GLU CG  CD   sing N N 113 
GLU CG  HG2  sing N N 114 
GLU CG  HG3  sing N N 115 
GLU CD  OE1  doub N N 116 
GLU CD  OE2  sing N N 117 
GLU OE2 HE2  sing N N 118 
GLU OXT HXT  sing N N 119 
GLY N   CA   sing N N 120 
GLY N   H    sing N N 121 
GLY N   H2   sing N N 122 
GLY CA  C    sing N N 123 
GLY CA  HA2  sing N N 124 
GLY CA  HA3  sing N N 125 
GLY C   O    doub N N 126 
GLY C   OXT  sing N N 127 
GLY OXT HXT  sing N N 128 
HIS N   CA   sing N N 129 
HIS N   H    sing N N 130 
HIS N   H2   sing N N 131 
HIS CA  C    sing N N 132 
HIS CA  CB   sing N N 133 
HIS CA  HA   sing N N 134 
HIS C   O    doub N N 135 
HIS C   OXT  sing N N 136 
HIS CB  CG   sing N N 137 
HIS CB  HB2  sing N N 138 
HIS CB  HB3  sing N N 139 
HIS CG  ND1  sing Y N 140 
HIS CG  CD2  doub Y N 141 
HIS ND1 CE1  doub Y N 142 
HIS ND1 HD1  sing N N 143 
HIS CD2 NE2  sing Y N 144 
HIS CD2 HD2  sing N N 145 
HIS CE1 NE2  sing Y N 146 
HIS CE1 HE1  sing N N 147 
HIS NE2 HE2  sing N N 148 
HIS OXT HXT  sing N N 149 
HOH O   H1   sing N N 150 
HOH O   H2   sing N N 151 
ILE N   CA   sing N N 152 
ILE N   H    sing N N 153 
ILE N   H2   sing N N 154 
ILE CA  C    sing N N 155 
ILE CA  CB   sing N N 156 
ILE CA  HA   sing N N 157 
ILE C   O    doub N N 158 
ILE C   OXT  sing N N 159 
ILE CB  CG1  sing N N 160 
ILE CB  CG2  sing N N 161 
ILE CB  HB   sing N N 162 
ILE CG1 CD1  sing N N 163 
ILE CG1 HG12 sing N N 164 
ILE CG1 HG13 sing N N 165 
ILE CG2 HG21 sing N N 166 
ILE CG2 HG22 sing N N 167 
ILE CG2 HG23 sing N N 168 
ILE CD1 HD11 sing N N 169 
ILE CD1 HD12 sing N N 170 
ILE CD1 HD13 sing N N 171 
ILE OXT HXT  sing N N 172 
LEU N   CA   sing N N 173 
LEU N   H    sing N N 174 
LEU N   H2   sing N N 175 
LEU CA  C    sing N N 176 
LEU CA  CB   sing N N 177 
LEU CA  HA   sing N N 178 
LEU C   O    doub N N 179 
LEU C   OXT  sing N N 180 
LEU CB  CG   sing N N 181 
LEU CB  HB2  sing N N 182 
LEU CB  HB3  sing N N 183 
LEU CG  CD1  sing N N 184 
LEU CG  CD2  sing N N 185 
LEU CG  HG   sing N N 186 
LEU CD1 HD11 sing N N 187 
LEU CD1 HD12 sing N N 188 
LEU CD1 HD13 sing N N 189 
LEU CD2 HD21 sing N N 190 
LEU CD2 HD22 sing N N 191 
LEU CD2 HD23 sing N N 192 
LEU OXT HXT  sing N N 193 
LYS N   CA   sing N N 194 
LYS N   H    sing N N 195 
LYS N   H2   sing N N 196 
LYS CA  C    sing N N 197 
LYS CA  CB   sing N N 198 
LYS CA  HA   sing N N 199 
LYS C   O    doub N N 200 
LYS C   OXT  sing N N 201 
LYS CB  CG   sing N N 202 
LYS CB  HB2  sing N N 203 
LYS CB  HB3  sing N N 204 
LYS CG  CD   sing N N 205 
LYS CG  HG2  sing N N 206 
LYS CG  HG3  sing N N 207 
LYS CD  CE   sing N N 208 
LYS CD  HD2  sing N N 209 
LYS CD  HD3  sing N N 210 
LYS CE  NZ   sing N N 211 
LYS CE  HE2  sing N N 212 
LYS CE  HE3  sing N N 213 
LYS NZ  HZ1  sing N N 214 
LYS NZ  HZ2  sing N N 215 
LYS NZ  HZ3  sing N N 216 
LYS OXT HXT  sing N N 217 
PHE N   CA   sing N N 218 
PHE N   H    sing N N 219 
PHE N   H2   sing N N 220 
PHE CA  C    sing N N 221 
PHE CA  CB   sing N N 222 
PHE CA  HA   sing N N 223 
PHE C   O    doub N N 224 
PHE C   OXT  sing N N 225 
PHE CB  CG   sing N N 226 
PHE CB  HB2  sing N N 227 
PHE CB  HB3  sing N N 228 
PHE CG  CD1  doub Y N 229 
PHE CG  CD2  sing Y N 230 
PHE CD1 CE1  sing Y N 231 
PHE CD1 HD1  sing N N 232 
PHE CD2 CE2  doub Y N 233 
PHE CD2 HD2  sing N N 234 
PHE CE1 CZ   doub Y N 235 
PHE CE1 HE1  sing N N 236 
PHE CE2 CZ   sing Y N 237 
PHE CE2 HE2  sing N N 238 
PHE CZ  HZ   sing N N 239 
PHE OXT HXT  sing N N 240 
PRO N   CA   sing N N 241 
PRO N   CD   sing N N 242 
PRO N   H    sing N N 243 
PRO CA  C    sing N N 244 
PRO CA  CB   sing N N 245 
PRO CA  HA   sing N N 246 
PRO C   O    doub N N 247 
PRO C   OXT  sing N N 248 
PRO CB  CG   sing N N 249 
PRO CB  HB2  sing N N 250 
PRO CB  HB3  sing N N 251 
PRO CG  CD   sing N N 252 
PRO CG  HG2  sing N N 253 
PRO CG  HG3  sing N N 254 
PRO CD  HD2  sing N N 255 
PRO CD  HD3  sing N N 256 
PRO OXT HXT  sing N N 257 
SER N   CA   sing N N 258 
SER N   H    sing N N 259 
SER N   H2   sing N N 260 
SER CA  C    sing N N 261 
SER CA  CB   sing N N 262 
SER CA  HA   sing N N 263 
SER C   O    doub N N 264 
SER C   OXT  sing N N 265 
SER CB  OG   sing N N 266 
SER CB  HB2  sing N N 267 
SER CB  HB3  sing N N 268 
SER OG  HG   sing N N 269 
SER OXT HXT  sing N N 270 
THR N   CA   sing N N 271 
THR N   H    sing N N 272 
THR N   H2   sing N N 273 
THR CA  C    sing N N 274 
THR CA  CB   sing N N 275 
THR CA  HA   sing N N 276 
THR C   O    doub N N 277 
THR C   OXT  sing N N 278 
THR CB  OG1  sing N N 279 
THR CB  CG2  sing N N 280 
THR CB  HB   sing N N 281 
THR OG1 HG1  sing N N 282 
THR CG2 HG21 sing N N 283 
THR CG2 HG22 sing N N 284 
THR CG2 HG23 sing N N 285 
THR OXT HXT  sing N N 286 
TRP N   CA   sing N N 287 
TRP N   H    sing N N 288 
TRP N   H2   sing N N 289 
TRP CA  C    sing N N 290 
TRP CA  CB   sing N N 291 
TRP CA  HA   sing N N 292 
TRP C   O    doub N N 293 
TRP C   OXT  sing N N 294 
TRP CB  CG   sing N N 295 
TRP CB  HB2  sing N N 296 
TRP CB  HB3  sing N N 297 
TRP CG  CD1  doub Y N 298 
TRP CG  CD2  sing Y N 299 
TRP CD1 NE1  sing Y N 300 
TRP CD1 HD1  sing N N 301 
TRP CD2 CE2  doub Y N 302 
TRP CD2 CE3  sing Y N 303 
TRP NE1 CE2  sing Y N 304 
TRP NE1 HE1  sing N N 305 
TRP CE2 CZ2  sing Y N 306 
TRP CE3 CZ3  doub Y N 307 
TRP CE3 HE3  sing N N 308 
TRP CZ2 CH2  doub Y N 309 
TRP CZ2 HZ2  sing N N 310 
TRP CZ3 CH2  sing Y N 311 
TRP CZ3 HZ3  sing N N 312 
TRP CH2 HH2  sing N N 313 
TRP OXT HXT  sing N N 314 
TYR N   CA   sing N N 315 
TYR N   H    sing N N 316 
TYR N   H2   sing N N 317 
TYR CA  C    sing N N 318 
TYR CA  CB   sing N N 319 
TYR CA  HA   sing N N 320 
TYR C   O    doub N N 321 
TYR C   OXT  sing N N 322 
TYR CB  CG   sing N N 323 
TYR CB  HB2  sing N N 324 
TYR CB  HB3  sing N N 325 
TYR CG  CD1  doub Y N 326 
TYR CG  CD2  sing Y N 327 
TYR CD1 CE1  sing Y N 328 
TYR CD1 HD1  sing N N 329 
TYR CD2 CE2  doub Y N 330 
TYR CD2 HD2  sing N N 331 
TYR CE1 CZ   doub Y N 332 
TYR CE1 HE1  sing N N 333 
TYR CE2 CZ   sing Y N 334 
TYR CE2 HE2  sing N N 335 
TYR CZ  OH   sing N N 336 
TYR OH  HH   sing N N 337 
TYR OXT HXT  sing N N 338 
VAL N   CA   sing N N 339 
VAL N   H    sing N N 340 
VAL N   H2   sing N N 341 
VAL CA  C    sing N N 342 
VAL CA  CB   sing N N 343 
VAL CA  HA   sing N N 344 
VAL C   O    doub N N 345 
VAL C   OXT  sing N N 346 
VAL CB  CG1  sing N N 347 
VAL CB  CG2  sing N N 348 
VAL CB  HB   sing N N 349 
VAL CG1 HG11 sing N N 350 
VAL CG1 HG12 sing N N 351 
VAL CG1 HG13 sing N N 352 
VAL CG2 HG21 sing N N 353 
VAL CG2 HG22 sing N N 354 
VAL CG2 HG23 sing N N 355 
VAL OXT HXT  sing N N 356 
# 
_pdbx_initial_refinement_model.id               1 
_pdbx_initial_refinement_model.entity_id_list   ? 
_pdbx_initial_refinement_model.type             'experimental model' 
_pdbx_initial_refinement_model.source_name      PDB 
_pdbx_initial_refinement_model.accession_code   5ETE 
_pdbx_initial_refinement_model.details          ? 
# 
_atom_sites.entry_id                    5JYS 
_atom_sites.fract_transf_matrix[1][1]   0.01089543 
_atom_sites.fract_transf_matrix[1][2]   0.00829086 
_atom_sites.fract_transf_matrix[1][3]   0.00468625 
_atom_sites.fract_transf_matrix[2][1]   0.00478461 
_atom_sites.fract_transf_matrix[2][2]   0.00139156 
_atom_sites.fract_transf_matrix[2][3]   -0.01358605 
_atom_sites.fract_transf_matrix[3][1]   -0.00582236 
_atom_sites.fract_transf_matrix[3][2]   0.00832827 
_atom_sites.fract_transf_matrix[3][3]   -0.00119744 
_atom_sites.fract_transf_vector[1]      0.324680 
_atom_sites.fract_transf_vector[2]      -0.000987 
_atom_sites.fract_transf_vector[3]      -0.000263 
# 
loop_
_atom_type.symbol 
C  
MG 
N  
O  
S  
# 
loop_
_atom_site.group_PDB 
_atom_site.id 
_atom_site.type_symbol 
_atom_site.label_atom_id 
_atom_site.label_alt_id 
_atom_site.label_comp_id 
_atom_site.label_asym_id 
_atom_site.label_entity_id 
_atom_site.label_seq_id 
_atom_site.pdbx_PDB_ins_code 
_atom_site.Cartn_x 
_atom_site.Cartn_y 
_atom_site.Cartn_z 
_atom_site.occupancy 
_atom_site.B_iso_or_equiv 
_atom_site.pdbx_formal_charge 
_atom_site.auth_seq_id 
_atom_site.auth_comp_id 
_atom_site.auth_asym_id 
_atom_site.auth_atom_id 
_atom_site.pdbx_PDB_model_num 
ATOM   1    N  N   . LEU A 1 158 ? -16.492 -8.577  4.558   1.00 61.04 ? 159 LEU A N   1 
ATOM   2    C  CA  . LEU A 1 158 ? -15.149 -8.207  4.994   1.00 58.44 ? 159 LEU A CA  1 
ATOM   3    C  C   . LEU A 1 158 ? -15.109 -7.789  6.470   1.00 61.02 ? 159 LEU A C   1 
ATOM   4    O  O   . LEU A 1 158 ? -16.095 -7.258  7.000   1.00 59.18 ? 159 LEU A O   1 
ATOM   5    C  CB  . LEU A 1 158 ? -14.607 -7.080  4.120   1.00 48.63 ? 159 LEU A CB  1 
ATOM   6    C  CG  . LEU A 1 158 ? -14.727 -7.301  2.615   1.00 50.60 ? 159 LEU A CG  1 
ATOM   7    C  CD1 . LEU A 1 158 ? -14.155 -6.101  1.883   1.00 50.29 ? 159 LEU A CD1 1 
ATOM   8    C  CD2 . LEU A 1 158 ? -14.008 -8.582  2.220   1.00 48.96 ? 159 LEU A CD2 1 
ATOM   9    N  N   . SER A 1 159 ? -13.970 -8.027  7.122   1.00 56.84 ? 160 SER A N   1 
ATOM   10   C  CA  . SER A 1 159 ? -13.782 -7.618  8.507   1.00 48.23 ? 160 SER A CA  1 
ATOM   11   C  C   . SER A 1 159 ? -13.632 -6.097  8.623   1.00 47.01 ? 160 SER A C   1 
ATOM   12   O  O   . SER A 1 159 ? -13.470 -5.376  7.635   1.00 40.61 ? 160 SER A O   1 
ATOM   13   C  CB  . SER A 1 159 ? -12.561 -8.311  9.096   1.00 52.54 ? 160 SER A CB  1 
ATOM   14   O  OG  . SER A 1 159 ? -11.357 -7.847  8.502   1.00 48.19 ? 160 SER A OG  1 
ATOM   15   N  N   . ASP A 1 160 ? -13.685 -5.607  9.865   1.00 44.25 ? 161 ASP A N   1 
ATOM   16   C  CA  . ASP A 1 160 ? -13.592 -4.168  10.089  1.00 46.78 ? 161 ASP A CA  1 
ATOM   17   C  C   . ASP A 1 160 ? -12.242 -3.617  9.647   1.00 43.49 ? 161 ASP A C   1 
ATOM   18   O  O   . ASP A 1 160 ? -12.167 -2.525  9.072   1.00 31.09 ? 161 ASP A O   1 
ATOM   19   C  CB  . ASP A 1 160 ? -13.863 -3.846  11.556  1.00 45.98 ? 161 ASP A CB  1 
ATOM   20   C  CG  . ASP A 1 160 ? -15.311 -4.060  11.938  1.00 46.35 ? 161 ASP A CG  1 
ATOM   21   O  OD1 . ASP A 1 160 ? -16.144 -4.371  11.054  1.00 49.13 ? 161 ASP A OD1 1 
ATOM   22   O  OD2 . ASP A 1 160 ? -15.624 -3.873  13.126  1.00 57.46 ? 161 ASP A OD2 1 
ATOM   23   N  N   . PHE A 1 161 ? -11.166 -4.367  9.894   1.00 40.83 ? 162 PHE A N   1 
ATOM   24   C  CA  . PHE A 1 161 ? -9.852  -3.960  9.408   1.00 41.29 ? 162 PHE A CA  1 
ATOM   25   C  C   . PHE A 1 161 ? -9.816  -3.956  7.887   1.00 26.21 ? 162 PHE A C   1 
ATOM   26   O  O   . PHE A 1 161 ? -9.365  -2.987  7.265   1.00 30.56 ? 162 PHE A O   1 
ATOM   27   C  CB  . PHE A 1 161 ? -8.779  -4.892  9.977   1.00 38.48 ? 162 PHE A CB  1 
ATOM   28   C  CG  . PHE A 1 161 ? -7.424  -4.732  9.340   1.00 30.98 ? 162 PHE A CG  1 
ATOM   29   C  CD1 . PHE A 1 161 ? -6.613  -3.655  9.657   1.00 23.13 ? 162 PHE A CD1 1 
ATOM   30   C  CD2 . PHE A 1 161 ? -6.955  -5.677  8.438   1.00 29.02 ? 162 PHE A CD2 1 
ATOM   31   C  CE1 . PHE A 1 161 ? -5.365  -3.513  9.081   1.00 22.66 ? 162 PHE A CE1 1 
ATOM   32   C  CE2 . PHE A 1 161 ? -5.708  -5.543  7.857   1.00 24.85 ? 162 PHE A CE2 1 
ATOM   33   C  CZ  . PHE A 1 161 ? -4.910  -4.460  8.178   1.00 24.05 ? 162 PHE A CZ  1 
ATOM   34   N  N   . ALA A 1 162 ? -10.312 -5.032  7.270   1.00 26.72 ? 163 ALA A N   1 
ATOM   35   C  CA  . ALA A 1 162 ? -10.290 -5.141  5.816   1.00 30.11 ? 163 ALA A CA  1 
ATOM   36   C  C   . ALA A 1 162 ? -11.144 -4.059  5.165   1.00 29.47 ? 163 ALA A C   1 
ATOM   37   O  O   . ALA A 1 162 ? -10.736 -3.454  4.167   1.00 23.33 ? 163 ALA A O   1 
ATOM   38   C  CB  . ALA A 1 162 ? -10.773 -6.527  5.392   1.00 32.08 ? 163 ALA A CB  1 
ATOM   39   N  N   . SER A 1 163 ? -12.333 -3.804  5.715   1.00 27.08 ? 164 SER A N   1 
ATOM   40   C  CA  . SER A 1 163 ? -13.227 -2.811  5.128   1.00 24.79 ? 164 SER A CA  1 
ATOM   41   C  C   . SER A 1 163 ? -12.636 -1.411  5.227   1.00 24.09 ? 164 SER A C   1 
ATOM   42   O  O   . SER A 1 163 ? -12.667 -0.641  4.258   1.00 22.92 ? 164 SER A O   1 
ATOM   43   C  CB  . SER A 1 163 ? -14.594 -2.867  5.811   1.00 31.91 ? 164 SER A CB  1 
ATOM   44   O  OG  . SER A 1 163 ? -15.223 -4.114  5.582   1.00 44.54 ? 164 SER A OG  1 
ATOM   45   N  N   . SER A 1 164 ? -12.100 -1.058  6.398   1.00 22.89 ? 165 SER A N   1 
ATOM   46   C  CA  . SER A 1 164 ? -11.563 0.285   6.586   1.00 24.65 ? 165 SER A CA  1 
ATOM   47   C  C   . SER A 1 164 ? -10.322 0.511   5.731   1.00 21.74 ? 165 SER A C   1 
ATOM   48   O  O   . SER A 1 164 ? -10.112 1.613   5.211   1.00 18.74 ? 165 SER A O   1 
ATOM   49   C  CB  . SER A 1 164 ? -11.250 0.521   8.064   1.00 29.06 ? 165 SER A CB  1 
ATOM   50   O  OG  . SER A 1 164 ? -10.204 -0.328  8.509   1.00 29.51 ? 165 SER A OG  1 
ATOM   51   N  N   . VAL A 1 165 ? -9.489  -0.520  5.568   1.00 20.60 ? 166 VAL A N   1 
ATOM   52   C  CA  . VAL A 1 165 ? -8.269  -0.361  4.783   1.00 21.94 ? 166 VAL A CA  1 
ATOM   53   C  C   . VAL A 1 165 ? -8.596  -0.284  3.298   1.00 18.85 ? 166 VAL A C   1 
ATOM   54   O  O   . VAL A 1 165 ? -8.048  0.554   2.571   1.00 21.25 ? 166 VAL A O   1 
ATOM   55   C  CB  . VAL A 1 165 ? -7.279  -1.500  5.090   1.00 25.33 ? 166 VAL A CB  1 
ATOM   56   C  CG1 . VAL A 1 165 ? -6.122  -1.482  4.101   1.00 24.57 ? 166 VAL A CG1 1 
ATOM   57   C  CG2 . VAL A 1 165 ? -6.760  -1.370  6.512   1.00 22.29 ? 166 VAL A CG2 1 
ATOM   58   N  N   . LEU A 1 166 ? -9.497  -1.147  2.822   1.00 19.00 ? 167 LEU A N   1 
ATOM   59   C  CA  . LEU A 1 166 ? -9.905  -1.074  1.423   1.00 19.58 ? 167 LEU A CA  1 
ATOM   60   C  C   . LEU A 1 166 ? -10.555 0.269   1.114   1.00 22.00 ? 167 LEU A C   1 
ATOM   61   O  O   . LEU A 1 166 ? -10.251 0.892   0.092   1.00 18.38 ? 167 LEU A O   1 
ATOM   62   C  CB  . LEU A 1 166 ? -10.857 -2.219  1.085   1.00 22.00 ? 167 LEU A CB  1 
ATOM   63   C  CG  . LEU A 1 166 ? -11.469 -2.154  -0.319  1.00 21.75 ? 167 LEU A CG  1 
ATOM   64   C  CD1 . LEU A 1 166 ? -10.397 -2.314  -1.385  1.00 25.19 ? 167 LEU A CD1 1 
ATOM   65   C  CD2 . LEU A 1 166 ? -12.572 -3.194  -0.485  1.00 23.15 ? 167 LEU A CD2 1 
ATOM   66   N  N   . ALA A 1 167 ? -11.439 0.737   2.001   1.00 23.16 ? 168 ALA A N   1 
ATOM   67   C  CA  . ALA A 1 167 ? -12.092 2.027   1.799   1.00 19.12 ? 168 ALA A CA  1 
ATOM   68   C  C   . ALA A 1 167 ? -11.074 3.154   1.683   1.00 20.30 ? 168 ALA A C   1 
ATOM   69   O  O   . ALA A 1 167 ? -11.218 4.044   0.837   1.00 18.33 ? 168 ALA A O   1 
ATOM   70   C  CB  . ALA A 1 167 ? -13.069 2.306   2.940   1.00 22.23 ? 168 ALA A CB  1 
ATOM   71   N  N   . GLU A 1 168 ? -10.028 3.127   2.514   1.00 20.98 ? 169 GLU A N   1 
ATOM   72   C  CA  . GLU A 1 168 ? -9.044  4.205   2.494   1.00 22.01 ? 169 GLU A CA  1 
ATOM   73   C  C   . GLU A 1 168 ? -8.270  4.228   1.179   1.00 19.41 ? 169 GLU A C   1 
ATOM   74   O  O   . GLU A 1 168 ? -7.991  5.305   0.639   1.00 20.19 ? 169 GLU A O   1 
ATOM   75   C  CB  . GLU A 1 168 ? -8.095  4.067   3.687   1.00 20.76 ? 169 GLU A CB  1 
ATOM   76   C  CG  . GLU A 1 168 ? -7.451  5.368   4.134   1.00 22.00 ? 169 GLU A CG  1 
ATOM   77   C  CD  . GLU A 1 168 ? -8.462  6.381   4.651   1.00 24.15 ? 169 GLU A CD  1 
ATOM   78   O  OE1 . GLU A 1 168 ? -8.237  7.593   4.451   1.00 30.13 ? 169 GLU A OE1 1 
ATOM   79   O  OE2 . GLU A 1 168 ? -9.480  5.967   5.248   1.00 23.14 ? 169 GLU A OE2 1 
ATOM   80   N  N   . HIS A 1 169 ? -7.912  3.051   0.653   1.00 18.83 ? 170 HIS A N   1 
ATOM   81   C  CA  . HIS A 1 169 ? -7.305  2.976   -0.675  1.00 17.91 ? 170 HIS A CA  1 
ATOM   82   C  C   . HIS A 1 169 ? -8.197  3.627   -1.723  1.00 21.09 ? 170 HIS A C   1 
ATOM   83   O  O   . HIS A 1 169 ? -7.733  4.422   -2.547  1.00 21.57 ? 170 HIS A O   1 
ATOM   84   C  CB  . HIS A 1 169 ? -7.034  1.519   -1.058  1.00 18.99 ? 170 HIS A CB  1 
ATOM   85   C  CG  . HIS A 1 169 ? -5.761  0.963   -0.500  1.00 21.56 ? 170 HIS A CG  1 
ATOM   86   N  ND1 . HIS A 1 169 ? -5.694  0.350   0.732   1.00 20.74 ? 170 HIS A ND1 1 
ATOM   87   C  CD2 . HIS A 1 169 ? -4.509  0.917   -1.014  1.00 21.94 ? 170 HIS A CD2 1 
ATOM   88   C  CE1 . HIS A 1 169 ? -4.453  -0.047  0.955   1.00 25.04 ? 170 HIS A CE1 1 
ATOM   89   N  NE2 . HIS A 1 169 ? -3.715  0.283   -0.089  1.00 19.54 ? 170 HIS A NE2 1 
ATOM   90   N  N   . ASN A 1 170 ? -9.490  3.299   -1.706  1.00 21.28 ? 171 ASN A N   1 
ATOM   91   C  CA  . ASN A 1 170 ? -10.380 3.764   -2.764  1.00 19.78 ? 171 ASN A CA  1 
ATOM   92   C  C   . ASN A 1 170 ? -10.698 5.247   -2.631  1.00 22.44 ? 171 ASN A C   1 
ATOM   93   O  O   . ASN A 1 170 ? -10.903 5.927   -3.645  1.00 19.92 ? 171 ASN A O   1 
ATOM   94   C  CB  . ASN A 1 170 ? -11.654 2.921   -2.771  1.00 20.22 ? 171 ASN A CB  1 
ATOM   95   C  CG  . ASN A 1 170 ? -11.409 1.514   -3.290  1.00 20.92 ? 171 ASN A CG  1 
ATOM   96   O  OD1 . ASN A 1 170 ? -10.466 1.285   -4.043  1.00 22.35 ? 171 ASN A OD1 1 
ATOM   97   N  ND2 . ASN A 1 170 ? -12.248 0.569   -2.884  1.00 18.14 ? 171 ASN A ND2 1 
ATOM   98   N  N   . LYS A 1 171 ? -10.739 5.768   -1.402  1.00 21.50 ? 172 LYS A N   1 
ATOM   99   C  CA  . LYS A 1 171 ? -10.935 7.203   -1.220  1.00 19.16 ? 172 LYS A CA  1 
ATOM   100  C  C   . LYS A 1 171 ? -9.810  7.993   -1.876  1.00 22.97 ? 172 LYS A C   1 
ATOM   101  O  O   . LYS A 1 171 ? -10.051 9.042   -2.487  1.00 21.67 ? 172 LYS A O   1 
ATOM   102  C  CB  . LYS A 1 171 ? -11.033 7.532   0.273   1.00 16.08 ? 172 LYS A CB  1 
ATOM   103  C  CG  . LYS A 1 171 ? -12.300 7.009   0.944   1.00 17.76 ? 172 LYS A CG  1 
ATOM   104  C  CD  . LYS A 1 171 ? -12.143 6.914   2.458   1.00 26.82 ? 172 LYS A CD  1 
ATOM   105  C  CE  . LYS A 1 171 ? -11.724 8.240   3.062   1.00 33.91 ? 172 LYS A CE  1 
ATOM   106  N  NZ  . LYS A 1 171 ? -11.559 8.149   4.547   1.00 27.89 ? 172 LYS A NZ  1 
ATOM   107  N  N   . LYS A 1 172 ? -8.576  7.491   -1.779  1.00 21.54 ? 173 LYS A N   1 
ATOM   108  C  CA  . LYS A 1 172 ? -7.425  8.176   -2.356  1.00 21.20 ? 173 LYS A CA  1 
ATOM   109  C  C   . LYS A 1 172 ? -7.353  7.993   -3.869  1.00 17.36 ? 173 LYS A C   1 
ATOM   110  O  O   . LYS A 1 172 ? -7.086  8.955   -4.598  1.00 21.44 ? 173 LYS A O   1 
ATOM   111  C  CB  . LYS A 1 172 ? -6.136  7.671   -1.703  1.00 21.91 ? 173 LYS A CB  1 
ATOM   112  C  CG  . LYS A 1 172 ? -6.056  7.902   -0.196  1.00 23.02 ? 173 LYS A CG  1 
ATOM   113  C  CD  . LYS A 1 172 ? -6.146  9.380   0.145   1.00 30.04 ? 173 LYS A CD  1 
ATOM   114  C  CE  . LYS A 1 172 ? -5.722  9.652   1.588   1.00 32.05 ? 173 LYS A CE  1 
ATOM   115  N  NZ  . LYS A 1 172 ? -6.802  9.364   2.567   1.00 36.59 ? 173 LYS A NZ  1 
ATOM   116  N  N   . ARG A 1 173 ? -7.573  6.768   -4.353  1.00 19.83 ? 174 ARG A N   1 
ATOM   117  C  CA  . ARG A 1 173 ? -7.462  6.505   -5.786  1.00 22.26 ? 174 ARG A CA  1 
ATOM   118  C  C   . ARG A 1 173 ? -8.459  7.323   -6.594  1.00 23.84 ? 174 ARG A C   1 
ATOM   119  O  O   . ARG A 1 173 ? -8.171  7.695   -7.738  1.00 26.23 ? 174 ARG A O   1 
ATOM   120  C  CB  . ARG A 1 173 ? -7.653  5.015   -6.059  1.00 18.55 ? 174 ARG A CB  1 
ATOM   121  C  CG  . ARG A 1 173 ? -6.497  4.151   -5.574  1.00 19.51 ? 174 ARG A CG  1 
ATOM   122  C  CD  . ARG A 1 173 ? -6.831  2.678   -5.685  1.00 17.95 ? 174 ARG A CD  1 
ATOM   123  N  NE  . ARG A 1 173 ? -6.959  2.240   -7.073  1.00 21.65 ? 174 ARG A NE  1 
ATOM   124  C  CZ  . ARG A 1 173 ? -5.948  1.788   -7.811  1.00 27.25 ? 174 ARG A CZ  1 
ATOM   125  N  NH1 . ARG A 1 173 ? -4.727  1.712   -7.293  1.00 20.89 ? 174 ARG A NH1 1 
ATOM   126  N  NH2 . ARG A 1 173 ? -6.158  1.404   -9.066  1.00 24.51 ? 174 ARG A NH2 1 
ATOM   127  N  N   . ALA A 1 174 ? -9.628  7.619   -6.020  1.00 20.45 ? 175 ALA A N   1 
ATOM   128  C  CA  . ALA A 1 174 ? -10.629 8.401   -6.737  1.00 21.76 ? 175 ALA A CA  1 
ATOM   129  C  C   . ALA A 1 174 ? -10.206 9.850   -6.934  1.00 27.49 ? 175 ALA A C   1 
ATOM   130  O  O   . ALA A 1 174 ? -10.781 10.539  -7.785  1.00 23.95 ? 175 ALA A O   1 
ATOM   131  C  CB  . ALA A 1 174 ? -11.967 8.342   -6.001  1.00 22.11 ? 175 ALA A CB  1 
ATOM   132  N  N   . LEU A 1 175 ? -9.222  10.330  -6.170  1.00 21.22 ? 176 LEU A N   1 
ATOM   133  C  CA  . LEU A 1 175 ? -8.711  11.683  -6.351  1.00 24.78 ? 176 LEU A CA  1 
ATOM   134  C  C   . LEU A 1 175 ? -7.891  11.843  -7.626  1.00 22.96 ? 176 LEU A C   1 
ATOM   135  O  O   . LEU A 1 175 ? -7.568  12.977  -7.995  1.00 28.57 ? 176 LEU A O   1 
ATOM   136  C  CB  . LEU A 1 175 ? -7.854  12.088  -5.146  1.00 21.62 ? 176 LEU A CB  1 
ATOM   137  C  CG  . LEU A 1 175 ? -8.546  12.074  -3.782  1.00 22.08 ? 176 LEU A CG  1 
ATOM   138  C  CD1 . LEU A 1 175 ? -7.542  12.315  -2.668  1.00 24.12 ? 176 LEU A CD1 1 
ATOM   139  C  CD2 . LEU A 1 175 ? -9.655  13.113  -3.738  1.00 23.54 ? 176 LEU A CD2 1 
ATOM   140  N  N   . HIS A 1 176 ? -7.544  10.751  -8.299  1.00 21.02 ? 177 HIS A N   1 
ATOM   141  C  CA  . HIS A 1 176 ? -6.650  10.786  -9.445  1.00 23.00 ? 177 HIS A CA  1 
ATOM   142  C  C   . HIS A 1 176 ? -7.399  10.429  -10.724 1.00 26.20 ? 177 HIS A C   1 
ATOM   143  O  O   . HIS A 1 176 ? -8.351  9.643   -10.708 1.00 27.03 ? 177 HIS A O   1 
ATOM   144  C  CB  . HIS A 1 176 ? -5.471  9.833   -9.231  1.00 24.87 ? 177 HIS A CB  1 
ATOM   145  C  CG  . HIS A 1 176 ? -4.576  10.243  -8.104  1.00 25.66 ? 177 HIS A CG  1 
ATOM   146  N  ND1 . HIS A 1 176 ? -3.377  10.893  -8.304  1.00 25.58 ? 177 HIS A ND1 1 
ATOM   147  C  CD2 . HIS A 1 176 ? -4.722  10.129  -6.762  1.00 28.04 ? 177 HIS A CD2 1 
ATOM   148  C  CE1 . HIS A 1 176 ? -2.814  11.145  -7.135  1.00 22.63 ? 177 HIS A CE1 1 
ATOM   149  N  NE2 . HIS A 1 176 ? -3.612  10.696  -6.183  1.00 22.94 ? 177 HIS A NE2 1 
ATOM   150  N  N   . LYS A 1 177 ? -6.962  11.031  -11.832 1.00 27.53 ? 178 LYS A N   1 
ATOM   151  C  CA  . LYS A 1 177 ? -7.571  10.779  -13.134 1.00 31.30 ? 178 LYS A CA  1 
ATOM   152  C  C   . LYS A 1 177 ? -7.543  9.296   -13.474 1.00 31.25 ? 178 LYS A C   1 
ATOM   153  O  O   . LYS A 1 177 ? -6.520  8.628   -13.304 1.00 25.90 ? 178 LYS A O   1 
ATOM   154  C  CB  . LYS A 1 177 ? -6.830  11.559  -14.229 1.00 33.19 ? 178 LYS A CB  1 
ATOM   155  C  CG  . LYS A 1 177 ? -6.910  13.071  -14.141 1.00 40.50 ? 178 LYS A CG  1 
ATOM   156  C  CD  . LYS A 1 177 ? -6.259  13.747  -15.342 1.00 51.09 ? 178 LYS A CD  1 
ATOM   157  C  CE  . LYS A 1 177 ? -6.612  15.232  -15.413 1.00 52.11 ? 178 LYS A CE  1 
ATOM   158  N  NZ  . LYS A 1 177 ? -6.147  16.007  -14.226 1.00 48.32 ? 178 LYS A NZ  1 
ATOM   159  N  N   . ASP A 1 178 ? -8.678  8.782   -13.953 1.00 28.05 ? 179 ASP A N   1 
ATOM   160  C  CA  . ASP A 1 178 ? -8.717  7.497   -14.657 1.00 27.35 ? 179 ASP A CA  1 
ATOM   161  C  C   . ASP A 1 178 ? -8.145  6.355   -13.816 1.00 31.09 ? 179 ASP A C   1 
ATOM   162  O  O   . ASP A 1 178 ? -7.485  5.452   -14.333 1.00 30.29 ? 179 ASP A O   1 
ATOM   163  C  CB  . ASP A 1 178 ? -7.979  7.594   -15.995 1.00 38.82 ? 179 ASP A CB  1 
ATOM   164  C  CG  . ASP A 1 178 ? -8.752  8.385   -17.034 1.00 54.30 ? 179 ASP A CG  1 
ATOM   165  O  OD1 . ASP A 1 178 ? -9.964  8.134   -17.195 1.00 56.34 ? 179 ASP A OD1 1 
ATOM   166  O  OD2 . ASP A 1 178 ? -8.148  9.266   -17.689 1.00 62.11 ? 179 ASP A OD2 1 
ATOM   167  N  N   . THR A 1 179 ? -8.392  6.388   -12.513 1.00 27.82 ? 180 THR A N   1 
ATOM   168  C  CA  . THR A 1 179 ? -7.854  5.374   -11.606 1.00 24.12 ? 180 THR A CA  1 
ATOM   169  C  C   . THR A 1 179 ? -8.990  4.606   -10.947 1.00 26.40 ? 180 THR A C   1 
ATOM   170  O  O   . THR A 1 179 ? -9.696  5.166   -10.087 1.00 31.08 ? 180 THR A O   1 
ATOM   171  C  CB  . THR A 1 179 ? -6.958  6.015   -10.547 1.00 24.80 ? 180 THR A CB  1 
ATOM   172  O  OG1 . THR A 1 179 ? -5.920  6.761   -11.195 1.00 26.58 ? 180 THR A OG1 1 
ATOM   173  C  CG2 . THR A 1 179 ? -6.329  4.943   -9.662  1.00 20.00 ? 180 THR A CG2 1 
ATOM   174  N  N   . PRO A 1 180 ? -9.203  3.341   -11.295 1.00 25.85 ? 181 PRO A N   1 
ATOM   175  C  CA  . PRO A 1 180 ? -10.350 2.605   -10.762 1.00 27.04 ? 181 PRO A CA  1 
ATOM   176  C  C   . PRO A 1 180 ? -10.116 2.147   -9.331  1.00 30.63 ? 181 PRO A C   1 
ATOM   177  O  O   . PRO A 1 180 ? -8.991  2.107   -8.830  1.00 25.90 ? 181 PRO A O   1 
ATOM   178  C  CB  . PRO A 1 180 ? -10.480 1.401   -11.708 1.00 29.59 ? 181 PRO A CB  1 
ATOM   179  C  CG  . PRO A 1 180 ? -9.323  1.512   -12.699 1.00 34.61 ? 181 PRO A CG  1 
ATOM   180  C  CD  . PRO A 1 180 ? -8.344  2.484   -12.125 1.00 28.03 ? 181 PRO A CD  1 
ATOM   181  N  N   . ALA A 1 181 ? -11.218 1.793   -8.679  1.00 25.62 ? 182 ALA A N   1 
ATOM   182  C  CA  . ALA A 1 181 ? -11.166 1.319   -7.307  1.00 27.40 ? 182 ALA A CA  1 
ATOM   183  C  C   . ALA A 1 181 ? -10.559 -0.077  -7.237  1.00 29.43 ? 182 ALA A C   1 
ATOM   184  O  O   . ALA A 1 181 ? -10.522 -0.824  -8.220  1.00 25.36 ? 182 ALA A O   1 
ATOM   185  C  CB  . ALA A 1 181 ? -12.563 1.302   -6.690  1.00 25.01 ? 182 ALA A CB  1 
ATOM   186  N  N   . LEU A 1 182 ? -10.081 -0.424  -6.047  1.00 21.15 ? 183 LEU A N   1 
ATOM   187  C  CA  . LEU A 1 182 ? -9.601  -1.765  -5.755  1.00 22.41 ? 183 LEU A CA  1 
ATOM   188  C  C   . LEU A 1 182 ? -10.706 -2.597  -5.116  1.00 24.10 ? 183 LEU A C   1 
ATOM   189  O  O   . LEU A 1 182 ? -11.690 -2.072  -4.590  1.00 24.95 ? 183 LEU A O   1 
ATOM   190  C  CB  . LEU A 1 182 ? -8.397  -1.719  -4.815  1.00 22.40 ? 183 LEU A CB  1 
ATOM   191  C  CG  . LEU A 1 182 ? -7.204  -0.867  -5.243  1.00 22.05 ? 183 LEU A CG  1 
ATOM   192  C  CD1 . LEU A 1 182 ? -6.145  -0.853  -4.146  1.00 21.48 ? 183 LEU A CD1 1 
ATOM   193  C  CD2 . LEU A 1 182 ? -6.630  -1.405  -6.540  1.00 21.57 ? 183 LEU A CD2 1 
ATOM   194  N  N   . SER A 1 183 ? -10.523 -3.913  -5.158  1.00 24.07 ? 184 SER A N   1 
ATOM   195  C  CA  . SER A 1 183 ? -11.343 -4.843  -4.402  1.00 23.71 ? 184 SER A CA  1 
ATOM   196  C  C   . SER A 1 183 ? -10.449 -5.637  -3.459  1.00 24.64 ? 184 SER A C   1 
ATOM   197  O  O   . SER A 1 183 ? -9.236  -5.748  -3.663  1.00 25.85 ? 184 SER A O   1 
ATOM   198  C  CB  . SER A 1 183 ? -12.125 -5.791  -5.326  1.00 27.38 ? 184 SER A CB  1 
ATOM   199  O  OG  . SER A 1 183 ? -11.255 -6.670  -6.015  1.00 30.86 ? 184 SER A OG  1 
ATOM   200  N  N   . TRP A 1 184 ? -11.058 -6.174  -2.407  1.00 23.56 ? 185 TRP A N   1 
ATOM   201  C  CA  . TRP A 1 184 ? -10.320 -6.954  -1.425  1.00 26.11 ? 185 TRP A CA  1 
ATOM   202  C  C   . TRP A 1 184 ? -10.140 -8.384  -1.916  1.00 31.12 ? 185 TRP A C   1 
ATOM   203  O  O   . TRP A 1 184 ? -11.048 -8.969  -2.514  1.00 29.90 ? 185 TRP A O   1 
ATOM   204  C  CB  . TRP A 1 184 ? -11.053 -6.948  -0.084  1.00 25.63 ? 185 TRP A CB  1 
ATOM   205  C  CG  . TRP A 1 184 ? -10.249 -7.485  1.060   1.00 24.93 ? 185 TRP A CG  1 
ATOM   206  C  CD1 . TRP A 1 184 ? -10.301 -8.745  1.581   1.00 27.54 ? 185 TRP A CD1 1 
ATOM   207  C  CD2 . TRP A 1 184 ? -9.286  -6.767  1.844   1.00 23.75 ? 185 TRP A CD2 1 
ATOM   208  N  NE1 . TRP A 1 184 ? -9.425  -8.860  2.633   1.00 22.36 ? 185 TRP A NE1 1 
ATOM   209  C  CE2 . TRP A 1 184 ? -8.789  -7.659  2.814   1.00 28.79 ? 185 TRP A CE2 1 
ATOM   210  C  CE3 . TRP A 1 184 ? -8.792  -5.458  1.813   1.00 25.57 ? 185 TRP A CE3 1 
ATOM   211  C  CZ2 . TRP A 1 184 ? -7.824  -7.285  3.749   1.00 24.74 ? 185 TRP A CZ2 1 
ATOM   212  C  CZ3 . TRP A 1 184 ? -7.833  -5.089  2.741   1.00 22.04 ? 185 TRP A CZ3 1 
ATOM   213  C  CH2 . TRP A 1 184 ? -7.362  -5.999  3.697   1.00 24.47 ? 185 TRP A CH2 1 
ATOM   214  N  N   . SER A 1 185 ? -8.959  -8.945  -1.665  1.00 27.51 ? 186 SER A N   1 
ATOM   215  C  CA  . SER A 1 185 ? -8.645  -10.322 -2.026  1.00 28.40 ? 186 SER A CA  1 
ATOM   216  C  C   . SER A 1 185 ? -8.352  -11.111 -0.758  1.00 32.56 ? 186 SER A C   1 
ATOM   217  O  O   . SER A 1 185 ? -7.444  -10.754 0.001   1.00 25.98 ? 186 SER A O   1 
ATOM   218  C  CB  . SER A 1 185 ? -7.452  -10.391 -2.980  1.00 28.92 ? 186 SER A CB  1 
ATOM   219  O  OG  . SER A 1 185 ? -6.915  -11.705 -3.016  1.00 26.92 ? 186 SER A OG  1 
ATOM   220  N  N   . ASP A 1 186 ? -9.116  -12.184 -0.537  1.00 29.53 ? 187 ASP A N   1 
ATOM   221  C  CA  . ASP A 1 186 ? -8.870  -13.037 0.621   1.00 31.26 ? 187 ASP A CA  1 
ATOM   222  C  C   . ASP A 1 186 ? -7.511  -13.717 0.544   1.00 33.68 ? 187 ASP A C   1 
ATOM   223  O  O   . ASP A 1 186 ? -6.866  -13.933 1.576   1.00 31.20 ? 187 ASP A O   1 
ATOM   224  C  CB  . ASP A 1 186 ? -9.978  -14.085 0.750   1.00 35.25 ? 187 ASP A CB  1 
ATOM   225  C  CG  . ASP A 1 186 ? -11.294 -13.489 1.207   1.00 45.96 ? 187 ASP A CG  1 
ATOM   226  O  OD1 . ASP A 1 186 ? -11.270 -12.400 1.816   1.00 40.71 ? 187 ASP A OD1 1 
ATOM   227  O  OD2 . ASP A 1 186 ? -12.349 -14.112 0.965   1.00 46.25 ? 187 ASP A OD2 1 
ATOM   228  N  N   . THR A 1 187 ? -7.059  -14.062 -0.664  1.00 27.93 ? 188 THR A N   1 
ATOM   229  C  CA  . THR A 1 187 ? -5.767  -14.728 -0.799  1.00 31.32 ? 188 THR A CA  1 
ATOM   230  C  C   . THR A 1 187 ? -4.618  -13.758 -0.544  1.00 28.96 ? 188 THR A C   1 
ATOM   231  O  O   . THR A 1 187 ? -3.633  -14.117 0.113   1.00 28.86 ? 188 THR A O   1 
ATOM   232  C  CB  . THR A 1 187 ? -5.645  -15.367 -2.183  1.00 32.89 ? 188 THR A CB  1 
ATOM   233  O  OG1 . THR A 1 187 ? -6.014  -14.416 -3.189  1.00 33.65 ? 188 THR A OG1 1 
ATOM   234  C  CG2 . THR A 1 187 ? -6.558  -16.582 -2.287  1.00 35.88 ? 188 THR A CG2 1 
ATOM   235  N  N   . LEU A 1 188 ? -4.728  -12.525 -1.047  1.00 27.92 ? 189 LEU A N   1 
ATOM   236  C  CA  . LEU A 1 188 ? -3.714  -11.518 -0.748  1.00 25.77 ? 189 LEU A CA  1 
ATOM   237  C  C   . LEU A 1 188 ? -3.648  -11.229 0.746   1.00 26.47 ? 189 LEU A C   1 
ATOM   238  O  O   . LEU A 1 188 ? -2.557  -11.065 1.307   1.00 25.53 ? 189 LEU A O   1 
ATOM   239  C  CB  . LEU A 1 188 ? -3.996  -10.233 -1.528  1.00 27.77 ? 189 LEU A CB  1 
ATOM   240  C  CG  . LEU A 1 188 ? -3.699  -10.247 -3.031  1.00 27.27 ? 189 LEU A CG  1 
ATOM   241  C  CD1 . LEU A 1 188 ? -3.998  -8.893  -3.654  1.00 25.58 ? 189 LEU A CD1 1 
ATOM   242  C  CD2 . LEU A 1 188 ? -2.254  -10.648 -3.289  1.00 28.39 ? 189 LEU A CD2 1 
ATOM   243  N  N   . ALA A 1 189 ? -4.808  -11.179 1.411   1.00 23.92 ? 190 ALA A N   1 
ATOM   244  C  CA  . ALA A 1 189 ? -4.840  -10.897 2.843   1.00 26.31 ? 190 ALA A CA  1 
ATOM   245  C  C   . ALA A 1 189 ? -4.247  -12.046 3.651   1.00 31.15 ? 190 ALA A C   1 
ATOM   246  O  O   . ALA A 1 189 ? -3.578  -11.816 4.666   1.00 26.15 ? 190 ALA A O   1 
ATOM   247  C  CB  . ALA A 1 189 ? -6.273  -10.607 3.288   1.00 27.82 ? 190 ALA A CB  1 
ATOM   248  N  N   . SER A 1 190 ? -4.485  -13.290 3.223   1.00 26.07 ? 191 SER A N   1 
ATOM   249  C  CA  . SER A 1 190 ? -3.855  -14.429 3.885   1.00 29.70 ? 191 SER A CA  1 
ATOM   250  C  C   . SER A 1 190 ? -2.338  -14.357 3.772   1.00 26.66 ? 191 SER A C   1 
ATOM   251  O  O   . SER A 1 190 ? -1.619  -14.672 4.728   1.00 28.93 ? 191 SER A O   1 
ATOM   252  C  CB  . SER A 1 190 ? -4.371  -15.740 3.291   1.00 29.77 ? 191 SER A CB  1 
ATOM   253  O  OG  . SER A 1 190 ? -5.763  -15.887 3.515   1.00 39.33 ? 191 SER A OG  1 
ATOM   254  N  N   . TYR A 1 191 ? -1.835  -13.946 2.606   1.00 27.89 ? 192 TYR A N   1 
ATOM   255  C  CA  . TYR A 1 191 ? -0.398  -13.760 2.438   1.00 27.34 ? 192 TYR A CA  1 
ATOM   256  C  C   . TYR A 1 191 ? 0.123   -12.671 3.367   1.00 28.99 ? 192 TYR A C   1 
ATOM   257  O  O   . TYR A 1 191 ? 1.122   -12.860 4.072   1.00 23.07 ? 192 TYR A O   1 
ATOM   258  C  CB  . TYR A 1 191 ? -0.088  -13.418 0.979   1.00 24.66 ? 192 TYR A CB  1 
ATOM   259  C  CG  . TYR A 1 191 ? 1.379   -13.181 0.689   1.00 27.69 ? 192 TYR A CG  1 
ATOM   260  C  CD1 . TYR A 1 191 ? 2.191   -14.213 0.237   1.00 30.06 ? 192 TYR A CD1 1 
ATOM   261  C  CD2 . TYR A 1 191 ? 1.950   -11.924 0.855   1.00 23.93 ? 192 TYR A CD2 1 
ATOM   262  C  CE1 . TYR A 1 191 ? 3.530   -14.003 -0.036  1.00 25.71 ? 192 TYR A CE1 1 
ATOM   263  C  CE2 . TYR A 1 191 ? 3.287   -11.706 0.589   1.00 26.23 ? 192 TYR A CE2 1 
ATOM   264  C  CZ  . TYR A 1 191 ? 4.074   -12.749 0.143   1.00 31.77 ? 192 TYR A CZ  1 
ATOM   265  O  OH  . TYR A 1 191 ? 5.406   -12.537 -0.127  1.00 27.58 ? 192 TYR A OH  1 
ATOM   266  N  N   . ALA A 1 192 ? -0.543  -11.515 3.374   1.00 26.01 ? 193 ALA A N   1 
ATOM   267  C  CA  . ALA A 1 192 ? -0.059  -10.391 4.165   1.00 30.19 ? 193 ALA A CA  1 
ATOM   268  C  C   . ALA A 1 192 ? -0.141  -10.682 5.658   1.00 24.38 ? 193 ALA A C   1 
ATOM   269  O  O   . ALA A 1 192 ? 0.804   -10.395 6.403   1.00 23.77 ? 193 ALA A O   1 
ATOM   270  C  CB  . ALA A 1 192 ? -0.846  -9.128  3.814   1.00 22.67 ? 193 ALA A CB  1 
ATOM   271  N  N   . GLN A 1 193 ? -1.259  -11.254 6.117   1.00 22.34 ? 194 GLN A N   1 
ATOM   272  C  CA  . GLN A 1 193 ? -1.404  -11.527 7.543   1.00 27.63 ? 194 GLN A CA  1 
ATOM   273  C  C   . GLN A 1 193 ? -0.385  -12.551 8.021   1.00 27.27 ? 194 GLN A C   1 
ATOM   274  O  O   . GLN A 1 193 ? 0.095   -12.460 9.155   1.00 25.56 ? 194 GLN A O   1 
ATOM   275  C  CB  . GLN A 1 193 ? -2.823  -12.003 7.862   1.00 25.93 ? 194 GLN A CB  1 
ATOM   276  C  CG  . GLN A 1 193 ? -3.093  -12.163 9.360   1.00 29.53 ? 194 GLN A CG  1 
ATOM   277  C  CD  . GLN A 1 193 ? -2.931  -10.861 10.133  1.00 25.31 ? 194 GLN A CD  1 
ATOM   278  O  OE1 . GLN A 1 193 ? -3.551  -9.851  9.804   1.00 25.59 ? 194 GLN A OE1 1 
ATOM   279  N  NE2 . GLN A 1 193 ? -2.091  -10.881 11.165  1.00 20.14 ? 194 GLN A NE2 1 
ATOM   280  N  N   . ASP A 1 194 ? -0.035  -13.524 7.177   1.00 25.26 ? 195 ASP A N   1 
ATOM   281  C  CA  . ASP A 1 194 ? 1.005   -14.475 7.557   1.00 31.74 ? 195 ASP A CA  1 
ATOM   282  C  C   . ASP A 1 194 ? 2.342   -13.771 7.751   1.00 30.64 ? 195 ASP A C   1 
ATOM   283  O  O   . ASP A 1 194 ? 3.073   -14.061 8.705   1.00 28.59 ? 195 ASP A O   1 
ATOM   284  C  CB  . ASP A 1 194 ? 1.125   -15.579 6.507   1.00 29.90 ? 195 ASP A CB  1 
ATOM   285  C  CG  . ASP A 1 194 ? 2.238   -16.561 6.820   1.00 42.81 ? 195 ASP A CG  1 
ATOM   286  O  OD1 . ASP A 1 194 ? 2.017   -17.470 7.649   1.00 44.97 ? 195 ASP A OD1 1 
ATOM   287  O  OD2 . ASP A 1 194 ? 3.336   -16.422 6.241   1.00 46.71 ? 195 ASP A OD2 1 
ATOM   288  N  N   . TYR A 1 195 ? 2.671   -12.832 6.859   1.00 29.10 ? 196 TYR A N   1 
ATOM   289  C  CA  . TYR A 1 195 ? 3.907   -12.069 7.008   1.00 27.40 ? 196 TYR A CA  1 
ATOM   290  C  C   . TYR A 1 195 ? 3.849   -11.167 8.235   1.00 28.73 ? 196 TYR A C   1 
ATOM   291  O  O   . TYR A 1 195 ? 4.849   -11.009 8.945   1.00 26.75 ? 196 TYR A O   1 
ATOM   292  C  CB  . TYR A 1 195 ? 4.167   -11.254 5.741   1.00 28.71 ? 196 TYR A CB  1 
ATOM   293  C  CG  . TYR A 1 195 ? 5.590   -10.764 5.582   1.00 33.43 ? 196 TYR A CG  1 
ATOM   294  C  CD1 . TYR A 1 195 ? 6.629   -11.654 5.344   1.00 32.50 ? 196 TYR A CD1 1 
ATOM   295  C  CD2 . TYR A 1 195 ? 5.891   -9.408  5.648   1.00 37.64 ? 196 TYR A CD2 1 
ATOM   296  C  CE1 . TYR A 1 195 ? 7.930   -11.214 5.192   1.00 40.98 ? 196 TYR A CE1 1 
ATOM   297  C  CE2 . TYR A 1 195 ? 7.193   -8.954  5.492   1.00 32.46 ? 196 TYR A CE2 1 
ATOM   298  C  CZ  . TYR A 1 195 ? 8.208   -9.864  5.264   1.00 38.84 ? 196 TYR A CZ  1 
ATOM   299  O  OH  . TYR A 1 195 ? 9.503   -9.423  5.109   1.00 36.32 ? 196 TYR A OH  1 
ATOM   300  N  N   . ALA A 1 196 ? 2.684   -10.571 8.502   1.00 26.90 ? 197 ALA A N   1 
ATOM   301  C  CA  . ALA A 1 196 ? 2.523   -9.768  9.709   1.00 24.07 ? 197 ALA A CA  1 
ATOM   302  C  C   . ALA A 1 196 ? 2.647   -10.628 10.960  1.00 28.38 ? 197 ALA A C   1 
ATOM   303  O  O   . ALA A 1 196 ? 3.273   -10.214 11.944  1.00 22.98 ? 197 ALA A O   1 
ATOM   304  C  CB  . ALA A 1 196 ? 1.176   -9.047  9.685   1.00 24.10 ? 197 ALA A CB  1 
ATOM   305  N  N   . ASP A 1 197 ? 2.053   -11.828 10.944  1.00 27.09 ? 198 ASP A N   1 
ATOM   306  C  CA  . ASP A 1 197 ? 2.190   -12.745 12.073  1.00 33.30 ? 198 ASP A CA  1 
ATOM   307  C  C   . ASP A 1 197 ? 3.654   -12.974 12.427  1.00 29.14 ? 198 ASP A C   1 
ATOM   308  O  O   . ASP A 1 197 ? 4.018   -13.009 13.609  1.00 30.31 ? 198 ASP A O   1 
ATOM   309  C  CB  . ASP A 1 197 ? 1.519   -14.086 11.759  1.00 28.10 ? 198 ASP A CB  1 
ATOM   310  C  CG  . ASP A 1 197 ? 0.002   -14.008 11.767  1.00 32.02 ? 198 ASP A CG  1 
ATOM   311  O  OD1 . ASP A 1 197 ? -0.553  -13.007 12.269  1.00 34.99 ? 198 ASP A OD1 1 
ATOM   312  O  OD2 . ASP A 1 197 ? -0.637  -14.961 11.277  1.00 34.47 ? 198 ASP A OD2 1 
ATOM   313  N  N   . ASN A 1 198 ? 4.507   -13.112 11.416  1.00 28.28 ? 199 ASN A N   1 
ATOM   314  C  CA  . ASN A 1 198 ? 5.901   -13.488 11.608  1.00 31.57 ? 199 ASN A CA  1 
ATOM   315  C  C   . ASN A 1 198 ? 6.849   -12.299 11.711  1.00 32.28 ? 199 ASN A C   1 
ATOM   316  O  O   . ASN A 1 198 ? 8.063   -12.507 11.801  1.00 27.01 ? 199 ASN A O   1 
ATOM   317  C  CB  . ASN A 1 198 ? 6.361   -14.395 10.461  1.00 34.36 ? 199 ASN A CB  1 
ATOM   318  C  CG  . ASN A 1 198 ? 5.740   -15.777 10.526  1.00 50.24 ? 199 ASN A CG  1 
ATOM   319  O  OD1 . ASN A 1 198 ? 5.276   -16.216 11.580  1.00 49.38 ? 199 ASN A OD1 1 
ATOM   320  N  ND2 . ASN A 1 198 ? 5.734   -16.475 9.396   1.00 51.94 ? 199 ASN A ND2 1 
ATOM   321  N  N   . TYR A 1 199 ? 6.340   -11.068 11.699  1.00 23.91 ? 200 TYR A N   1 
ATOM   322  C  CA  . TYR A 1 199 ? 7.225   -9.910  11.732  1.00 24.38 ? 200 TYR A CA  1 
ATOM   323  C  C   . TYR A 1 199 ? 7.972   -9.843  13.061  1.00 20.47 ? 200 TYR A C   1 
ATOM   324  O  O   . TYR A 1 199 ? 7.395   -10.065 14.128  1.00 24.10 ? 200 TYR A O   1 
ATOM   325  C  CB  . TYR A 1 199 ? 6.433   -8.622  11.501  1.00 22.43 ? 200 TYR A CB  1 
ATOM   326  C  CG  . TYR A 1 199 ? 7.293   -7.389  11.616  1.00 21.73 ? 200 TYR A CG  1 
ATOM   327  C  CD1 . TYR A 1 199 ? 8.382   -7.201  10.774  1.00 22.71 ? 200 TYR A CD1 1 
ATOM   328  C  CD2 . TYR A 1 199 ? 7.031   -6.422  12.578  1.00 18.05 ? 200 TYR A CD2 1 
ATOM   329  C  CE1 . TYR A 1 199 ? 9.184   -6.080  10.881  1.00 24.94 ? 200 TYR A CE1 1 
ATOM   330  C  CE2 . TYR A 1 199 ? 7.825   -5.294  12.688  1.00 20.58 ? 200 TYR A CE2 1 
ATOM   331  C  CZ  . TYR A 1 199 ? 8.902   -5.131  11.842  1.00 23.37 ? 200 TYR A CZ  1 
ATOM   332  O  OH  . TYR A 1 199 ? 9.698   -4.014  11.954  1.00 23.55 ? 200 TYR A OH  1 
ATOM   333  N  N   . ASP A 1 200 ? 9.270   -9.529  12.991  1.00 23.56 ? 201 ASP A N   1 
ATOM   334  C  CA  . ASP A 1 200 ? 10.138  -9.629  14.161  1.00 22.96 ? 201 ASP A CA  1 
ATOM   335  C  C   . ASP A 1 200 ? 10.048  -8.433  15.104  1.00 22.81 ? 201 ASP A C   1 
ATOM   336  O  O   . ASP A 1 200 ? 10.776  -8.410  16.103  1.00 20.87 ? 201 ASP A O   1 
ATOM   337  C  CB  . ASP A 1 200 ? 11.598  -9.845  13.731  1.00 21.95 ? 201 ASP A CB  1 
ATOM   338  C  CG  . ASP A 1 200 ? 12.197  -8.657  12.979  1.00 28.95 ? 201 ASP A CG  1 
ATOM   339  O  OD1 . ASP A 1 200 ? 11.567  -7.583  12.884  1.00 27.55 ? 201 ASP A OD1 1 
ATOM   340  O  OD2 . ASP A 1 200 ? 13.330  -8.806  12.479  1.00 32.54 ? 201 ASP A OD2 1 
ATOM   341  N  N   . CYS A 1 201 ? 9.188   -7.453  14.817  1.00 20.65 ? 202 CYS A N   1 
ATOM   342  C  CA  . CYS A 1 201 ? 9.005   -6.283  15.684  1.00 21.80 ? 202 CYS A CA  1 
ATOM   343  C  C   . CYS A 1 201 ? 10.339  -5.617  16.031  1.00 21.33 ? 202 CYS A C   1 
ATOM   344  O  O   . CYS A 1 201 ? 10.550  -5.138  17.148  1.00 21.10 ? 202 CYS A O   1 
ATOM   345  C  CB  . CYS A 1 201 ? 8.232   -6.655  16.951  1.00 21.81 ? 202 CYS A CB  1 
ATOM   346  S  SG  . CYS A 1 201 ? 6.491   -7.081  16.663  1.00 21.86 ? 202 CYS A SG  1 
ATOM   347  N  N   . SER A 1 202 ? 11.249  -5.580  15.057  1.00 22.46 ? 203 SER A N   1 
ATOM   348  C  CA  . SER A 1 202 ? 12.558  -4.972  15.261  1.00 25.71 ? 203 SER A CA  1 
ATOM   349  C  C   . SER A 1 202 ? 12.574  -3.476  14.989  1.00 27.76 ? 203 SER A C   1 
ATOM   350  O  O   . SER A 1 202 ? 13.529  -2.798  15.388  1.00 28.23 ? 203 SER A O   1 
ATOM   351  C  CB  . SER A 1 202 ? 13.602  -5.642  14.363  1.00 27.37 ? 203 SER A CB  1 
ATOM   352  O  OG  . SER A 1 202 ? 13.305  -5.420  12.993  1.00 25.24 ? 203 SER A OG  1 
ATOM   353  N  N   . GLY A 1 203 ? 11.549  -2.946  14.324  1.00 26.15 ? 204 GLY A N   1 
ATOM   354  C  CA  . GLY A 1 203 ? 11.564  -1.578  13.861  1.00 30.99 ? 204 GLY A CA  1 
ATOM   355  C  C   . GLY A 1 203 ? 12.051  -1.407  12.440  1.00 29.60 ? 204 GLY A C   1 
ATOM   356  O  O   . GLY A 1 203 ? 11.879  -0.322  11.869  1.00 38.72 ? 204 GLY A O   1 
ATOM   357  N  N   . THR A 1 204 ? 12.649  -2.441  11.853  1.00 27.45 ? 205 THR A N   1 
ATOM   358  C  CA  . THR A 1 204 ? 13.109  -2.411  10.473  1.00 37.88 ? 205 THR A CA  1 
ATOM   359  C  C   . THR A 1 204 ? 12.041  -2.989  9.553   1.00 34.89 ? 205 THR A C   1 
ATOM   360  O  O   . THR A 1 204 ? 11.420  -4.009  9.866   1.00 28.88 ? 205 THR A O   1 
ATOM   361  C  CB  . THR A 1 204 ? 14.414  -3.200  10.328  1.00 41.63 ? 205 THR A CB  1 
ATOM   362  O  OG1 . THR A 1 204 ? 15.468  -2.509  11.009  1.00 39.81 ? 205 THR A OG1 1 
ATOM   363  C  CG2 . THR A 1 204 ? 14.793  -3.377  8.863   1.00 43.51 ? 205 THR A CG2 1 
ATOM   364  N  N   . LEU A 1 205 ? 11.820  -2.327  8.420   1.00 29.59 ? 206 LEU A N   1 
ATOM   365  C  CA  . LEU A 1 205 ? 10.849  -2.771  7.428   1.00 26.82 ? 206 LEU A CA  1 
ATOM   366  C  C   . LEU A 1 205 ? 11.594  -3.369  6.242   1.00 34.01 ? 206 LEU A C   1 
ATOM   367  O  O   . LEU A 1 205 ? 12.326  -2.661  5.542   1.00 39.27 ? 206 LEU A O   1 
ATOM   368  C  CB  . LEU A 1 205 ? 9.950   -1.617  6.984   1.00 26.37 ? 206 LEU A CB  1 
ATOM   369  C  CG  . LEU A 1 205 ? 9.111   -0.982  8.098   1.00 26.46 ? 206 LEU A CG  1 
ATOM   370  C  CD1 . LEU A 1 205 ? 8.309   0.190   7.564   1.00 27.42 ? 206 LEU A CD1 1 
ATOM   371  C  CD2 . LEU A 1 205 ? 8.192   -2.009  8.744   1.00 24.09 ? 206 LEU A CD2 1 
ATOM   372  N  N   . THR A 1 206 ? 11.413  -4.670  6.029   1.00 25.94 ? 207 THR A N   1 
ATOM   373  C  CA  . THR A 1 206 ? 12.024  -5.394  4.923   1.00 26.98 ? 207 THR A CA  1 
ATOM   374  C  C   . THR A 1 206 ? 10.922  -6.041  4.096   1.00 27.99 ? 207 THR A C   1 
ATOM   375  O  O   . THR A 1 206 ? 10.010  -6.661  4.651   1.00 21.79 ? 207 THR A O   1 
ATOM   376  C  CB  . THR A 1 206 ? 12.999  -6.464  5.426   1.00 37.26 ? 207 THR A CB  1 
ATOM   377  O  OG1 . THR A 1 206 ? 13.955  -5.867  6.312   1.00 33.57 ? 207 THR A OG1 1 
ATOM   378  C  CG2 . THR A 1 206 ? 13.734  -7.114  4.261   1.00 35.86 ? 207 THR A CG2 1 
ATOM   379  N  N   . HIS A 1 207 ? 11.005  -5.897  2.778   1.00 28.55 ? 208 HIS A N   1 
ATOM   380  C  CA  . HIS A 1 207 ? 9.983   -6.464  1.913   1.00 23.14 ? 208 HIS A CA  1 
ATOM   381  C  C   . HIS A 1 207 ? 10.061  -7.989  1.901   1.00 31.28 ? 208 HIS A C   1 
ATOM   382  O  O   . HIS A 1 207 ? 11.121  -8.586  2.106   1.00 27.56 ? 208 HIS A O   1 
ATOM   383  C  CB  . HIS A 1 207 ? 10.113  -5.909  0.496   1.00 32.02 ? 208 HIS A CB  1 
ATOM   384  C  CG  . HIS A 1 207 ? 9.611   -4.506  0.356   1.00 47.87 ? 208 HIS A CG  1 
ATOM   385  N  ND1 . HIS A 1 207 ? 10.448  -3.431  0.149   1.00 53.17 ? 208 HIS A ND1 1 
ATOM   386  C  CD2 . HIS A 1 207 ? 8.356   -3.999  0.416   1.00 34.23 ? 208 HIS A CD2 1 
ATOM   387  C  CE1 . HIS A 1 207 ? 9.731   -2.324  0.074   1.00 53.76 ? 208 HIS A CE1 1 
ATOM   388  N  NE2 . HIS A 1 207 ? 8.459   -2.641  0.232   1.00 49.12 ? 208 HIS A NE2 1 
ATOM   389  N  N   . SER A 1 208 ? 8.908   -8.619  1.667   1.00 29.78 ? 209 SER A N   1 
ATOM   390  C  CA  . SER A 1 208 ? 8.827   -10.074 1.714   1.00 31.57 ? 209 SER A CA  1 
ATOM   391  C  C   . SER A 1 208 ? 9.477   -10.737 0.508   1.00 32.97 ? 209 SER A C   1 
ATOM   392  O  O   . SER A 1 208 ? 9.790   -11.931 0.568   1.00 40.74 ? 209 SER A O   1 
ATOM   393  C  CB  . SER A 1 208 ? 7.365   -10.516 1.818   1.00 34.27 ? 209 SER A CB  1 
ATOM   394  O  OG  . SER A 1 208 ? 6.666   -10.247 0.615   1.00 29.28 ? 209 SER A OG  1 
ATOM   395  N  N   . GLY A 1 209 ? 9.687   -9.998  -0.579  1.00 32.43 ? 210 GLY A N   1 
ATOM   396  C  CA  . GLY A 1 209 ? 10.245  -10.591 -1.778  1.00 38.50 ? 210 GLY A CA  1 
ATOM   397  C  C   . GLY A 1 209 ? 9.309   -11.520 -2.517  1.00 41.10 ? 210 GLY A C   1 
ATOM   398  O  O   . GLY A 1 209 ? 9.764   -12.313 -3.346  1.00 37.16 ? 210 GLY A O   1 
ATOM   399  N  N   . GLY A 1 210 ? 8.009   -11.445 -2.243  1.00 31.07 ? 211 GLY A N   1 
ATOM   400  C  CA  . GLY A 1 210 ? 7.039   -12.292 -2.894  1.00 32.64 ? 211 GLY A CA  1 
ATOM   401  C  C   . GLY A 1 210 ? 6.653   -11.774 -4.264  1.00 29.77 ? 211 GLY A C   1 
ATOM   402  O  O   . GLY A 1 210 ? 7.262   -10.839 -4.793  1.00 35.88 ? 211 GLY A O   1 
ATOM   403  N  N   . PRO A 1 211 ? 5.622   -12.375 -4.867  1.00 35.71 ? 212 PRO A N   1 
ATOM   404  C  CA  . PRO A 1 211 ? 5.237   -11.990 -6.232  1.00 36.08 ? 212 PRO A CA  1 
ATOM   405  C  C   . PRO A 1 211 ? 4.310   -10.785 -6.311  1.00 41.59 ? 212 PRO A C   1 
ATOM   406  O  O   . PRO A 1 211 ? 4.016   -10.332 -7.426  1.00 32.47 ? 212 PRO A O   1 
ATOM   407  C  CB  . PRO A 1 211 ? 4.535   -13.247 -6.755  1.00 42.80 ? 212 PRO A CB  1 
ATOM   408  C  CG  . PRO A 1 211 ? 3.895   -13.821 -5.530  1.00 37.11 ? 212 PRO A CG  1 
ATOM   409  C  CD  . PRO A 1 211 ? 4.838   -13.524 -4.378  1.00 35.29 ? 212 PRO A CD  1 
ATOM   410  N  N   . TYR A 1 212 ? 3.846   -10.251 -5.187  1.00 30.65 ? 213 TYR A N   1 
ATOM   411  C  CA  . TYR A 1 212 ? 2.883   -9.159  -5.191  1.00 31.60 ? 213 TYR A CA  1 
ATOM   412  C  C   . TYR A 1 212 ? 3.554   -7.831  -4.862  1.00 26.61 ? 213 TYR A C   1 
ATOM   413  O  O   . TYR A 1 212 ? 4.644   -7.780  -4.285  1.00 29.11 ? 213 TYR A O   1 
ATOM   414  C  CB  . TYR A 1 212 ? 1.763   -9.428  -4.185  1.00 28.82 ? 213 TYR A CB  1 
ATOM   415  C  CG  . TYR A 1 212 ? 1.224   -10.835 -4.232  1.00 29.35 ? 213 TYR A CG  1 
ATOM   416  C  CD1 . TYR A 1 212 ? 0.560   -11.306 -5.356  1.00 33.62 ? 213 TYR A CD1 1 
ATOM   417  C  CD2 . TYR A 1 212 ? 1.375   -11.692 -3.150  1.00 29.82 ? 213 TYR A CD2 1 
ATOM   418  C  CE1 . TYR A 1 212 ? 0.061   -12.594 -5.402  1.00 39.34 ? 213 TYR A CE1 1 
ATOM   419  C  CE2 . TYR A 1 212 ? 0.881   -12.982 -3.185  1.00 34.45 ? 213 TYR A CE2 1 
ATOM   420  C  CZ  . TYR A 1 212 ? 0.227   -13.429 -4.315  1.00 41.35 ? 213 TYR A CZ  1 
ATOM   421  O  OH  . TYR A 1 212 ? -0.269  -14.713 -4.356  1.00 46.71 ? 213 TYR A OH  1 
ATOM   422  N  N   . GLY A 1 213 ? 2.882   -6.743  -5.239  1.00 25.07 ? 214 GLY A N   1 
ATOM   423  C  CA  . GLY A 1 213 ? 3.246   -5.446  -4.712  1.00 25.82 ? 214 GLY A CA  1 
ATOM   424  C  C   . GLY A 1 213 ? 3.119   -5.418  -3.202  1.00 19.63 ? 214 GLY A C   1 
ATOM   425  O  O   . GLY A 1 213 ? 2.459   -6.265  -2.593  1.00 22.14 ? 214 GLY A O   1 
ATOM   426  N  N   . GLU A 1 214 ? 3.765   -4.434  -2.578  1.00 23.38 ? 215 GLU A N   1 
ATOM   427  C  CA  . GLU A 1 214 ? 3.849   -4.455  -1.124  1.00 21.18 ? 215 GLU A CA  1 
ATOM   428  C  C   . GLU A 1 214 ? 4.100   -3.058  -0.577  1.00 21.75 ? 215 GLU A C   1 
ATOM   429  O  O   . GLU A 1 214 ? 4.985   -2.347  -1.064  1.00 21.25 ? 215 GLU A O   1 
ATOM   430  C  CB  . GLU A 1 214 ? 4.954   -5.410  -0.668  1.00 23.81 ? 215 GLU A CB  1 
ATOM   431  C  CG  . GLU A 1 214 ? 4.853   -5.819  0.785   1.00 25.59 ? 215 GLU A CG  1 
ATOM   432  C  CD  . GLU A 1 214 ? 5.770   -6.973  1.112   1.00 24.35 ? 215 GLU A CD  1 
ATOM   433  O  OE1 . GLU A 1 214 ? 6.867   -6.725  1.649   1.00 26.54 ? 215 GLU A OE1 1 
ATOM   434  O  OE2 . GLU A 1 214 ? 5.401   -8.126  0.810   1.00 26.23 ? 215 GLU A OE2 1 
ATOM   435  N  N   . ASN A 1 215 ? 3.317   -2.678  0.433   1.00 21.06 ? 216 ASN A N   1 
ATOM   436  C  CA  . ASN A 1 215 ? 3.537   -1.481  1.234   1.00 19.11 ? 216 ASN A CA  1 
ATOM   437  C  C   . ASN A 1 215 ? 3.624   -1.886  2.699   1.00 19.09 ? 216 ASN A C   1 
ATOM   438  O  O   . ASN A 1 215 ? 2.845   -2.725  3.164   1.00 21.82 ? 216 ASN A O   1 
ATOM   439  C  CB  . ASN A 1 215 ? 2.404   -0.452  1.056   1.00 17.80 ? 216 ASN A CB  1 
ATOM   440  C  CG  . ASN A 1 215 ? 2.504   0.324   -0.245  1.00 24.14 ? 216 ASN A CG  1 
ATOM   441  O  OD1 . ASN A 1 215 ? 3.581   0.470   -0.817  1.00 20.60 ? 216 ASN A OD1 1 
ATOM   442  N  ND2 . ASN A 1 215 ? 1.369   0.848   -0.708  1.00 21.81 ? 216 ASN A ND2 1 
ATOM   443  N  N   . LEU A 1 216 ? 4.565   -1.288  3.426   1.00 17.77 ? 217 LEU A N   1 
ATOM   444  C  CA  . LEU A 1 216 ? 4.791   -1.611  4.829   1.00 20.64 ? 217 LEU A CA  1 
ATOM   445  C  C   . LEU A 1 216 ? 4.754   -0.344  5.673   1.00 16.21 ? 217 LEU A C   1 
ATOM   446  O  O   . LEU A 1 216 ? 5.136   0.736   5.211   1.00 21.24 ? 217 LEU A O   1 
ATOM   447  C  CB  . LEU A 1 216 ? 6.142   -2.312  5.039   1.00 20.73 ? 217 LEU A CB  1 
ATOM   448  C  CG  . LEU A 1 216 ? 6.430   -3.554  4.195   1.00 24.81 ? 217 LEU A CG  1 
ATOM   449  C  CD1 . LEU A 1 216 ? 7.865   -4.008  4.401   1.00 26.62 ? 217 LEU A CD1 1 
ATOM   450  C  CD2 . LEU A 1 216 ? 5.457   -4.663  4.551   1.00 19.57 ? 217 LEU A CD2 1 
ATOM   451  N  N   . ALA A 1 217 ? 4.318   -0.495  6.924   1.00 19.78 ? 218 ALA A N   1 
ATOM   452  C  CA  . ALA A 1 217 ? 4.279   0.616   7.867   1.00 19.67 ? 218 ALA A CA  1 
ATOM   453  C  C   . ALA A 1 217 ? 4.365   0.088   9.293   1.00 19.30 ? 218 ALA A C   1 
ATOM   454  O  O   . ALA A 1 217 ? 3.965   -1.044  9.580   1.00 18.55 ? 218 ALA A O   1 
ATOM   455  C  CB  . ALA A 1 217 ? 3.011   1.463   7.697   1.00 22.44 ? 218 ALA A CB  1 
ATOM   456  N  N   . LEU A 1 218 ? 4.897   0.924   10.185  1.00 17.97 ? 219 LEU A N   1 
ATOM   457  C  CA  . LEU A 1 218 ? 5.009   0.589   11.599  1.00 18.75 ? 219 LEU A CA  1 
ATOM   458  C  C   . LEU A 1 218 ? 4.649   1.822   12.413  1.00 19.01 ? 219 LEU A C   1 
ATOM   459  O  O   . LEU A 1 218 ? 5.295   2.866   12.280  1.00 20.62 ? 219 LEU A O   1 
ATOM   460  C  CB  . LEU A 1 218 ? 6.420   0.105   11.945  1.00 18.94 ? 219 LEU A CB  1 
ATOM   461  C  CG  . LEU A 1 218 ? 6.611   -0.449  13.359  1.00 21.77 ? 219 LEU A CG  1 
ATOM   462  C  CD1 . LEU A 1 218 ? 5.803   -1.730  13.553  1.00 21.66 ? 219 LEU A CD1 1 
ATOM   463  C  CD2 . LEU A 1 218 ? 8.081   -0.693  13.630  1.00 22.00 ? 219 LEU A CD2 1 
ATOM   464  N  N   . GLY A 1 219 ? 3.619   1.704   13.246  1.00 19.88 ? 220 GLY A N   1 
ATOM   465  C  CA  . GLY A 1 219 ? 3.173   2.800   14.085  1.00 20.73 ? 220 GLY A CA  1 
ATOM   466  C  C   . GLY A 1 219 ? 1.803   3.356   13.757  1.00 25.01 ? 220 GLY A C   1 
ATOM   467  O  O   . GLY A 1 219 ? 1.376   4.314   14.412  1.00 24.08 ? 220 GLY A O   1 
ATOM   468  N  N   . TYR A 1 220 ? 1.097   2.794   12.776  1.00 19.94 ? 221 TYR A N   1 
ATOM   469  C  CA  . TYR A 1 220 ? -0.226  3.260   12.385  1.00 23.05 ? 221 TYR A CA  1 
ATOM   470  C  C   . TYR A 1 220 ? -1.192  2.086   12.342  1.00 21.11 ? 221 TYR A C   1 
ATOM   471  O  O   . TYR A 1 220 ? -0.797  0.955   12.041  1.00 22.48 ? 221 TYR A O   1 
ATOM   472  C  CB  . TYR A 1 220 ? -0.207  3.929   10.999  1.00 20.52 ? 221 TYR A CB  1 
ATOM   473  C  CG  . TYR A 1 220 ? 0.950   4.872   10.769  1.00 18.57 ? 221 TYR A CG  1 
ATOM   474  C  CD1 . TYR A 1 220 ? 0.852   6.216   11.099  1.00 26.62 ? 221 TYR A CD1 1 
ATOM   475  C  CD2 . TYR A 1 220 ? 2.142   4.417   10.212  1.00 24.79 ? 221 TYR A CD2 1 
ATOM   476  C  CE1 . TYR A 1 220 ? 1.914   7.084   10.887  1.00 30.00 ? 221 TYR A CE1 1 
ATOM   477  C  CE2 . TYR A 1 220 ? 3.206   5.277   9.997   1.00 23.95 ? 221 TYR A CE2 1 
ATOM   478  C  CZ  . TYR A 1 220 ? 3.086   6.609   10.336  1.00 28.08 ? 221 TYR A CZ  1 
ATOM   479  O  OH  . TYR A 1 220 ? 4.142   7.466   10.123  1.00 32.55 ? 221 TYR A OH  1 
ATOM   480  N  N   . ASP A 1 221 ? -2.467  2.357   12.617  1.00 23.04 ? 222 ASP A N   1 
ATOM   481  C  CA  . ASP A 1 221 ? -3.476  1.358   12.303  1.00 27.24 ? 222 ASP A CA  1 
ATOM   482  C  C   . ASP A 1 221 ? -3.669  1.310   10.787  1.00 27.63 ? 222 ASP A C   1 
ATOM   483  O  O   . ASP A 1 221 ? -3.013  2.030   10.030  1.00 21.53 ? 222 ASP A O   1 
ATOM   484  C  CB  . ASP A 1 221 ? -4.783  1.624   13.060  1.00 26.08 ? 222 ASP A CB  1 
ATOM   485  C  CG  . ASP A 1 221 ? -5.490  2.916   12.646  1.00 28.97 ? 222 ASP A CG  1 
ATOM   486  O  OD1 . ASP A 1 221 ? -5.214  3.496   11.576  1.00 26.38 ? 222 ASP A OD1 1 
ATOM   487  O  OD2 . ASP A 1 221 ? -6.370  3.348   13.418  1.00 35.89 ? 222 ASP A OD2 1 
ATOM   488  N  N   . GLY A 1 222 ? -4.580  0.447   10.343  1.00 23.14 ? 223 GLY A N   1 
ATOM   489  C  CA  . GLY A 1 222 ? -4.770  0.186   8.934   1.00 28.64 ? 223 GLY A CA  1 
ATOM   490  C  C   . GLY A 1 222 ? -4.992  1.422   8.081   1.00 24.66 ? 223 GLY A C   1 
ATOM   491  O  O   . GLY A 1 222 ? -4.208  1.726   7.174   1.00 25.72 ? 223 GLY A O   1 
ATOM   492  N  N   . PRO A 1 223 ? -6.076  2.156   8.346   1.00 27.21 ? 224 PRO A N   1 
ATOM   493  C  CA  . PRO A 1 223 ? -6.340  3.367   7.546   1.00 25.94 ? 224 PRO A CA  1 
ATOM   494  C  C   . PRO A 1 223 ? -5.270  4.437   7.674   1.00 30.21 ? 224 PRO A C   1 
ATOM   495  O  O   . PRO A 1 223 ? -4.943  5.092   6.675   1.00 23.09 ? 224 PRO A O   1 
ATOM   496  C  CB  . PRO A 1 223 ? -7.693  3.849   8.088   1.00 30.94 ? 224 PRO A CB  1 
ATOM   497  C  CG  . PRO A 1 223 ? -8.334  2.624   8.623   1.00 28.83 ? 224 PRO A CG  1 
ATOM   498  C  CD  . PRO A 1 223 ? -7.220  1.804   9.203   1.00 25.43 ? 224 PRO A CD  1 
ATOM   499  N  N   . ALA A 1 224 ? -4.722  4.649   8.875   1.00 22.50 ? 225 ALA A N   1 
ATOM   500  C  CA  . ALA A 1 224 ? -3.668  5.647   9.032   1.00 23.54 ? 225 ALA A CA  1 
ATOM   501  C  C   . ALA A 1 224 ? -2.421  5.269   8.249   1.00 18.67 ? 225 ALA A C   1 
ATOM   502  O  O   . ALA A 1 224 ? -1.691  6.151   7.781   1.00 20.85 ? 225 ALA A O   1 
ATOM   503  C  CB  . ALA A 1 224 ? -3.329  5.836   10.511  1.00 25.90 ? 225 ALA A CB  1 
ATOM   504  N  N   . ALA A 1 225 ? -2.157  3.968   8.096   1.00 21.90 ? 226 ALA A N   1 
ATOM   505  C  CA  . ALA A 1 225 ? -1.032  3.526   7.278   1.00 21.16 ? 226 ALA A CA  1 
ATOM   506  C  C   . ALA A 1 225 ? -1.233  3.920   5.820   1.00 17.00 ? 226 ALA A C   1 
ATOM   507  O  O   . ALA A 1 225 ? -0.315  4.430   5.168   1.00 17.55 ? 226 ALA A O   1 
ATOM   508  C  CB  . ALA A 1 225 ? -0.853  2.013   7.409   1.00 18.65 ? 226 ALA A CB  1 
ATOM   509  N  N   . VAL A 1 226 ? -2.434  3.682   5.291   1.00 20.48 ? 227 VAL A N   1 
ATOM   510  C  CA  . VAL A 1 226 ? -2.736  4.070   3.915   1.00 21.18 ? 227 VAL A CA  1 
ATOM   511  C  C   . VAL A 1 226 ? -2.591  5.576   3.743   1.00 22.91 ? 227 VAL A C   1 
ATOM   512  O  O   . VAL A 1 226 ? -2.074  6.055   2.724   1.00 19.29 ? 227 VAL A O   1 
ATOM   513  C  CB  . VAL A 1 226 ? -4.145  3.584   3.531   1.00 18.85 ? 227 VAL A CB  1 
ATOM   514  C  CG1 . VAL A 1 226 ? -4.486  3.985   2.099   1.00 21.17 ? 227 VAL A CG1 1 
ATOM   515  C  CG2 . VAL A 1 226 ? -4.236  2.079   3.714   1.00 21.38 ? 227 VAL A CG2 1 
ATOM   516  N  N   . ASP A 1 227 ? -3.029  6.344   4.744   1.00 21.20 ? 228 ASP A N   1 
ATOM   517  C  CA  . ASP A 1 227 ? -2.904  7.798   4.690   1.00 24.46 ? 228 ASP A CA  1 
ATOM   518  C  C   . ASP A 1 227 ? -1.445  8.223   4.589   1.00 22.68 ? 228 ASP A C   1 
ATOM   519  O  O   . ASP A 1 227 ? -1.102  9.109   3.798   1.00 19.55 ? 228 ASP A O   1 
ATOM   520  C  CB  . ASP A 1 227 ? -3.555  8.417   5.928   1.00 30.24 ? 228 ASP A CB  1 
ATOM   521  C  CG  . ASP A 1 227 ? -4.399  9.632   5.605   1.00 47.86 ? 228 ASP A CG  1 
ATOM   522  O  OD1 . ASP A 1 227 ? -4.080  10.350  4.634   1.00 42.90 ? 228 ASP A OD1 1 
ATOM   523  O  OD2 . ASP A 1 227 ? -5.385  9.874   6.333   1.00 65.58 ? 228 ASP A OD2 1 
ATOM   524  N  N   . ALA A 1 228 ? -0.569  7.600   5.385   1.00 19.29 ? 229 ALA A N   1 
ATOM   525  C  CA  . ALA A 1 228 ? 0.845   7.961   5.362   1.00 19.59 ? 229 ALA A CA  1 
ATOM   526  C  C   . ALA A 1 228 ? 1.495   7.563   4.045   1.00 21.08 ? 229 ALA A C   1 
ATOM   527  O  O   . ALA A 1 228 ? 2.292   8.327   3.485   1.00 19.83 ? 229 ALA A O   1 
ATOM   528  C  CB  . ALA A 1 228 ? 1.574   7.307   6.538   1.00 22.03 ? 229 ALA A CB  1 
ATOM   529  N  N   . TRP A 1 229 ? 1.176   6.367   3.543   1.00 18.98 ? 230 TRP A N   1 
ATOM   530  C  CA  . TRP A 1 229 ? 1.664   5.956   2.231   1.00 18.21 ? 230 TRP A CA  1 
ATOM   531  C  C   . TRP A 1 229 ? 1.251   6.959   1.165   1.00 17.96 ? 230 TRP A C   1 
ATOM   532  O  O   . TRP A 1 229 ? 2.073   7.386   0.347   1.00 17.82 ? 230 TRP A O   1 
ATOM   533  C  CB  . TRP A 1 229 ? 1.133   4.567   1.874   1.00 14.92 ? 230 TRP A CB  1 
ATOM   534  C  CG  . TRP A 1 229 ? 1.595   3.470   2.778   1.00 18.89 ? 230 TRP A CG  1 
ATOM   535  C  CD1 . TRP A 1 229 ? 2.721   3.455   3.546   1.00 20.84 ? 230 TRP A CD1 1 
ATOM   536  C  CD2 . TRP A 1 229 ? 0.933   2.222   3.009   1.00 20.29 ? 230 TRP A CD2 1 
ATOM   537  N  NE1 . TRP A 1 229 ? 2.800   2.272   4.245   1.00 18.88 ? 230 TRP A NE1 1 
ATOM   538  C  CE2 . TRP A 1 229 ? 1.711   1.500   3.933   1.00 20.42 ? 230 TRP A CE2 1 
ATOM   539  C  CE3 . TRP A 1 229 ? -0.248  1.648   2.526   1.00 19.97 ? 230 TRP A CE3 1 
ATOM   540  C  CZ2 . TRP A 1 229 ? 1.352   0.231   4.383   1.00 18.69 ? 230 TRP A CZ2 1 
ATOM   541  C  CZ3 . TRP A 1 229 ? -0.606  0.391   2.971   1.00 19.88 ? 230 TRP A CZ3 1 
ATOM   542  C  CH2 . TRP A 1 229 ? 0.194   -0.308  3.891   1.00 19.95 ? 230 TRP A CH2 1 
ATOM   543  N  N   . TYR A 1 230 ? -0.024  7.356   1.171   1.00 18.69 ? 231 TYR A N   1 
ATOM   544  C  CA  . TYR A 1 230 ? -0.523  8.257   0.137   1.00 16.35 ? 231 TYR A CA  1 
ATOM   545  C  C   . TYR A 1 230 ? 0.123   9.634   0.229   1.00 21.31 ? 231 TYR A C   1 
ATOM   546  O  O   . TYR A 1 230 ? 0.386   10.269  -0.799  1.00 20.83 ? 231 TYR A O   1 
ATOM   547  C  CB  . TYR A 1 230 ? -2.045  8.378   0.220   1.00 19.68 ? 231 TYR A CB  1 
ATOM   548  C  CG  . TYR A 1 230 ? -2.590  9.324   -0.823  1.00 19.02 ? 231 TYR A CG  1 
ATOM   549  C  CD1 . TYR A 1 230 ? -2.754  8.912   -2.141  1.00 19.76 ? 231 TYR A CD1 1 
ATOM   550  C  CD2 . TYR A 1 230 ? -2.911  10.638  -0.501  1.00 21.94 ? 231 TYR A CD2 1 
ATOM   551  C  CE1 . TYR A 1 230 ? -3.234  9.778   -3.108  1.00 16.63 ? 231 TYR A CE1 1 
ATOM   552  C  CE2 . TYR A 1 230 ? -3.393  11.511  -1.465  1.00 20.19 ? 231 TYR A CE2 1 
ATOM   553  C  CZ  . TYR A 1 230 ? -3.554  11.071  -2.766  1.00 19.90 ? 231 TYR A CZ  1 
ATOM   554  O  OH  . TYR A 1 230 ? -4.027  11.931  -3.732  1.00 22.34 ? 231 TYR A OH  1 
ATOM   555  N  N   . ASN A 1 231 ? 0.393   10.111  1.448   1.00 18.72 ? 232 ASN A N   1 
ATOM   556  C  CA  . ASN A 1 231 ? 0.951   11.447  1.628   1.00 20.17 ? 232 ASN A CA  1 
ATOM   557  C  C   . ASN A 1 231 ? 2.328   11.613  0.997   1.00 22.28 ? 232 ASN A C   1 
ATOM   558  O  O   . ASN A 1 231 ? 2.806   12.748  0.895   1.00 20.69 ? 232 ASN A O   1 
ATOM   559  C  CB  . ASN A 1 231 ? 1.007   11.795  3.118   1.00 28.28 ? 232 ASN A CB  1 
ATOM   560  C  CG  . ASN A 1 231 ? -0.350  12.184  3.671   1.00 30.88 ? 232 ASN A CG  1 
ATOM   561  O  OD1 . ASN A 1 231 ? -1.281  12.472  2.916   1.00 27.16 ? 232 ASN A OD1 1 
ATOM   562  N  ND2 . ASN A 1 231 ? -0.468  12.202  4.993   1.00 29.19 ? 232 ASN A ND2 1 
ATOM   563  N  N   . GLU A 1 232 ? 2.967   10.525  0.554   1.00 21.69 ? 233 GLU A N   1 
ATOM   564  C  CA  . GLU A 1 232 ? 4.190   10.638  -0.234  1.00 21.84 ? 233 GLU A CA  1 
ATOM   565  C  C   . GLU A 1 232 ? 3.972   11.354  -1.559  1.00 25.64 ? 233 GLU A C   1 
ATOM   566  O  O   . GLU A 1 232 ? 4.954   11.674  -2.239  1.00 20.00 ? 233 GLU A O   1 
ATOM   567  C  CB  . GLU A 1 232 ? 4.781   9.252   -0.503  1.00 19.72 ? 233 GLU A CB  1 
ATOM   568  C  CG  . GLU A 1 232 ? 5.328   8.563   0.728   1.00 23.28 ? 233 GLU A CG  1 
ATOM   569  C  CD  . GLU A 1 232 ? 5.937   7.209   0.415   1.00 29.76 ? 233 GLU A CD  1 
ATOM   570  O  OE1 . GLU A 1 232 ? 5.718   6.693   -0.702  1.00 21.98 ? 233 GLU A OE1 1 
ATOM   571  O  OE2 . GLU A 1 232 ? 6.644   6.666   1.286   1.00 28.65 ? 233 GLU A OE2 1 
ATOM   572  N  N   . ILE A 1 233 ? 2.718   11.604  -1.947  1.00 22.14 ? 234 ILE A N   1 
ATOM   573  C  CA  . ILE A 1 233 ? 2.441   12.388  -3.149  1.00 23.40 ? 234 ILE A CA  1 
ATOM   574  C  C   . ILE A 1 233 ? 3.148   13.733  -3.091  1.00 21.12 ? 234 ILE A C   1 
ATOM   575  O  O   . ILE A 1 233 ? 3.515   14.298  -4.128  1.00 21.22 ? 234 ILE A O   1 
ATOM   576  C  CB  . ILE A 1 233 ? 0.917   12.554  -3.334  1.00 18.54 ? 234 ILE A CB  1 
ATOM   577  C  CG1 . ILE A 1 233 ? 0.600   13.285  -4.641  1.00 24.30 ? 234 ILE A CG1 1 
ATOM   578  C  CG2 . ILE A 1 233 ? 0.309   13.286  -2.146  1.00 22.57 ? 234 ILE A CG2 1 
ATOM   579  C  CD1 . ILE A 1 233 ? -0.887  13.377  -4.943  1.00 27.39 ? 234 ILE A CD1 1 
ATOM   580  N  N   . SER A 1 234 ? 3.381   14.253  -1.882  1.00 21.67 ? 235 SER A N   1 
ATOM   581  C  CA  . SER A 1 234 ? 4.055   15.538  -1.726  1.00 26.40 ? 235 SER A CA  1 
ATOM   582  C  C   . SER A 1 234 ? 5.465   15.533  -2.303  1.00 25.72 ? 235 SER A C   1 
ATOM   583  O  O   . SER A 1 234 ? 6.017   16.607  -2.567  1.00 24.41 ? 235 SER A O   1 
ATOM   584  C  CB  . SER A 1 234 ? 4.100   15.926  -0.246  1.00 24.87 ? 235 SER A CB  1 
ATOM   585  O  OG  . SER A 1 234 ? 4.902   15.020  0.489   1.00 26.16 ? 235 SER A OG  1 
ATOM   586  N  N   . ASN A 1 235 ? 6.054   14.357  -2.514  1.00 22.74 ? 236 ASN A N   1 
ATOM   587  C  CA  . ASN A 1 235 ? 7.391   14.231  -3.078  1.00 25.77 ? 236 ASN A CA  1 
ATOM   588  C  C   . ASN A 1 235 ? 7.389   13.794  -4.535  1.00 29.24 ? 236 ASN A C   1 
ATOM   589  O  O   . ASN A 1 235 ? 8.466   13.655  -5.125  1.00 24.52 ? 236 ASN A O   1 
ATOM   590  C  CB  . ASN A 1 235 ? 8.217   13.233  -2.261  1.00 26.11 ? 236 ASN A CB  1 
ATOM   591  C  CG  . ASN A 1 235 ? 8.241   13.570  -0.791  1.00 21.78 ? 236 ASN A CG  1 
ATOM   592  O  OD1 . ASN A 1 235 ? 8.447   14.721  -0.411  1.00 24.17 ? 236 ASN A OD1 1 
ATOM   593  N  ND2 . ASN A 1 235 ? 8.022   12.566  0.047   1.00 24.39 ? 236 ASN A ND2 1 
ATOM   594  N  N   . TYR A 1 236 ? 6.221   13.568  -5.129  1.00 23.72 ? 237 TYR A N   1 
ATOM   595  C  CA  . TYR A 1 236 ? 6.147   13.046  -6.485  1.00 23.72 ? 237 TYR A CA  1 
ATOM   596  C  C   . TYR A 1 236 ? 6.107   14.186  -7.495  1.00 30.30 ? 237 TYR A C   1 
ATOM   597  O  O   . TYR A 1 236 ? 5.248   15.070  -7.417  1.00 30.75 ? 237 TYR A O   1 
ATOM   598  C  CB  . TYR A 1 236 ? 4.926   12.144  -6.661  1.00 21.55 ? 237 TYR A CB  1 
ATOM   599  C  CG  . TYR A 1 236 ? 5.032   11.274  -7.893  1.00 25.10 ? 237 TYR A CG  1 
ATOM   600  C  CD1 . TYR A 1 236 ? 5.839   10.142  -7.894  1.00 21.99 ? 237 TYR A CD1 1 
ATOM   601  C  CD2 . TYR A 1 236 ? 4.343   11.589  -9.057  1.00 26.82 ? 237 TYR A CD2 1 
ATOM   602  C  CE1 . TYR A 1 236 ? 5.951   9.344   -9.015  1.00 27.52 ? 237 TYR A CE1 1 
ATOM   603  C  CE2 . TYR A 1 236 ? 4.448   10.792  -10.189 1.00 29.33 ? 237 TYR A CE2 1 
ATOM   604  C  CZ  . TYR A 1 236 ? 5.251   9.671   -10.158 1.00 28.59 ? 237 TYR A CZ  1 
ATOM   605  O  OH  . TYR A 1 236 ? 5.364   8.871   -11.273 1.00 28.92 ? 237 TYR A OH  1 
ATOM   606  N  N   . ASP A 1 237 ? 7.040   14.156  -8.441  1.00 29.67 ? 238 ASP A N   1 
ATOM   607  C  CA  . ASP A 1 237 ? 7.105   15.127  -9.530  1.00 33.33 ? 238 ASP A CA  1 
ATOM   608  C  C   . ASP A 1 237 ? 6.483   14.478  -10.762 1.00 30.21 ? 238 ASP A C   1 
ATOM   609  O  O   . ASP A 1 237 ? 7.093   13.617  -11.401 1.00 29.34 ? 238 ASP A O   1 
ATOM   610  C  CB  . ASP A 1 237 ? 8.548   15.556  -9.778  1.00 37.05 ? 238 ASP A CB  1 
ATOM   611  C  CG  . ASP A 1 237 ? 8.682   16.528  -10.934 1.00 36.28 ? 238 ASP A CG  1 
ATOM   612  O  OD1 . ASP A 1 237 ? 7.661   17.112  -11.354 1.00 43.36 ? 238 ASP A OD1 1 
ATOM   613  O  OD2 . ASP A 1 237 ? 9.819   16.712  -11.418 1.00 45.01 ? 238 ASP A OD2 1 
ATOM   614  N  N   . PHE A 1 238 ? 5.258   14.889  -11.094 1.00 36.57 ? 239 PHE A N   1 
ATOM   615  C  CA  . PHE A 1 238 ? 4.574   14.307  -12.245 1.00 35.90 ? 239 PHE A CA  1 
ATOM   616  C  C   . PHE A 1 238 ? 5.238   14.676  -13.564 1.00 39.54 ? 239 PHE A C   1 
ATOM   617  O  O   . PHE A 1 238 ? 4.964   14.030  -14.582 1.00 37.16 ? 239 PHE A O   1 
ATOM   618  C  CB  . PHE A 1 238 ? 3.101   14.725  -12.256 1.00 35.98 ? 239 PHE A CB  1 
ATOM   619  C  CG  . PHE A 1 238 ? 2.263   13.992  -11.250 1.00 40.32 ? 239 PHE A CG  1 
ATOM   620  C  CD1 . PHE A 1 238 ? 1.758   12.736  -11.541 1.00 34.58 ? 239 PHE A CD1 1 
ATOM   621  C  CD2 . PHE A 1 238 ? 1.984   14.551  -10.013 1.00 35.28 ? 239 PHE A CD2 1 
ATOM   622  C  CE1 . PHE A 1 238 ? 0.991   12.051  -10.619 1.00 30.06 ? 239 PHE A CE1 1 
ATOM   623  C  CE2 . PHE A 1 238 ? 1.215   13.870  -9.087  1.00 34.76 ? 239 PHE A CE2 1 
ATOM   624  C  CZ  . PHE A 1 238 ? 0.718   12.619  -9.392  1.00 33.24 ? 239 PHE A CZ  1 
ATOM   625  N  N   . SER A 1 239 ? 6.108   15.689  -13.569 1.00 36.71 ? 240 SER A N   1 
ATOM   626  C  CA  . SER A 1 239 ? 6.861   16.022  -14.771 1.00 48.97 ? 240 SER A CA  1 
ATOM   627  C  C   . SER A 1 239 ? 8.032   15.077  -14.991 1.00 42.10 ? 240 SER A C   1 
ATOM   628  O  O   . SER A 1 239 ? 8.553   15.002  -16.108 1.00 46.68 ? 240 SER A O   1 
ATOM   629  C  CB  . SER A 1 239 ? 7.357   17.464  -14.697 1.00 40.87 ? 240 SER A CB  1 
ATOM   630  O  OG  . SER A 1 239 ? 8.700   17.519  -14.249 1.00 55.72 ? 240 SER A OG  1 
ATOM   631  N  N   . ASN A 1 240 ? 8.466   14.373  -13.948 1.00 38.44 ? 241 ASN A N   1 
ATOM   632  C  CA  . ASN A 1 240 ? 9.531   13.375  -14.034 1.00 40.91 ? 241 ASN A CA  1 
ATOM   633  C  C   . ASN A 1 240 ? 9.067   12.126  -13.299 1.00 39.45 ? 241 ASN A C   1 
ATOM   634  O  O   . ASN A 1 240 ? 9.468   11.879  -12.155 1.00 37.24 ? 241 ASN A O   1 
ATOM   635  C  CB  . ASN A 1 240 ? 10.844  13.902  -13.455 1.00 43.20 ? 241 ASN A CB  1 
ATOM   636  C  CG  . ASN A 1 240 ? 11.435  15.028  -14.282 1.00 64.05 ? 241 ASN A CG  1 
ATOM   637  O  OD1 . ASN A 1 240 ? 11.610  16.146  -13.799 1.00 60.01 ? 241 ASN A OD1 1 
ATOM   638  N  ND2 . ASN A 1 240 ? 11.740  14.736  -15.543 1.00 63.77 ? 241 ASN A ND2 1 
ATOM   639  N  N   . PRO A 1 241 ? 8.225   11.311  -13.930 1.00 38.13 ? 242 PRO A N   1 
ATOM   640  C  CA  . PRO A 1 241 ? 7.679   10.136  -13.243 1.00 34.98 ? 242 PRO A CA  1 
ATOM   641  C  C   . PRO A 1 241 ? 8.733   9.060   -13.035 1.00 38.63 ? 242 PRO A C   1 
ATOM   642  O  O   . PRO A 1 241 ? 9.740   8.984   -13.742 1.00 33.14 ? 242 PRO A O   1 
ATOM   643  C  CB  . PRO A 1 241 ? 6.580   9.654   -14.194 1.00 34.37 ? 242 PRO A CB  1 
ATOM   644  C  CG  . PRO A 1 241 ? 7.039   10.107  -15.540 1.00 41.11 ? 242 PRO A CG  1 
ATOM   645  C  CD  . PRO A 1 241 ? 7.738   11.422  -15.316 1.00 37.41 ? 242 PRO A CD  1 
ATOM   646  N  N   . GLY A 1 242 ? 8.480   8.211   -12.046 1.00 28.61 ? 243 GLY A N   1 
ATOM   647  C  CA  . GLY A 1 242 ? 9.335   7.078   -11.788 1.00 25.70 ? 243 GLY A CA  1 
ATOM   648  C  C   . GLY A 1 242 ? 9.496   6.840   -10.304 1.00 30.77 ? 243 GLY A C   1 
ATOM   649  O  O   . GLY A 1 242 ? 8.809   7.435   -9.473  1.00 28.06 ? 243 GLY A O   1 
ATOM   650  N  N   . PHE A 1 243 ? 10.433  5.955   -9.979  1.00 27.68 ? 244 PHE A N   1 
ATOM   651  C  CA  . PHE A 1 243 ? 10.641  5.513   -8.610  1.00 34.98 ? 244 PHE A CA  1 
ATOM   652  C  C   . PHE A 1 243 ? 11.496  6.502   -7.826  1.00 28.52 ? 244 PHE A C   1 
ATOM   653  O  O   . PHE A 1 243 ? 12.351  7.201   -8.376  1.00 25.42 ? 244 PHE A O   1 
ATOM   654  C  CB  . PHE A 1 243 ? 11.306  4.134   -8.593  1.00 30.94 ? 244 PHE A CB  1 
ATOM   655  C  CG  . PHE A 1 243 ? 11.604  3.616   -7.209  1.00 32.00 ? 244 PHE A CG  1 
ATOM   656  C  CD1 . PHE A 1 243 ? 10.609  3.019   -6.448  1.00 35.37 ? 244 PHE A CD1 1 
ATOM   657  C  CD2 . PHE A 1 243 ? 12.876  3.728   -6.670  1.00 38.19 ? 244 PHE A CD2 1 
ATOM   658  C  CE1 . PHE A 1 243 ? 10.880  2.542   -5.176  1.00 43.29 ? 244 PHE A CE1 1 
ATOM   659  C  CE2 . PHE A 1 243 ? 13.153  3.258   -5.397  1.00 32.51 ? 244 PHE A CE2 1 
ATOM   660  C  CZ  . PHE A 1 243 ? 12.154  2.663   -4.651  1.00 39.22 ? 244 PHE A CZ  1 
ATOM   661  N  N   . SER A 1 244 ? 11.240  6.555   -6.521  1.00 28.15 ? 245 SER A N   1 
ATOM   662  C  CA  . SER A 1 244 ? 12.145  7.165   -5.558  1.00 25.10 ? 245 SER A CA  1 
ATOM   663  C  C   . SER A 1 244 ? 11.837  6.550   -4.202  1.00 24.59 ? 245 SER A C   1 
ATOM   664  O  O   . SER A 1 244 ? 10.752  6.002   -3.986  1.00 24.21 ? 245 SER A O   1 
ATOM   665  C  CB  . SER A 1 244 ? 12.013  8.692   -5.525  1.00 23.02 ? 245 SER A CB  1 
ATOM   666  O  OG  . SER A 1 244 ? 10.796  9.093   -4.924  1.00 28.79 ? 245 SER A OG  1 
ATOM   667  N  N   . SER A 1 245 ? 12.812  6.635   -3.292  1.00 22.79 ? 246 SER A N   1 
ATOM   668  C  CA  . SER A 1 245 ? 12.677  5.961   -2.005  1.00 23.66 ? 246 SER A CA  1 
ATOM   669  C  C   . SER A 1 245 ? 11.498  6.482   -1.195  1.00 24.47 ? 246 SER A C   1 
ATOM   670  O  O   . SER A 1 245 ? 10.988  5.760   -0.330  1.00 32.92 ? 246 SER A O   1 
ATOM   671  C  CB  . SER A 1 245 ? 13.970  6.099   -1.193  1.00 18.50 ? 246 SER A CB  1 
ATOM   672  O  OG  . SER A 1 245 ? 14.327  7.458   -0.991  1.00 20.24 ? 246 SER A OG  1 
ATOM   673  N  N   . ASN A 1 246 ? 11.045  7.706   -1.457  1.00 22.39 ? 247 ASN A N   1 
ATOM   674  C  CA  . ASN A 1 246 ? 9.990   8.321   -0.661  1.00 26.45 ? 247 ASN A CA  1 
ATOM   675  C  C   . ASN A 1 246 ? 8.738   8.615   -1.480  1.00 27.99 ? 247 ASN A C   1 
ATOM   676  O  O   . ASN A 1 246 ? 7.972   9.520   -1.132  1.00 22.72 ? 247 ASN A O   1 
ATOM   677  C  CB  . ASN A 1 246 ? 10.517  9.590   0.007   1.00 23.42 ? 247 ASN A CB  1 
ATOM   678  C  CG  . ASN A 1 246 ? 11.604  9.297   1.021   1.00 32.38 ? 247 ASN A CG  1 
ATOM   679  O  OD1 . ASN A 1 246 ? 12.772  9.136   0.665   1.00 34.80 ? 247 ASN A OD1 1 
ATOM   680  N  ND2 . ASN A 1 246 ? 11.225  9.216   2.291   1.00 32.50 ? 247 ASN A ND2 1 
ATOM   681  N  N   . THR A 1 247 ? 8.520   7.872   -2.567  1.00 22.75 ? 248 THR A N   1 
ATOM   682  C  CA  . THR A 1 247 ? 7.262   7.912   -3.304  1.00 20.58 ? 248 THR A CA  1 
ATOM   683  C  C   . THR A 1 247 ? 6.712   6.529   -3.629  1.00 22.21 ? 248 THR A C   1 
ATOM   684  O  O   . THR A 1 247 ? 5.588   6.439   -4.133  1.00 22.50 ? 248 THR A O   1 
ATOM   685  C  CB  . THR A 1 247 ? 7.414   8.698   -4.621  1.00 28.11 ? 248 THR A CB  1 
ATOM   686  O  OG1 . THR A 1 247 ? 8.471   8.130   -5.405  1.00 24.00 ? 248 THR A OG1 1 
ATOM   687  C  CG2 . THR A 1 247 ? 7.705   10.174  -4.359  1.00 21.54 ? 248 THR A CG2 1 
ATOM   688  N  N   . GLY A 1 248 ? 7.458   5.457   -3.345  1.00 22.24 ? 249 GLY A N   1 
ATOM   689  C  CA  . GLY A 1 248 ? 7.073   4.118   -3.755  1.00 24.36 ? 249 GLY A CA  1 
ATOM   690  C  C   . GLY A 1 248 ? 5.833   3.580   -3.073  1.00 26.70 ? 249 GLY A C   1 
ATOM   691  O  O   . GLY A 1 248 ? 5.164   2.705   -3.634  1.00 21.16 ? 249 GLY A O   1 
ATOM   692  N  N   . HIS A 1 249 ? 5.519   4.061   -1.869  1.00 22.69 ? 250 HIS A N   1 
ATOM   693  C  CA  . HIS A 1 249 ? 4.265   3.668   -1.237  1.00 21.94 ? 250 HIS A CA  1 
ATOM   694  C  C   . HIS A 1 249 ? 3.083   4.343   -1.918  1.00 19.71 ? 250 HIS A C   1 
ATOM   695  O  O   . HIS A 1 249 ? 2.066   3.698   -2.199  1.00 18.55 ? 250 HIS A O   1 
ATOM   696  C  CB  . HIS A 1 249 ? 4.291   4.011   0.252   1.00 22.37 ? 250 HIS A CB  1 
ATOM   697  C  CG  . HIS A 1 249 ? 5.292   3.223   1.037   1.00 32.71 ? 250 HIS A CG  1 
ATOM   698  N  ND1 . HIS A 1 249 ? 6.228   3.817   1.856   1.00 36.90 ? 250 HIS A ND1 1 
ATOM   699  C  CD2 . HIS A 1 249 ? 5.498   1.889   1.136   1.00 28.40 ? 250 HIS A CD2 1 
ATOM   700  C  CE1 . HIS A 1 249 ? 6.970   2.882   2.423   1.00 42.94 ? 250 HIS A CE1 1 
ATOM   701  N  NE2 . HIS A 1 249 ? 6.548   1.702   2.002   1.00 38.26 ? 250 HIS A NE2 1 
ATOM   702  N  N   . PHE A 1 250 ? 3.212   5.639   -2.207  1.00 20.20 ? 251 PHE A N   1 
ATOM   703  C  CA  . PHE A 1 250 ? 2.135   6.371   -2.864  1.00 20.87 ? 251 PHE A CA  1 
ATOM   704  C  C   . PHE A 1 250 ? 1.840   5.801   -4.248  1.00 25.30 ? 251 PHE A C   1 
ATOM   705  O  O   . PHE A 1 250 ? 0.675   5.589   -4.605  1.00 20.02 ? 251 PHE A O   1 
ATOM   706  C  CB  . PHE A 1 250 ? 2.494   7.855   -2.954  1.00 16.67 ? 251 PHE A CB  1 
ATOM   707  C  CG  . PHE A 1 250 ? 1.854   8.562   -4.116  1.00 19.13 ? 251 PHE A CG  1 
ATOM   708  C  CD1 . PHE A 1 250 ? 0.502   8.871   -4.100  1.00 23.58 ? 251 PHE A CD1 1 
ATOM   709  C  CD2 . PHE A 1 250 ? 2.606   8.913   -5.227  1.00 21.78 ? 251 PHE A CD2 1 
ATOM   710  C  CE1 . PHE A 1 250 ? -0.091  9.517   -5.175  1.00 20.84 ? 251 PHE A CE1 1 
ATOM   711  C  CE2 . PHE A 1 250 ? 2.021   9.559   -6.305  1.00 27.77 ? 251 PHE A CE2 1 
ATOM   712  C  CZ  . PHE A 1 250 ? 0.669   9.861   -6.278  1.00 21.84 ? 251 PHE A CZ  1 
ATOM   713  N  N   . THR A 1 251 ? 2.884   5.541   -5.042  1.00 20.51 ? 252 THR A N   1 
ATOM   714  C  CA  . THR A 1 251 ? 2.652   5.069   -6.406  1.00 22.89 ? 252 THR A CA  1 
ATOM   715  C  C   . THR A 1 251 ? 1.996   3.695   -6.426  1.00 24.82 ? 252 THR A C   1 
ATOM   716  O  O   . THR A 1 251 ? 1.225   3.395   -7.344  1.00 25.93 ? 252 THR A O   1 
ATOM   717  C  CB  . THR A 1 251 ? 3.961   5.047   -7.205  1.00 23.25 ? 252 THR A CB  1 
ATOM   718  O  OG1 . THR A 1 251 ? 4.944   4.269   -6.514  1.00 21.25 ? 252 THR A OG1 1 
ATOM   719  C  CG2 . THR A 1 251 ? 4.479   6.459   -7.412  1.00 23.58 ? 252 THR A CG2 1 
ATOM   720  N  N   . GLN A 1 252 ? 2.271   2.854   -5.425  1.00 19.59 ? 253 GLN A N   1 
ATOM   721  C  CA  . GLN A 1 252 ? 1.584   1.570   -5.354  1.00 20.42 ? 253 GLN A CA  1 
ATOM   722  C  C   . GLN A 1 252 ? 0.128   1.735   -4.933  1.00 21.90 ? 253 GLN A C   1 
ATOM   723  O  O   . GLN A 1 252 ? -0.737  0.990   -5.405  1.00 21.12 ? 253 GLN A O   1 
ATOM   724  C  CB  . GLN A 1 252 ? 2.316   0.624   -4.399  1.00 21.33 ? 253 GLN A CB  1 
ATOM   725  C  CG  . GLN A 1 252 ? 1.624   -0.726  -4.184  1.00 22.41 ? 253 GLN A CG  1 
ATOM   726  C  CD  . GLN A 1 252 ? 1.527   -1.563  -5.455  1.00 25.33 ? 253 GLN A CD  1 
ATOM   727  O  OE1 . GLN A 1 252 ? 2.407   -2.374  -5.745  1.00 23.07 ? 253 GLN A OE1 1 
ATOM   728  N  NE2 . GLN A 1 252 ? 0.453   -1.371  -6.215  1.00 21.83 ? 253 GLN A NE2 1 
ATOM   729  N  N   . VAL A 1 253 ? -0.164  2.702   -4.058  1.00 18.55 ? 254 VAL A N   1 
ATOM   730  C  CA  . VAL A 1 253 ? -1.548  2.939   -3.650  1.00 19.55 ? 254 VAL A CA  1 
ATOM   731  C  C   . VAL A 1 253 ? -2.408  3.305   -4.855  1.00 22.21 ? 254 VAL A C   1 
ATOM   732  O  O   . VAL A 1 253 ? -3.548  2.841   -4.987  1.00 20.46 ? 254 VAL A O   1 
ATOM   733  C  CB  . VAL A 1 253 ? -1.611  4.023   -2.556  1.00 21.38 ? 254 VAL A CB  1 
ATOM   734  C  CG1 . VAL A 1 253 ? -3.047  4.509   -2.357  1.00 19.38 ? 254 VAL A CG1 1 
ATOM   735  C  CG2 . VAL A 1 253 ? -1.048  3.489   -1.235  1.00 20.29 ? 254 VAL A CG2 1 
ATOM   736  N  N   . VAL A 1 254 ? -1.874  4.122   -5.766  1.00 19.02 ? 255 VAL A N   1 
ATOM   737  C  CA  . VAL A 1 254 ? -2.654  4.648   -6.883  1.00 21.61 ? 255 VAL A CA  1 
ATOM   738  C  C   . VAL A 1 254 ? -2.318  3.962   -8.205  1.00 24.45 ? 255 VAL A C   1 
ATOM   739  O  O   . VAL A 1 254 ? -2.779  4.413   -9.259  1.00 24.17 ? 255 VAL A O   1 
ATOM   740  C  CB  . VAL A 1 254 ? -2.480  6.169   -7.016  1.00 23.74 ? 255 VAL A CB  1 
ATOM   741  C  CG1 . VAL A 1 254 ? -2.821  6.873   -5.707  1.00 22.82 ? 255 VAL A CG1 1 
ATOM   742  C  CG2 . VAL A 1 254 ? -1.063  6.502   -7.463  1.00 21.03 ? 255 VAL A CG2 1 
ATOM   743  N  N   . TRP A 1 255 ? -1.527  2.888   -8.182  1.00 22.29 ? 256 TRP A N   1 
ATOM   744  C  CA  . TRP A 1 255 ? -1.134  2.208   -9.415  1.00 20.57 ? 256 TRP A CA  1 
ATOM   745  C  C   . TRP A 1 255 ? -2.366  1.755   -10.193 1.00 21.00 ? 256 TRP A C   1 
ATOM   746  O  O   . TRP A 1 255 ? -3.139  0.917   -9.718  1.00 23.72 ? 256 TRP A O   1 
ATOM   747  C  CB  . TRP A 1 255 ? -0.232  1.017   -9.097  1.00 22.84 ? 256 TRP A CB  1 
ATOM   748  C  CG  . TRP A 1 255 ? 0.565   0.528   -10.276 1.00 27.60 ? 256 TRP A CG  1 
ATOM   749  C  CD1 . TRP A 1 255 ? 0.265   -0.529  -11.091 1.00 27.18 ? 256 TRP A CD1 1 
ATOM   750  C  CD2 . TRP A 1 255 ? 1.797   1.075   -10.768 1.00 25.79 ? 256 TRP A CD2 1 
ATOM   751  N  NE1 . TRP A 1 255 ? 1.236   -0.673  -12.055 1.00 24.97 ? 256 TRP A NE1 1 
ATOM   752  C  CE2 . TRP A 1 255 ? 2.187   0.299   -11.879 1.00 26.22 ? 256 TRP A CE2 1 
ATOM   753  C  CE3 . TRP A 1 255 ? 2.611   2.144   -10.374 1.00 24.72 ? 256 TRP A CE3 1 
ATOM   754  C  CZ2 . TRP A 1 255 ? 3.350   0.561   -12.603 1.00 24.55 ? 256 TRP A CZ2 1 
ATOM   755  C  CZ3 . TRP A 1 255 ? 3.767   2.403   -11.095 1.00 24.91 ? 256 TRP A CZ3 1 
ATOM   756  C  CH2 . TRP A 1 255 ? 4.124   1.613   -12.197 1.00 23.32 ? 256 TRP A CH2 1 
ATOM   757  N  N   . LYS A 1 256 ? -2.536  2.311   -11.396 1.00 25.42 ? 257 LYS A N   1 
ATOM   758  C  CA  . LYS A 1 256 ? -3.770  2.106   -12.152 1.00 27.61 ? 257 LYS A CA  1 
ATOM   759  C  C   . LYS A 1 256 ? -4.040  0.628   -12.410 1.00 23.56 ? 257 LYS A C   1 
ATOM   760  O  O   . LYS A 1 256 ? -5.168  0.156   -12.225 1.00 27.35 ? 257 LYS A O   1 
ATOM   761  C  CB  . LYS A 1 256 ? -3.706  2.876   -13.472 1.00 28.03 ? 257 LYS A CB  1 
ATOM   762  C  CG  . LYS A 1 256 ? -4.988  2.809   -14.289 1.00 31.22 ? 257 LYS A CG  1 
ATOM   763  C  CD  . LYS A 1 256 ? -4.812  3.454   -15.655 1.00 34.49 ? 257 LYS A CD  1 
ATOM   764  C  CE  . LYS A 1 256 ? -4.428  4.918   -15.536 1.00 39.03 ? 257 LYS A CE  1 
ATOM   765  N  NZ  . LYS A 1 256 ? -4.264  5.563   -16.869 1.00 48.42 ? 257 LYS A NZ  1 
ATOM   766  N  N   . SER A 1 257 ? -3.015  -0.120  -12.826 1.00 30.28 ? 258 SER A N   1 
ATOM   767  C  CA  . SER A 1 257 ? -3.188  -1.516  -13.214 1.00 30.10 ? 258 SER A CA  1 
ATOM   768  C  C   . SER A 1 257 ? -3.394  -2.453  -12.031 1.00 32.85 ? 258 SER A C   1 
ATOM   769  O  O   . SER A 1 257 ? -3.776  -3.609  -12.243 1.00 26.79 ? 258 SER A O   1 
ATOM   770  C  CB  . SER A 1 257 ? -1.982  -1.988  -14.031 1.00 32.30 ? 258 SER A CB  1 
ATOM   771  O  OG  . SER A 1 257 ? -1.823  -1.196  -15.195 1.00 39.69 ? 258 SER A OG  1 
ATOM   772  N  N   . THR A 1 258 ? -3.143  -2.002  -10.805 1.00 23.33 ? 259 THR A N   1 
ATOM   773  C  CA  . THR A 1 258 ? -3.463  -2.815  -9.641  1.00 26.66 ? 259 THR A CA  1 
ATOM   774  C  C   . THR A 1 258 ? -4.975  -2.861  -9.453  1.00 24.48 ? 259 THR A C   1 
ATOM   775  O  O   . THR A 1 258 ? -5.651  -1.830  -9.537  1.00 25.92 ? 259 THR A O   1 
ATOM   776  C  CB  . THR A 1 258 ? -2.785  -2.252  -8.391  1.00 26.20 ? 259 THR A CB  1 
ATOM   777  O  OG1 . THR A 1 258 ? -1.363  -2.288  -8.565  1.00 24.74 ? 259 THR A OG1 1 
ATOM   778  C  CG2 . THR A 1 258 ? -3.166  -3.067  -7.160  1.00 26.61 ? 259 THR A CG2 1 
ATOM   779  N  N   . THR A 1 259 ? -5.511  -4.059  -9.216  1.00 23.97 ? 260 THR A N   1 
ATOM   780  C  CA  . THR A 1 259 ? -6.949  -4.233  -9.061  1.00 27.45 ? 260 THR A CA  1 
ATOM   781  C  C   . THR A 1 259 ? -7.364  -4.834  -7.728  1.00 25.70 ? 260 THR A C   1 
ATOM   782  O  O   . THR A 1 259 ? -8.534  -4.691  -7.349  1.00 27.22 ? 260 THR A O   1 
ATOM   783  C  CB  . THR A 1 259 ? -7.511  -5.115  -10.191 1.00 23.71 ? 260 THR A CB  1 
ATOM   784  O  OG1 . THR A 1 259 ? -6.931  -6.422  -10.117 1.00 29.53 ? 260 THR A OG1 1 
ATOM   785  C  CG2 . THR A 1 259 ? -7.197  -4.505  -11.545 1.00 28.33 ? 260 THR A CG2 1 
ATOM   786  N  N   . GLN A 1 260 ? -6.456  -5.484  -7.004  1.00 23.08 ? 261 GLN A N   1 
ATOM   787  C  CA  . GLN A 1 260 ? -6.789  -6.147  -5.754  1.00 26.19 ? 261 GLN A CA  1 
ATOM   788  C  C   . GLN A 1 260 ? -5.760  -5.810  -4.686  1.00 27.84 ? 261 GLN A C   1 
ATOM   789  O  O   . GLN A 1 260 ? -4.570  -5.643  -4.973  1.00 23.90 ? 261 GLN A O   1 
ATOM   790  C  CB  . GLN A 1 260 ? -6.857  -7.663  -5.924  1.00 28.23 ? 261 GLN A CB  1 
ATOM   791  C  CG  . GLN A 1 260 ? -7.980  -8.147  -6.820  1.00 33.10 ? 261 GLN A CG  1 
ATOM   792  C  CD  . GLN A 1 260 ? -8.017  -9.657  -6.907  1.00 30.91 ? 261 GLN A CD  1 
ATOM   793  O  OE1 . GLN A 1 260 ? -8.788  -10.311 -6.207  1.00 43.49 ? 261 GLN A OE1 1 
ATOM   794  N  NE2 . GLN A 1 260 ? -7.172  -10.222 -7.760  1.00 42.44 ? 261 GLN A NE2 1 
ATOM   795  N  N   . VAL A 1 261 ? -6.234  -5.720  -3.444  1.00 22.54 ? 262 VAL A N   1 
ATOM   796  C  CA  . VAL A 1 261 ? -5.376  -5.498  -2.288  1.00 20.52 ? 262 VAL A CA  1 
ATOM   797  C  C   . VAL A 1 261 ? -5.847  -6.405  -1.158  1.00 24.98 ? 262 VAL A C   1 
ATOM   798  O  O   . VAL A 1 261 ? -7.037  -6.706  -1.029  1.00 23.48 ? 262 VAL A O   1 
ATOM   799  C  CB  . VAL A 1 261 ? -5.368  -4.010  -1.853  1.00 20.47 ? 262 VAL A CB  1 
ATOM   800  C  CG1 . VAL A 1 261 ? -6.761  -3.569  -1.412  1.00 21.87 ? 262 VAL A CG1 1 
ATOM   801  C  CG2 . VAL A 1 261 ? -4.340  -3.766  -0.742  1.00 19.55 ? 262 VAL A CG2 1 
ATOM   802  N  N   . GLY A 1 262 ? -4.889  -6.871  -0.358  1.00 21.44 ? 263 GLY A N   1 
ATOM   803  C  CA  . GLY A 1 262 ? -5.155  -7.620  0.853   1.00 22.52 ? 263 GLY A CA  1 
ATOM   804  C  C   . GLY A 1 262 ? -4.072  -7.337  1.874   1.00 21.28 ? 263 GLY A C   1 
ATOM   805  O  O   . GLY A 1 262 ? -2.890  -7.281  1.518   1.00 23.97 ? 263 GLY A O   1 
ATOM   806  N  N   . CYS A 1 263 ? -4.443  -7.151  3.137   1.00 20.77 ? 264 CYS A N   1 
ATOM   807  C  CA  . CYS A 1 263 ? -3.516  -6.630  4.131   1.00 22.28 ? 264 CYS A CA  1 
ATOM   808  C  C   . CYS A 1 263 ? -3.574  -7.449  5.415   1.00 24.07 ? 264 CYS A C   1 
ATOM   809  O  O   . CYS A 1 263 ? -4.490  -8.247  5.637   1.00 25.32 ? 264 CYS A O   1 
ATOM   810  C  CB  . CYS A 1 263 ? -3.807  -5.154  4.441   1.00 21.65 ? 264 CYS A CB  1 
ATOM   811  S  SG  . CYS A 1 263 ? -3.995  -4.101  2.980   1.00 22.33 ? 264 CYS A SG  1 
ATOM   812  N  N   . GLY A 1 264 ? -2.560  -7.231  6.265   1.00 21.76 ? 265 GLY A N   1 
ATOM   813  C  CA  . GLY A 1 264 ? -2.505  -7.842  7.576   1.00 24.64 ? 265 GLY A CA  1 
ATOM   814  C  C   . GLY A 1 264 ? -1.921  -6.872  8.585   1.00 22.73 ? 265 GLY A C   1 
ATOM   815  O  O   . GLY A 1 264 ? -1.317  -5.858  8.221   1.00 22.36 ? 265 GLY A O   1 
ATOM   816  N  N   . ILE A 1 265 ? -2.099  -7.200  9.864   1.00 21.94 ? 266 ILE A N   1 
ATOM   817  C  CA  . ILE A 1 265 ? -1.734  -6.291  10.949  1.00 18.63 ? 266 ILE A CA  1 
ATOM   818  C  C   . ILE A 1 265 ? -1.339  -7.108  12.175  1.00 24.53 ? 266 ILE A C   1 
ATOM   819  O  O   . ILE A 1 265 ? -1.889  -8.184  12.423  1.00 23.07 ? 266 ILE A O   1 
ATOM   820  C  CB  . ILE A 1 265 ? -2.893  -5.313  11.262  1.00 23.56 ? 266 ILE A CB  1 
ATOM   821  C  CG1 . ILE A 1 265 ? -2.464  -4.247  12.273  1.00 21.67 ? 266 ILE A CG1 1 
ATOM   822  C  CG2 . ILE A 1 265 ? -4.127  -6.063  11.758  1.00 25.04 ? 266 ILE A CG2 1 
ATOM   823  C  CD1 . ILE A 1 265 ? -3.465  -3.100  12.413  1.00 23.43 ? 266 ILE A CD1 1 
ATOM   824  N  N   . LYS A 1 266 ? -0.368  -6.595  12.935  1.00 23.55 ? 267 LYS A N   1 
ATOM   825  C  CA  . LYS A 1 266 ? 0.013   -7.184  14.213  1.00 24.28 ? 267 LYS A CA  1 
ATOM   826  C  C   . LYS A 1 266 ? 0.637   -6.114  15.100  1.00 22.78 ? 267 LYS A C   1 
ATOM   827  O  O   . LYS A 1 266 ? 1.461   -5.321  14.639  1.00 22.98 ? 267 LYS A O   1 
ATOM   828  C  CB  . LYS A 1 266 ? 1.003   -8.346  14.045  1.00 24.94 ? 267 LYS A CB  1 
ATOM   829  C  CG  . LYS A 1 266 ? 1.364   -9.028  15.368  1.00 27.51 ? 267 LYS A CG  1 
ATOM   830  C  CD  . LYS A 1 266 ? 2.458   -10.080 15.204  1.00 27.17 ? 267 LYS A CD  1 
ATOM   831  C  CE  . LYS A 1 266 ? 3.830   -9.448  15.006  1.00 22.91 ? 267 LYS A CE  1 
ATOM   832  N  NZ  . LYS A 1 266 ? 4.911   -10.484 14.964  1.00 26.40 ? 267 LYS A NZ  1 
ATOM   833  N  N   . THR A 1 267 ? 0.257   -6.113  16.376  1.00 19.99 ? 268 THR A N   1 
ATOM   834  C  CA  . THR A 1 267 ? 0.846   -5.170  17.319  1.00 22.83 ? 268 THR A CA  1 
ATOM   835  C  C   . THR A 1 267 ? 2.297   -5.538  17.615  1.00 20.75 ? 268 THR A C   1 
ATOM   836  O  O   . THR A 1 267 ? 2.650   -6.715  17.726  1.00 21.37 ? 268 THR A O   1 
ATOM   837  C  CB  . THR A 1 267 ? 0.039   -5.121  18.621  1.00 26.93 ? 268 THR A CB  1 
ATOM   838  O  OG1 . THR A 1 267 ? 0.626   -4.162  19.509  1.00 25.63 ? 268 THR A OG1 1 
ATOM   839  C  CG2 . THR A 1 267 ? 0.009   -6.485  19.310  1.00 27.75 ? 268 THR A CG2 1 
ATOM   840  N  N   . CYS A 1 268 ? 3.148   -4.518  17.724  1.00 21.08 ? 269 CYS A N   1 
ATOM   841  C  CA  . CYS A 1 268 ? 4.527   -4.705  18.158  1.00 22.90 ? 269 CYS A CA  1 
ATOM   842  C  C   . CYS A 1 268 ? 4.797   -4.002  19.486  1.00 22.47 ? 269 CYS A C   1 
ATOM   843  O  O   . CYS A 1 268 ? 5.928   -3.603  19.770  1.00 22.70 ? 269 CYS A O   1 
ATOM   844  C  CB  . CYS A 1 268 ? 5.505   -4.233  17.083  1.00 19.99 ? 269 CYS A CB  1 
ATOM   845  S  SG  . CYS A 1 268 ? 5.743   -5.427  15.735  1.00 21.91 ? 269 CYS A SG  1 
ATOM   846  N  N   . GLY A 1 269 ? 3.766   -3.845  20.308  1.00 22.84 ? 270 GLY A N   1 
ATOM   847  C  CA  . GLY A 1 269 ? 3.945   -3.293  21.634  1.00 28.60 ? 270 GLY A CA  1 
ATOM   848  C  C   . GLY A 1 269 ? 3.932   -1.777  21.666  1.00 27.32 ? 270 GLY A C   1 
ATOM   849  O  O   . GLY A 1 269 ? 3.780   -1.086  20.654  1.00 24.79 ? 270 GLY A O   1 
ATOM   850  N  N   . GLY A 1 270 ? 4.120   -1.253  22.880  1.00 30.20 ? 271 GLY A N   1 
ATOM   851  C  CA  . GLY A 1 270 ? 3.972   0.170   23.125  1.00 25.99 ? 271 GLY A CA  1 
ATOM   852  C  C   . GLY A 1 270 ? 5.033   1.042   22.485  1.00 24.48 ? 271 GLY A C   1 
ATOM   853  O  O   . GLY A 1 270 ? 4.790   2.234   22.280  1.00 25.83 ? 271 GLY A O   1 
ATOM   854  N  N   . ALA A 1 271 ? 6.204   0.483   22.170  1.00 21.59 ? 272 ALA A N   1 
ATOM   855  C  CA  . ALA A 1 271 ? 7.272   1.284   21.587  1.00 26.38 ? 272 ALA A CA  1 
ATOM   856  C  C   . ALA A 1 271 ? 7.201   1.377   20.069  1.00 27.54 ? 272 ALA A C   1 
ATOM   857  O  O   . ALA A 1 271 ? 7.785   2.303   19.496  1.00 27.92 ? 272 ALA A O   1 
ATOM   858  C  CB  . ALA A 1 271 ? 8.642   0.727   21.984  1.00 26.09 ? 272 ALA A CB  1 
ATOM   859  N  N   . TRP A 1 272 ? 6.515   0.447   19.407  1.00 24.72 ? 273 TRP A N   1 
ATOM   860  C  CA  . TRP A 1 272 ? 6.427   0.445   17.951  1.00 25.73 ? 273 TRP A CA  1 
ATOM   861  C  C   . TRP A 1 272 ? 5.026   0.676   17.407  1.00 28.74 ? 273 TRP A C   1 
ATOM   862  O  O   . TRP A 1 272 ? 4.894   1.182   16.290  1.00 23.02 ? 273 TRP A O   1 
ATOM   863  C  CB  . TRP A 1 272 ? 6.931   -0.887  17.370  1.00 25.20 ? 273 TRP A CB  1 
ATOM   864  C  CG  . TRP A 1 272 ? 8.375   -1.212  17.606  1.00 23.37 ? 273 TRP A CG  1 
ATOM   865  C  CD1 . TRP A 1 272 ? 8.868   -2.339  18.200  1.00 25.38 ? 273 TRP A CD1 1 
ATOM   866  C  CD2 . TRP A 1 272 ? 9.515   -0.426  17.230  1.00 28.69 ? 273 TRP A CD2 1 
ATOM   867  N  NE1 . TRP A 1 272 ? 10.238  -2.303  18.221  1.00 26.29 ? 273 TRP A NE1 1 
ATOM   868  C  CE2 . TRP A 1 272 ? 10.662  -1.137  17.638  1.00 28.44 ? 273 TRP A CE2 1 
ATOM   869  C  CE3 . TRP A 1 272 ? 9.676   0.813   16.599  1.00 29.03 ? 273 TRP A CE3 1 
ATOM   870  C  CZ2 . TRP A 1 272 ? 11.951  -0.654  17.434  1.00 25.26 ? 273 TRP A CZ2 1 
ATOM   871  C  CZ3 . TRP A 1 272 ? 10.960  1.291   16.396  1.00 34.32 ? 273 TRP A CZ3 1 
ATOM   872  C  CH2 . TRP A 1 272 ? 12.079  0.561   16.814  1.00 30.44 ? 273 TRP A CH2 1 
ATOM   873  N  N   . GLY A 1 273 ? 3.982   0.305   18.143  1.00 22.90 ? 274 GLY A N   1 
ATOM   874  C  CA  . GLY A 1 273 ? 2.663   0.353   17.547  1.00 23.62 ? 274 GLY A CA  1 
ATOM   875  C  C   . GLY A 1 273 ? 2.445   -0.816  16.589  1.00 21.70 ? 274 GLY A C   1 
ATOM   876  O  O   . GLY A 1 273 ? 3.125   -1.846  16.645  1.00 22.72 ? 274 GLY A O   1 
ATOM   877  N  N   . ASP A 1 274 ? 1.482   -0.631  15.687  1.00 22.82 ? 275 ASP A N   1 
ATOM   878  C  CA  . ASP A 1 274 ? 1.048   -1.702  14.798  1.00 22.13 ? 275 ASP A CA  1 
ATOM   879  C  C   . ASP A 1 274 ? 1.957   -1.840  13.585  1.00 20.93 ? 275 ASP A C   1 
ATOM   880  O  O   . ASP A 1 274 ? 2.397   -0.850  12.996  1.00 20.52 ? 275 ASP A O   1 
ATOM   881  C  CB  . ASP A 1 274 ? -0.380  -1.457  14.309  1.00 24.49 ? 275 ASP A CB  1 
ATOM   882  C  CG  . ASP A 1 274 ? -1.407  -1.601  15.405  1.00 34.03 ? 275 ASP A CG  1 
ATOM   883  O  OD1 . ASP A 1 274 ? -1.212  -2.446  16.304  1.00 29.26 ? 275 ASP A OD1 1 
ATOM   884  O  OD2 . ASP A 1 274 ? -2.415  -0.867  15.355  1.00 29.28 ? 275 ASP A OD2 1 
ATOM   885  N  N   . TYR A 1 275 ? 2.201   -3.085  13.192  1.00 17.72 ? 276 TYR A N   1 
ATOM   886  C  CA  . TYR A 1 275 ? 2.837   -3.401  11.922  1.00 18.14 ? 276 TYR A CA  1 
ATOM   887  C  C   . TYR A 1 275 ? 1.741   -3.691  10.907  1.00 22.87 ? 276 TYR A C   1 
ATOM   888  O  O   . TYR A 1 275 ? 0.872   -4.533  11.156  1.00 19.30 ? 276 TYR A O   1 
ATOM   889  C  CB  . TYR A 1 275 ? 3.774   -4.601  12.078  1.00 20.48 ? 276 TYR A CB  1 
ATOM   890  C  CG  . TYR A 1 275 ? 4.413   -5.111  10.804  1.00 19.40 ? 276 TYR A CG  1 
ATOM   891  C  CD1 . TYR A 1 275 ? 5.575   -4.531  10.305  1.00 22.89 ? 276 TYR A CD1 1 
ATOM   892  C  CD2 . TYR A 1 275 ? 3.871   -6.190  10.116  1.00 22.47 ? 276 TYR A CD2 1 
ATOM   893  C  CE1 . TYR A 1 275 ? 6.175   -5.008  9.154   1.00 22.77 ? 276 TYR A CE1 1 
ATOM   894  C  CE2 . TYR A 1 275 ? 4.461   -6.671  8.961   1.00 24.30 ? 276 TYR A CE2 1 
ATOM   895  C  CZ  . TYR A 1 275 ? 5.614   -6.079  8.486   1.00 24.26 ? 276 TYR A CZ  1 
ATOM   896  O  OH  . TYR A 1 275 ? 6.206   -6.559  7.341   1.00 23.99 ? 276 TYR A OH  1 
ATOM   897  N  N   . VAL A 1 276 ? 1.762   -2.973  9.786   1.00 17.24 ? 277 VAL A N   1 
ATOM   898  C  CA  . VAL A 1 276 ? 0.764   -3.120  8.732   1.00 19.73 ? 277 VAL A CA  1 
ATOM   899  C  C   . VAL A 1 276 ? 1.477   -3.458  7.431   1.00 18.67 ? 277 VAL A C   1 
ATOM   900  O  O   . VAL A 1 276 ? 2.456   -2.798  7.063   1.00 20.63 ? 277 VAL A O   1 
ATOM   901  C  CB  . VAL A 1 276 ? -0.090  -1.847  8.567   1.00 18.96 ? 277 VAL A CB  1 
ATOM   902  C  CG1 . VAL A 1 276 ? -1.003  -1.972  7.347   1.00 18.77 ? 277 VAL A CG1 1 
ATOM   903  C  CG2 . VAL A 1 276 ? -0.901  -1.580  9.827   1.00 23.51 ? 277 VAL A CG2 1 
ATOM   904  N  N   . ILE A 1 277 ? 0.992   -4.489  6.743   1.00 18.12 ? 278 ILE A N   1 
ATOM   905  C  CA  . ILE A 1 277 ? 1.471   -4.855  5.418   1.00 17.09 ? 278 ILE A CA  1 
ATOM   906  C  C   . ILE A 1 277 ? 0.267   -4.993  4.502   1.00 19.78 ? 278 ILE A C   1 
ATOM   907  O  O   . ILE A 1 277 ? -0.719  -5.644  4.865   1.00 22.19 ? 278 ILE A O   1 
ATOM   908  C  CB  . ILE A 1 277 ? 2.281   -6.166  5.423   1.00 21.55 ? 278 ILE A CB  1 
ATOM   909  C  CG1 . ILE A 1 277 ? 2.449   -6.674  3.985   1.00 21.89 ? 278 ILE A CG1 1 
ATOM   910  C  CG2 . ILE A 1 277 ? 1.595   -7.218  6.277   1.00 22.67 ? 278 ILE A CG2 1 
ATOM   911  C  CD1 . ILE A 1 277 ? 3.307   -7.911  3.845   1.00 24.18 ? 278 ILE A CD1 1 
ATOM   912  N  N   . CYS A 1 278 ? 0.344   -4.382  3.325   1.00 19.63 ? 279 CYS A N   1 
ATOM   913  C  CA  . CYS A 1 278 ? -0.636  -4.573  2.267   1.00 17.91 ? 279 CYS A CA  1 
ATOM   914  C  C   . CYS A 1 278 ? 0.037   -5.185  1.047   1.00 22.17 ? 279 CYS A C   1 
ATOM   915  O  O   . CYS A 1 278 ? 1.124   -4.757  0.647   1.00 20.58 ? 279 CYS A O   1 
ATOM   916  C  CB  . CYS A 1 278 ? -1.306  -3.256  1.887   1.00 21.13 ? 279 CYS A CB  1 
ATOM   917  S  SG  . CYS A 1 278 ? -2.520  -2.702  3.095   1.00 21.34 ? 279 CYS A SG  1 
ATOM   918  N  N   . SER A 1 279 ? -0.618  -6.185  0.465   1.00 22.20 ? 280 SER A N   1 
ATOM   919  C  CA  . SER A 1 279 ? -0.154  -6.850  -0.744  1.00 22.11 ? 280 SER A CA  1 
ATOM   920  C  C   . SER A 1 279 ? -1.083  -6.498  -1.899  1.00 24.24 ? 280 SER A C   1 
ATOM   921  O  O   . SER A 1 279 ? -2.297  -6.373  -1.713  1.00 26.23 ? 280 SER A O   1 
ATOM   922  C  CB  . SER A 1 279 ? -0.098  -8.367  -0.547  1.00 22.20 ? 280 SER A CB  1 
ATOM   923  O  OG  . SER A 1 279 ? 0.771   -8.707  0.519   1.00 23.10 ? 280 SER A OG  1 
ATOM   924  N  N   . TYR A 1 280 ? -0.511  -6.349  -3.095  1.00 21.64 ? 281 TYR A N   1 
ATOM   925  C  CA  . TYR A 1 280 ? -1.216  -5.775  -4.235  1.00 22.45 ? 281 TYR A CA  1 
ATOM   926  C  C   . TYR A 1 280 ? -1.047  -6.654  -5.468  1.00 25.97 ? 281 TYR A C   1 
ATOM   927  O  O   . TYR A 1 280 ? 0.054   -7.130  -5.754  1.00 26.79 ? 281 TYR A O   1 
ATOM   928  C  CB  . TYR A 1 280 ? -0.696  -4.363  -4.544  1.00 20.30 ? 281 TYR A CB  1 
ATOM   929  C  CG  . TYR A 1 280 ? -0.854  -3.367  -3.409  1.00 21.53 ? 281 TYR A CG  1 
ATOM   930  C  CD1 . TYR A 1 280 ? -1.924  -2.482  -3.381  1.00 21.89 ? 281 TYR A CD1 1 
ATOM   931  C  CD2 . TYR A 1 280 ? 0.071   -3.307  -2.370  1.00 19.93 ? 281 TYR A CD2 1 
ATOM   932  C  CE1 . TYR A 1 280 ? -2.073  -1.564  -2.350  1.00 20.81 ? 281 TYR A CE1 1 
ATOM   933  C  CE2 . TYR A 1 280 ? -0.068  -2.395  -1.334  1.00 16.84 ? 281 TYR A CE2 1 
ATOM   934  C  CZ  . TYR A 1 280 ? -1.147  -1.525  -1.328  1.00 23.35 ? 281 TYR A CZ  1 
ATOM   935  O  OH  . TYR A 1 280 ? -1.300  -0.610  -0.306  1.00 21.46 ? 281 TYR A OH  1 
ATOM   936  N  N   . ASP A 1 281 ? -2.142  -6.850  -6.211  1.00 26.76 ? 282 ASP A N   1 
ATOM   937  C  CA  . ASP A 1 281 ? -2.113  -7.669  -7.426  1.00 27.78 ? 282 ASP A CA  1 
ATOM   938  C  C   . ASP A 1 281 ? -2.966  -7.012  -8.508  1.00 27.84 ? 282 ASP A C   1 
ATOM   939  O  O   . ASP A 1 281 ? -4.132  -6.665  -8.250  1.00 25.64 ? 282 ASP A O   1 
ATOM   940  C  CB  . ASP A 1 281 ? -2.605  -9.095  -7.161  1.00 27.06 ? 282 ASP A CB  1 
ATOM   941  C  CG  . ASP A 1 281 ? -2.312  -10.034 -8.319  1.00 39.19 ? 282 ASP A CG  1 
ATOM   942  O  OD1 . ASP A 1 281 ? -1.149  -10.074 -8.773  1.00 34.44 ? 282 ASP A OD1 1 
ATOM   943  O  OD2 . ASP A 1 281 ? -3.246  -10.722 -8.782  1.00 44.96 ? 282 ASP A OD2 1 
ATOM   944  N  N   . PRO A 1 282 ? -2.421  -6.799  -9.717  1.00 27.08 ? 283 PRO A N   1 
ATOM   945  C  CA  . PRO A 1 282 ? -1.005  -6.979  -10.057 1.00 31.81 ? 283 PRO A CA  1 
ATOM   946  C  C   . PRO A 1 282 ? -0.112  -6.003  -9.299  1.00 34.23 ? 283 PRO A C   1 
ATOM   947  O  O   . PRO A 1 282 ? -0.603  -5.003  -8.774  1.00 24.91 ? 283 PRO A O   1 
ATOM   948  C  CB  . PRO A 1 282 ? -0.961  -6.691  -11.562 1.00 33.93 ? 283 PRO A CB  1 
ATOM   949  C  CG  . PRO A 1 282 ? -2.348  -6.938  -12.038 1.00 36.68 ? 283 PRO A CG  1 
ATOM   950  C  CD  . PRO A 1 282 ? -3.237  -6.507  -10.908 1.00 33.29 ? 283 PRO A CD  1 
ATOM   951  N  N   . ALA A 1 283 ? 1.180   -6.304  -9.232  1.00 29.68 ? 284 ALA A N   1 
ATOM   952  C  CA  . ALA A 1 283 ? 2.106   -5.422  -8.544  1.00 27.88 ? 284 ALA A CA  1 
ATOM   953  C  C   . ALA A 1 283 ? 2.235   -4.098  -9.287  1.00 29.93 ? 284 ALA A C   1 
ATOM   954  O  O   . ALA A 1 283 ? 2.047   -4.017  -10.504 1.00 29.71 ? 284 ALA A O   1 
ATOM   955  C  CB  . ALA A 1 283 ? 3.476   -6.084  -8.407  1.00 29.60 ? 284 ALA A CB  1 
ATOM   956  N  N   . GLY A 1 284 ? 2.542   -3.044  -8.533  1.00 24.45 ? 285 GLY A N   1 
ATOM   957  C  CA  . GLY A 1 284 ? 2.866   -1.758  -9.101  1.00 26.91 ? 285 GLY A CA  1 
ATOM   958  C  C   . GLY A 1 284 ? 4.364   -1.513  -9.123  1.00 24.55 ? 285 GLY A C   1 
ATOM   959  O  O   . GLY A 1 284 ? 5.177   -2.409  -8.885  1.00 24.46 ? 285 GLY A O   1 
ATOM   960  N  N   . ASN A 1 285 ? 4.722   -0.264  -9.427  1.00 23.83 ? 286 ASN A N   1 
ATOM   961  C  CA  . ASN A 1 285 ? 6.107   0.206   -9.366  1.00 24.98 ? 286 ASN A CA  1 
ATOM   962  C  C   . ASN A 1 285 ? 7.004   -0.539  -10.351 1.00 33.66 ? 286 ASN A C   1 
ATOM   963  O  O   . ASN A 1 285 ? 8.148   -0.880  -10.044 1.00 29.08 ? 286 ASN A O   1 
ATOM   964  C  CB  . ASN A 1 285 ? 6.660   0.107   -7.943  1.00 29.77 ? 286 ASN A CB  1 
ATOM   965  C  CG  . ASN A 1 285 ? 6.001   1.089   -7.003  1.00 27.00 ? 286 ASN A CG  1 
ATOM   966  O  OD1 . ASN A 1 285 ? 5.152   1.879   -7.415  1.00 27.40 ? 286 ASN A OD1 1 
ATOM   967  N  ND2 . ASN A 1 285 ? 6.380   1.041   -5.730  1.00 25.37 ? 286 ASN A ND2 1 
ATOM   968  N  N   . TYR A 1 286 ? 6.481   -0.794  -11.546 1.00 31.06 ? 287 TYR A N   1 
ATOM   969  C  CA  . TYR A 1 286 ? 7.289   -1.350  -12.623 1.00 33.84 ? 287 TYR A CA  1 
ATOM   970  C  C   . TYR A 1 286 ? 8.049   -0.220  -13.304 1.00 30.38 ? 287 TYR A C   1 
ATOM   971  O  O   . TYR A 1 286 ? 7.439   0.747   -13.774 1.00 26.17 ? 287 TYR A O   1 
ATOM   972  C  CB  . TYR A 1 286 ? 6.415   -2.099  -13.625 1.00 33.62 ? 287 TYR A CB  1 
ATOM   973  C  CG  . TYR A 1 286 ? 6.018   -3.476  -13.161 1.00 37.26 ? 287 TYR A CG  1 
ATOM   974  C  CD1 . TYR A 1 286 ? 6.933   -4.519  -13.167 1.00 37.65 ? 287 TYR A CD1 1 
ATOM   975  C  CD2 . TYR A 1 286 ? 4.729   -3.735  -12.714 1.00 38.78 ? 287 TYR A CD2 1 
ATOM   976  C  CE1 . TYR A 1 286 ? 6.580   -5.782  -12.741 1.00 43.63 ? 287 TYR A CE1 1 
ATOM   977  C  CE2 . TYR A 1 286 ? 4.365   -4.997  -12.287 1.00 37.38 ? 287 TYR A CE2 1 
ATOM   978  C  CZ  . TYR A 1 286 ? 5.293   -6.016  -12.302 1.00 39.51 ? 287 TYR A CZ  1 
ATOM   979  O  OH  . TYR A 1 286 ? 4.936   -7.274  -11.879 1.00 38.78 ? 287 TYR A OH  1 
ATOM   980  N  N   . GLU A 1 287 ? 9.374   -0.331  -13.336 1.00 30.57 ? 288 GLU A N   1 
ATOM   981  C  CA  . GLU A 1 287 ? 10.189  0.705   -13.954 1.00 36.31 ? 288 GLU A CA  1 
ATOM   982  C  C   . GLU A 1 287 ? 9.797   0.868   -15.418 1.00 29.21 ? 288 GLU A C   1 
ATOM   983  O  O   . GLU A 1 287 ? 9.537   -0.110  -16.123 1.00 38.96 ? 288 GLU A O   1 
ATOM   984  C  CB  . GLU A 1 287 ? 11.677  0.359   -13.798 1.00 42.14 ? 288 GLU A CB  1 
ATOM   985  C  CG  . GLU A 1 287 ? 12.583  0.691   -14.976 1.00 50.85 ? 288 GLU A CG  1 
ATOM   986  C  CD  . GLU A 1 287 ? 12.741  2.171   -15.258 1.00 60.95 ? 288 GLU A CD  1 
ATOM   987  O  OE1 . GLU A 1 287 ? 12.682  2.972   -14.302 1.00 66.62 ? 288 GLU A OE1 1 
ATOM   988  O  OE2 . GLU A 1 287 ? 12.910  2.527   -16.445 1.00 72.16 ? 288 GLU A OE2 1 
ATOM   989  N  N   . GLY A 1 288 ? 9.699   2.124   -15.858 1.00 36.75 ? 289 GLY A N   1 
ATOM   990  C  CA  . GLY A 1 288 ? 9.247   2.448   -17.193 1.00 34.83 ? 289 GLY A CA  1 
ATOM   991  C  C   . GLY A 1 288 ? 7.744   2.519   -17.375 1.00 37.68 ? 289 GLY A C   1 
ATOM   992  O  O   . GLY A 1 288 ? 7.289   2.925   -18.451 1.00 34.51 ? 289 GLY A O   1 
ATOM   993  N  N   . GLU A 1 289 ? 6.956   2.146   -16.365 1.00 30.72 ? 290 GLU A N   1 
ATOM   994  C  CA  . GLU A 1 289 ? 5.502   2.110   -16.478 1.00 29.32 ? 290 GLU A CA  1 
ATOM   995  C  C   . GLU A 1 289 ? 4.807   3.111   -15.561 1.00 33.87 ? 290 GLU A C   1 
ATOM   996  O  O   . GLU A 1 289 ? 3.579   3.054   -15.419 1.00 28.43 ? 290 GLU A O   1 
ATOM   997  C  CB  . GLU A 1 289 ? 4.986   0.698   -16.185 1.00 33.59 ? 290 GLU A CB  1 
ATOM   998  C  CG  . GLU A 1 289 ? 5.762   -0.409  -16.878 1.00 42.66 ? 290 GLU A CG  1 
ATOM   999  C  CD  . GLU A 1 289 ? 5.056   -1.748  -16.799 1.00 53.51 ? 290 GLU A CD  1 
ATOM   1000 O  OE1 . GLU A 1 289 ? 5.719   -2.785  -17.010 1.00 59.38 ? 290 GLU A OE1 1 
ATOM   1001 O  OE2 . GLU A 1 289 ? 3.837   -1.763  -16.526 1.00 63.69 ? 290 GLU A OE2 1 
ATOM   1002 N  N   . TYR A 1 290 ? 5.556   4.030   -14.948 1.00 33.36 ? 291 TYR A N   1 
ATOM   1003 C  CA  . TYR A 1 290 ? 4.964   4.949   -13.978 1.00 32.23 ? 291 TYR A CA  1 
ATOM   1004 C  C   . TYR A 1 290 ? 4.019   5.942   -14.643 1.00 30.20 ? 291 TYR A C   1 
ATOM   1005 O  O   . TYR A 1 290 ? 2.939   6.227   -14.109 1.00 32.92 ? 291 TYR A O   1 
ATOM   1006 C  CB  . TYR A 1 290 ? 6.067   5.683   -13.215 1.00 23.45 ? 291 TYR A CB  1 
ATOM   1007 C  CG  . TYR A 1 290 ? 6.694   4.858   -12.116 1.00 28.43 ? 291 TYR A CG  1 
ATOM   1008 C  CD1 . TYR A 1 290 ? 6.360   5.073   -10.785 1.00 28.59 ? 291 TYR A CD1 1 
ATOM   1009 C  CD2 . TYR A 1 290 ? 7.607   3.853   -12.407 1.00 25.94 ? 291 TYR A CD2 1 
ATOM   1010 C  CE1 . TYR A 1 290 ? 6.928   4.319   -9.775  1.00 31.40 ? 291 TYR A CE1 1 
ATOM   1011 C  CE2 . TYR A 1 290 ? 8.178   3.093   -11.405 1.00 32.55 ? 291 TYR A CE2 1 
ATOM   1012 C  CZ  . TYR A 1 290 ? 7.833   3.330   -10.089 1.00 31.15 ? 291 TYR A CZ  1 
ATOM   1013 O  OH  . TYR A 1 290 ? 8.400   2.577   -9.084  1.00 28.72 ? 291 TYR A OH  1 
ATOM   1014 N  N   . ALA A 1 291 ? 4.404   6.484   -15.801 1.00 32.90 ? 292 ALA A N   1 
ATOM   1015 C  CA  . ALA A 1 291 ? 3.561   7.469   -16.472 1.00 32.22 ? 292 ALA A CA  1 
ATOM   1016 C  C   . ALA A 1 291 ? 2.202   6.892   -16.850 1.00 30.63 ? 292 ALA A C   1 
ATOM   1017 O  O   . ALA A 1 291 ? 1.198   7.613   -16.832 1.00 33.52 ? 292 ALA A O   1 
ATOM   1018 C  CB  . ALA A 1 291 ? 4.271   8.014   -17.712 1.00 38.40 ? 292 ALA A CB  1 
ATOM   1019 N  N   . ASP A 1 292 ? 2.145   5.601   -17.183 1.00 31.62 ? 293 ASP A N   1 
ATOM   1020 C  CA  . ASP A 1 292 ? 0.887   4.974   -17.571 1.00 37.26 ? 293 ASP A CA  1 
ATOM   1021 C  C   . ASP A 1 292 ? 0.021   4.586   -16.380 1.00 40.25 ? 293 ASP A C   1 
ATOM   1022 O  O   . ASP A 1 292 ? -1.172  4.318   -16.561 1.00 32.26 ? 293 ASP A O   1 
ATOM   1023 C  CB  . ASP A 1 292 ? 1.150   3.726   -18.417 1.00 37.73 ? 293 ASP A CB  1 
ATOM   1024 C  CG  . ASP A 1 292 ? 1.686   4.054   -19.796 1.00 41.25 ? 293 ASP A CG  1 
ATOM   1025 O  OD1 . ASP A 1 292 ? 1.428   5.172   -20.291 1.00 44.25 ? 293 ASP A OD1 1 
ATOM   1026 O  OD2 . ASP A 1 292 ? 2.362   3.186   -20.387 1.00 48.87 ? 293 ASP A OD2 1 
ATOM   1027 N  N   . ASN A 1 293 ? 0.586   4.546   -15.173 1.00 30.54 ? 294 ASN A N   1 
ATOM   1028 C  CA  . ASN A 1 293 ? -0.125  4.007   -14.024 1.00 25.72 ? 294 ASN A CA  1 
ATOM   1029 C  C   . ASN A 1 293 ? -0.197  4.940   -12.824 1.00 26.75 ? 294 ASN A C   1 
ATOM   1030 O  O   . ASN A 1 293 ? -0.926  4.633   -11.876 1.00 28.27 ? 294 ASN A O   1 
ATOM   1031 C  CB  . ASN A 1 293 ? 0.510   2.681   -13.586 1.00 24.26 ? 294 ASN A CB  1 
ATOM   1032 C  CG  . ASN A 1 293 ? 0.237   1.563   -14.567 1.00 34.44 ? 294 ASN A CG  1 
ATOM   1033 O  OD1 . ASN A 1 293 ? -0.812  0.929   -14.515 1.00 27.14 ? 294 ASN A OD1 1 
ATOM   1034 N  ND2 . ASN A 1 293 ? 1.177   1.322   -15.476 1.00 27.66 ? 294 ASN A ND2 1 
ATOM   1035 N  N   . VAL A 1 294 ? 0.519   6.058   -12.831 1.00 24.99 ? 295 VAL A N   1 
ATOM   1036 C  CA  . VAL A 1 294 ? 0.449   7.044   -11.757 1.00 29.33 ? 295 VAL A CA  1 
ATOM   1037 C  C   . VAL A 1 294 ? -0.063  8.332   -12.385 1.00 24.05 ? 295 VAL A C   1 
ATOM   1038 O  O   . VAL A 1 294 ? 0.714   9.117   -12.943 1.00 25.73 ? 295 VAL A O   1 
ATOM   1039 C  CB  . VAL A 1 294 ? 1.798   7.250   -11.063 1.00 25.51 ? 295 VAL A CB  1 
ATOM   1040 C  CG1 . VAL A 1 294 ? 1.669   8.285   -9.946  1.00 25.63 ? 295 VAL A CG1 1 
ATOM   1041 C  CG2 . VAL A 1 294 ? 2.308   5.927   -10.518 1.00 25.93 ? 295 VAL A CG2 1 
ATOM   1042 N  N   . GLU A 1 295 ? -1.360  8.544   -12.307 1.00 26.50 ? 296 GLU A N   1 
ATOM   1043 C  CA  . GLU A 1 295 ? -2.025  9.684   -12.913 1.00 26.09 ? 296 GLU A CA  1 
ATOM   1044 C  C   . GLU A 1 295 ? -2.003  10.886  -11.976 1.00 27.63 ? 296 GLU A C   1 
ATOM   1045 O  O   . GLU A 1 295 ? -1.941  10.727  -10.753 1.00 27.98 ? 296 GLU A O   1 
ATOM   1046 C  CB  . GLU A 1 295 ? -3.469  9.329   -13.257 1.00 22.86 ? 296 GLU A CB  1 
ATOM   1047 C  CG  . GLU A 1 295 ? -3.599  8.266   -14.333 1.00 30.24 ? 296 GLU A CG  1 
ATOM   1048 C  CD  . GLU A 1 295 ? -3.535  8.847   -15.731 1.00 36.93 ? 296 GLU A CD  1 
ATOM   1049 O  OE1 . GLU A 1 295 ? -3.417  10.085  -15.860 1.00 39.28 ? 296 GLU A OE1 1 
ATOM   1050 O  OE2 . GLU A 1 295 ? -3.606  8.066   -16.702 1.00 37.48 ? 296 GLU A OE2 1 
ATOM   1051 N  N   . PRO A 1 296 ? -2.044  12.098  -12.522 1.00 28.94 ? 297 PRO A N   1 
ATOM   1052 C  CA  . PRO A 1 296 ? -2.094  13.291  -11.671 1.00 27.45 ? 297 PRO A CA  1 
ATOM   1053 C  C   . PRO A 1 296 ? -3.451  13.433  -11.000 1.00 31.35 ? 297 PRO A C   1 
ATOM   1054 O  O   . PRO A 1 296 ? -4.430  12.768  -11.346 1.00 24.37 ? 297 PRO A O   1 
ATOM   1055 C  CB  . PRO A 1 296 ? -1.830  14.438  -12.650 1.00 38.48 ? 297 PRO A CB  1 
ATOM   1056 C  CG  . PRO A 1 296 ? -2.282  13.909  -13.972 1.00 39.75 ? 297 PRO A CG  1 
ATOM   1057 C  CD  . PRO A 1 296 ? -1.961  12.442  -13.953 1.00 33.89 ? 297 PRO A CD  1 
ATOM   1058 N  N   . LEU A 1 297 ? -3.495  14.317  -10.007 1.00 28.04 ? 298 LEU A N   1 
ATOM   1059 C  CA  . LEU A 1 297 ? -4.767  14.661  -9.390  1.00 27.01 ? 298 LEU A CA  1 
ATOM   1060 C  C   . LEU A 1 297 ? -5.712  15.228  -10.441 1.00 36.40 ? 298 LEU A C   1 
ATOM   1061 O  O   . LEU A 1 297 ? -5.322  16.046  -11.275 1.00 27.83 ? 298 LEU A O   1 
ATOM   1062 C  CB  . LEU A 1 297 ? -4.558  15.675  -8.265  1.00 28.60 ? 298 LEU A CB  1 
ATOM   1063 C  CG  . LEU A 1 297 ? -3.754  15.195  -7.058  1.00 23.44 ? 298 LEU A CG  1 
ATOM   1064 C  CD1 . LEU A 1 297 ? -3.460  16.363  -6.138  1.00 29.99 ? 298 LEU A CD1 1 
ATOM   1065 C  CD2 . LEU A 1 297 ? -4.516  14.099  -6.322  1.00 25.38 ? 298 LEU A CD2 1 
ATOM   1066 N  N   . ALA A 1 298 ? -6.956  14.775  -10.419 1.00 32.60 ? 299 ALA A N   1 
ATOM   1067 C  CA  . ALA A 1 298 ? -7.916  15.282  -11.386 1.00 40.36 ? 299 ALA A CA  1 
ATOM   1068 C  C   . ALA A 1 298 ? -8.582  16.539  -10.855 1.00 37.71 ? 299 ALA A C   1 
ATOM   1069 O  O   . ALA A 1 298 ? -8.669  16.731  -9.643  1.00 44.40 ? 299 ALA A O   1 
ATOM   1070 C  CB  . ALA A 1 298 ? -8.937  14.235  -11.714 1.00 42.62 ? 299 ALA A CB  1 
ATOM   1071 O  OXT . ALA A 1 298 ? -9.031  17.389  -11.625 1.00 49.40 ? 299 ALA A OXT 1 
HETATM 1072 MG MG  . MG  B 2 .   ? 7.495   -0.682  2.071   1.00 45.05 ? 301 MG  A MG  1 
HETATM 1073 O  O   . HOH C 3 .   ? -10.463 -9.392  -5.533  1.00 50.90 ? 401 HOH A O   1 
HETATM 1074 O  O   . HOH C 3 .   ? -0.552  -11.779 14.250  1.00 43.68 ? 402 HOH A O   1 
HETATM 1075 O  O   . HOH C 3 .   ? -3.927  12.365  3.455   1.00 41.35 ? 403 HOH A O   1 
HETATM 1076 O  O   . HOH C 3 .   ? -3.896  17.890  -11.552 1.00 48.72 ? 404 HOH A O   1 
HETATM 1077 O  O   . HOH C 3 .   ? -9.022  17.373  -14.146 1.00 43.84 ? 405 HOH A O   1 
HETATM 1078 O  O   . HOH C 3 .   ? 14.372  -7.517  10.567  1.00 34.57 ? 406 HOH A O   1 
HETATM 1079 O  O   . HOH C 3 .   ? -4.669  -4.679  -14.366 1.00 33.56 ? 407 HOH A O   1 
HETATM 1080 O  O   . HOH C 3 .   ? -11.063 4.077   5.872   1.00 27.00 ? 408 HOH A O   1 
HETATM 1081 O  O   . HOH C 3 .   ? -16.659 -10.924 5.561   1.00 58.10 ? 409 HOH A O   1 
HETATM 1082 O  O   . HOH C 3 .   ? 0.033   -1.815  18.577  1.00 29.88 ? 410 HOH A O   1 
HETATM 1083 O  O   . HOH C 3 .   ? 14.066  7.627   2.357   1.00 30.10 ? 411 HOH A O   1 
HETATM 1084 O  O   . HOH C 3 .   ? 3.931   -19.099 8.378   1.00 53.08 ? 412 HOH A O   1 
HETATM 1085 O  O   . HOH C 3 .   ? 7.385   -10.446 8.627   1.00 45.95 ? 413 HOH A O   1 
HETATM 1086 O  O   . HOH C 3 .   ? -8.429  15.358  -7.328  1.00 35.06 ? 414 HOH A O   1 
HETATM 1087 O  O   . HOH C 3 .   ? 7.983   12.085  2.630   1.00 24.77 ? 415 HOH A O   1 
HETATM 1088 O  O   . HOH C 3 .   ? 7.712   6.018   -6.791  1.00 28.05 ? 416 HOH A O   1 
HETATM 1089 O  O   . HOH C 3 .   ? -12.900 9.654   -9.086  1.00 37.14 ? 417 HOH A O   1 
HETATM 1090 O  O   . HOH C 3 .   ? 10.329  0.960   -9.879  1.00 37.33 ? 418 HOH A O   1 
HETATM 1091 O  O   . HOH C 3 .   ? -5.825  -9.861  7.267   1.00 34.14 ? 419 HOH A O   1 
HETATM 1092 O  O   . HOH C 3 .   ? 2.208   -2.677  -14.639 1.00 46.13 ? 420 HOH A O   1 
HETATM 1093 O  O   . HOH C 3 .   ? 11.974  15.723  -10.213 1.00 37.23 ? 421 HOH A O   1 
HETATM 1094 O  O   . HOH C 3 .   ? 10.466  1.746   10.966  1.00 33.02 ? 422 HOH A O   1 
HETATM 1095 O  O   . HOH C 3 .   ? 8.913   9.747   3.506   1.00 29.43 ? 423 HOH A O   1 
HETATM 1096 O  O   . HOH C 3 .   ? 9.594   16.648  -1.857  1.00 38.65 ? 424 HOH A O   1 
HETATM 1097 O  O   . HOH C 3 .   ? 8.934   5.985   2.477   1.00 44.41 ? 425 HOH A O   1 
HETATM 1098 O  O   . HOH C 3 .   ? 10.711  15.057  -5.501  1.00 40.24 ? 426 HOH A O   1 
HETATM 1099 O  O   . HOH C 3 .   ? -5.509  -8.862  -9.352  1.00 35.31 ? 427 HOH A O   1 
HETATM 1100 O  O   . HOH C 3 .   ? -10.287 7.854   -10.256 1.00 33.22 ? 428 HOH A O   1 
HETATM 1101 O  O   . HOH C 3 .   ? 2.993   5.613   16.103  1.00 39.17 ? 429 HOH A O   1 
HETATM 1102 O  O   . HOH C 3 .   ? 2.573   -8.305  -11.148 1.00 42.49 ? 430 HOH A O   1 
HETATM 1103 O  O   . HOH C 3 .   ? -5.336  8.483   -18.707 1.00 49.15 ? 431 HOH A O   1 
HETATM 1104 O  O   . HOH C 3 .   ? 1.937   -9.351  -8.824  1.00 59.58 ? 432 HOH A O   1 
HETATM 1105 O  O   . HOH C 3 .   ? 2.550   -9.184  18.794  1.00 27.14 ? 433 HOH A O   1 
HETATM 1106 O  O   . HOH C 3 .   ? 8.987   -6.234  7.105   1.00 25.60 ? 434 HOH A O   1 
HETATM 1107 O  O   . HOH C 3 .   ? 12.298  2.550   -11.662 1.00 52.25 ? 435 HOH A O   1 
HETATM 1108 O  O   . HOH C 3 .   ? -14.358 -2.497  -4.544  1.00 35.33 ? 436 HOH A O   1 
HETATM 1109 O  O   . HOH C 3 .   ? 0.682   9.938   -15.540 1.00 34.95 ? 437 HOH A O   1 
HETATM 1110 O  O   . HOH C 3 .   ? -11.844 5.251   -8.426  1.00 25.05 ? 438 HOH A O   1 
HETATM 1111 O  O   . HOH C 3 .   ? -3.045  6.536   -10.938 1.00 27.91 ? 439 HOH A O   1 
HETATM 1112 O  O   . HOH C 3 .   ? 1.552   0.713   10.683  1.00 20.71 ? 440 HOH A O   1 
HETATM 1113 O  O   . HOH C 3 .   ? -8.096  -0.987  -10.392 1.00 33.66 ? 441 HOH A O   1 
HETATM 1114 O  O   . HOH C 3 .   ? 8.755   12.148  -9.120  1.00 31.48 ? 442 HOH A O   1 
HETATM 1115 O  O   . HOH C 3 .   ? 1.118   -3.947  -13.070 1.00 40.86 ? 443 HOH A O   1 
HETATM 1116 O  O   . HOH C 3 .   ? 3.147   -8.433  -0.806  1.00 24.60 ? 444 HOH A O   1 
HETATM 1117 O  O   . HOH C 3 .   ? -12.346 4.596   -5.551  1.00 28.32 ? 445 HOH A O   1 
HETATM 1118 O  O   . HOH C 3 .   ? 3.244   -14.496 3.472   1.00 35.45 ? 446 HOH A O   1 
HETATM 1119 O  O   . HOH C 3 .   ? -1.627  8.569   9.081   1.00 28.43 ? 447 HOH A O   1 
HETATM 1120 O  O   . HOH C 3 .   ? 5.409   -0.092  -2.788  1.00 23.58 ? 448 HOH A O   1 
HETATM 1121 O  O   . HOH C 3 .   ? -1.071  8.054   -18.326 1.00 45.13 ? 449 HOH A O   1 
HETATM 1122 O  O   . HOH C 3 .   ? -6.376  18.749  -14.141 1.00 53.42 ? 450 HOH A O   1 
HETATM 1123 O  O   . HOH C 3 .   ? 3.624   11.655  -14.994 1.00 41.11 ? 451 HOH A O   1 
HETATM 1124 O  O   . HOH C 3 .   ? 15.572  -1.616  16.816  1.00 46.90 ? 452 HOH A O   1 
HETATM 1125 O  O   . HOH C 3 .   ? 3.478   9.644   -13.134 1.00 26.19 ? 453 HOH A O   1 
HETATM 1126 O  O   . HOH C 3 .   ? -12.289 -9.797  5.810   1.00 53.26 ? 454 HOH A O   1 
HETATM 1127 O  O   . HOH C 3 .   ? -4.344  14.528  -2.803  1.00 29.02 ? 455 HOH A O   1 
HETATM 1128 O  O   . HOH C 3 .   ? -12.300 10.687  -2.358  1.00 26.18 ? 456 HOH A O   1 
HETATM 1129 O  O   . HOH C 3 .   ? -10.956 -4.695  -8.733  1.00 33.47 ? 457 HOH A O   1 
HETATM 1130 O  O   . HOH C 3 .   ? 1.210   -1.241  -17.372 1.00 47.60 ? 458 HOH A O   1 
HETATM 1131 O  O   . HOH C 3 .   ? 0.614   -4.535  22.294  1.00 48.21 ? 459 HOH A O   1 
HETATM 1132 O  O   . HOH C 3 .   ? -9.275  -0.073  11.154  1.00 36.63 ? 460 HOH A O   1 
HETATM 1133 O  O   . HOH C 3 .   ? 4.923   -2.450  -4.461  1.00 22.70 ? 461 HOH A O   1 
HETATM 1134 O  O   . HOH C 3 .   ? -9.312  10.557  2.020   1.00 32.75 ? 462 HOH A O   1 
HETATM 1135 O  O   . HOH C 3 .   ? -7.256  -1.014  -13.743 1.00 37.32 ? 463 HOH A O   1 
HETATM 1136 O  O   . HOH C 3 .   ? 9.250   -2.938  -16.211 1.00 49.79 ? 464 HOH A O   1 
HETATM 1137 O  O   . HOH C 3 .   ? 0.630   -17.403 10.551  1.00 51.50 ? 465 HOH A O   1 
HETATM 1138 O  O   . HOH C 3 .   ? 12.602  -6.461  9.011   1.00 43.51 ? 466 HOH A O   1 
HETATM 1139 O  O   . HOH C 3 .   ? -14.670 -1.609  2.469   1.00 27.22 ? 467 HOH A O   1 
HETATM 1140 O  O   . HOH C 3 .   ? 8.333   -0.921  -5.021  1.00 39.14 ? 468 HOH A O   1 
HETATM 1141 O  O   . HOH C 3 .   ? -13.908 -6.105  -2.163  1.00 26.34 ? 469 HOH A O   1 
HETATM 1142 O  O   . HOH C 3 .   ? -10.395 -13.538 -2.711  1.00 45.50 ? 470 HOH A O   1 
HETATM 1143 O  O   . HOH C 3 .   ? 8.240   4.526   -0.073  1.00 44.91 ? 471 HOH A O   1 
HETATM 1144 O  O   . HOH C 3 .   ? -2.925  -9.607  14.700  1.00 43.13 ? 472 HOH A O   1 
HETATM 1145 O  O   . HOH C 3 .   ? 9.440   9.805   -7.957  1.00 40.13 ? 473 HOH A O   1 
HETATM 1146 O  O   . HOH C 3 .   ? -11.227 11.014  4.520   1.00 36.52 ? 474 HOH A O   1 
HETATM 1147 O  O   . HOH C 3 .   ? -3.600  -3.985  16.815  1.00 50.09 ? 475 HOH A O   1 
HETATM 1148 O  O   . HOH C 3 .   ? 11.742  10.478  -11.060 1.00 45.50 ? 476 HOH A O   1 
HETATM 1149 O  O   . HOH C 3 .   ? 13.036  0.218   7.792   1.00 36.12 ? 477 HOH A O   1 
HETATM 1150 O  O   . HOH C 3 .   ? 8.134   13.508  -18.563 1.00 57.75 ? 478 HOH A O   1 
HETATM 1151 O  O   . HOH C 3 .   ? -1.387  16.298  -9.711  1.00 30.26 ? 479 HOH A O   1 
HETATM 1152 O  O   . HOH C 3 .   ? -6.424  -9.571  9.376   1.00 46.94 ? 480 HOH A O   1 
HETATM 1153 O  O   . HOH C 3 .   ? 10.486  3.414   19.316  1.00 41.15 ? 481 HOH A O   1 
HETATM 1154 O  O   . HOH C 3 .   ? 12.576  8.173   -11.132 1.00 35.19 ? 482 HOH A O   1 
HETATM 1155 O  O   . HOH C 3 .   ? -3.272  -13.882 12.961  1.00 42.54 ? 483 HOH A O   1 
HETATM 1156 O  O   . HOH C 3 .   ? -2.879  -15.990 7.036   1.00 38.98 ? 484 HOH A O   1 
HETATM 1157 O  O   . HOH C 3 .   ? 10.697  -9.961  10.451  1.00 29.46 ? 485 HOH A O   1 
HETATM 1158 O  O   . HOH C 3 .   ? 10.287  4.852   -14.898 1.00 43.70 ? 486 HOH A O   1 
HETATM 1159 O  O   . HOH C 3 .   ? -2.283  1.808   16.595  1.00 49.65 ? 487 HOH A O   1 
HETATM 1160 O  O   . HOH C 3 .   ? 4.186   -2.687  25.464  1.00 29.23 ? 488 HOH A O   1 
HETATM 1161 O  O   . HOH C 3 .   ? -7.074  5.776   11.244  1.00 38.45 ? 489 HOH A O   1 
HETATM 1162 O  O   . HOH C 3 .   ? 13.382  -4.423  1.791   1.00 40.27 ? 490 HOH A O   1 
HETATM 1163 O  O   . HOH C 3 .   ? -0.327  -3.212  -16.784 1.00 53.00 ? 491 HOH A O   1 
HETATM 1164 O  O   . HOH C 3 .   ? 4.894   -15.609 14.761  1.00 40.81 ? 492 HOH A O   1 
HETATM 1165 O  O   . HOH C 3 .   ? -9.704  -11.188 4.465   1.00 47.47 ? 493 HOH A O   1 
HETATM 1166 O  O   . HOH C 3 .   ? -2.999  4.981   13.927  1.00 28.36 ? 494 HOH A O   1 
HETATM 1167 O  O   . HOH C 3 .   ? -5.101  -1.033  16.640  1.00 58.40 ? 495 HOH A O   1 
HETATM 1168 O  O   . HOH C 3 .   ? 12.192  -11.084 3.334   1.00 44.43 ? 496 HOH A O   1 
HETATM 1169 O  O   . HOH C 3 .   ? -8.075  -13.875 4.303   1.00 39.61 ? 497 HOH A O   1 
HETATM 1170 O  O   . HOH C 3 .   ? -7.875  -15.245 -5.368  1.00 43.47 ? 498 HOH A O   1 
HETATM 1171 O  O   . HOH C 3 .   ? 4.860   -10.055 -2.343  1.00 28.12 ? 499 HOH A O   1 
HETATM 1172 O  O   . HOH C 3 .   ? 7.209   -4.543  -9.454  1.00 46.47 ? 500 HOH A O   1 
HETATM 1173 O  O   . HOH C 3 .   ? -0.143  1.887   15.942  1.00 30.14 ? 501 HOH A O   1 
HETATM 1174 O  O   . HOH C 3 .   ? 13.820  -11.584 11.385  1.00 45.21 ? 502 HOH A O   1 
HETATM 1175 O  O   . HOH C 3 .   ? 15.178  -1.680  5.100   0.50 45.17 ? 503 HOH A O   1 
HETATM 1176 O  O   . HOH C 3 .   ? -10.686 -12.435 -5.115  1.00 48.19 ? 504 HOH A O   1 
HETATM 1177 O  O   . HOH C 3 .   ? 4.228   17.582  -10.066 1.00 32.79 ? 505 HOH A O   1 
HETATM 1178 O  O   . HOH C 3 .   ? 9.955   -3.277  -9.439  1.00 53.21 ? 506 HOH A O   1 
HETATM 1179 O  O   . HOH C 3 .   ? 4.670   4.514   -18.565 1.00 34.64 ? 507 HOH A O   1 
HETATM 1180 O  O   . HOH C 3 .   ? -9.664  11.040  -0.175  1.00 38.95 ? 508 HOH A O   1 
HETATM 1181 O  O   . HOH C 3 .   ? -11.234 10.329  -11.560 1.00 40.10 ? 509 HOH A O   1 
HETATM 1182 O  O   . HOH C 3 .   ? -13.786 1.573   -10.378 1.00 32.17 ? 510 HOH A O   1 
HETATM 1183 O  O   . HOH C 3 .   ? -1.865  -16.550 -0.622  1.00 46.72 ? 511 HOH A O   1 
HETATM 1184 O  O   . HOH C 3 .   ? 7.833   5.650   -16.300 1.00 30.89 ? 512 HOH A O   1 
HETATM 1185 O  O   . HOH C 3 .   ? -1.875  -8.240  17.132  1.00 29.28 ? 513 HOH A O   1 
HETATM 1186 O  O   . HOH C 3 .   ? -6.745  -1.133  11.935  1.00 27.22 ? 514 HOH A O   1 
HETATM 1187 O  O   . HOH C 3 .   ? 4.564   -10.926 18.033  1.00 31.62 ? 515 HOH A O   1 
HETATM 1188 O  O   . HOH C 3 .   ? 12.465  7.442   -13.811 1.00 37.57 ? 516 HOH A O   1 
HETATM 1189 O  O   . HOH C 3 .   ? -10.752 -5.541  12.783  1.00 49.80 ? 517 HOH A O   1 
HETATM 1190 O  O   . HOH C 3 .   ? 5.119   12.707  3.032   0.50 31.50 ? 518 HOH A O   1 
HETATM 1191 O  O   . HOH C 3 .   ? 7.632   -3.052  -2.780  1.00 45.79 ? 519 HOH A O   1 
HETATM 1192 O  O   . HOH C 3 .   ? -12.500 8.546   -15.321 1.00 46.84 ? 520 HOH A O   1 
HETATM 1193 O  O   . HOH C 3 .   ? -14.645 -7.515  12.228  1.00 47.04 ? 521 HOH A O   1 
HETATM 1194 O  O   . HOH C 3 .   ? 16.077  2.959   -16.301 1.00 43.12 ? 522 HOH A O   1 
HETATM 1195 O  O   . HOH C 3 .   ? 6.467   17.651  -5.945  1.00 55.06 ? 523 HOH A O   1 
HETATM 1196 O  O   . HOH C 3 .   ? 12.064  -10.083 6.955   1.00 47.78 ? 524 HOH A O   1 
HETATM 1197 O  O   . HOH C 3 .   ? -0.468  -19.144 9.018   1.00 62.13 ? 525 HOH A O   1 
HETATM 1198 O  O   . HOH C 3 .   ? 6.392   -3.930  -6.187  1.00 43.37 ? 526 HOH A O   1 
HETATM 1199 O  O   . HOH C 3 .   ? 8.499   18.240  -4.070  1.00 47.93 ? 527 HOH A O   1 
HETATM 1200 O  O   . HOH C 3 .   ? 13.556  2.065   13.497  1.00 38.51 ? 528 HOH A O   1 
HETATM 1201 O  O   . HOH C 3 .   ? -5.068  -2.914  15.380  1.00 56.84 ? 529 HOH A O   1 
HETATM 1202 O  O   . HOH C 3 .   ? 10.479  -3.523  -13.416 1.00 32.42 ? 530 HOH A O   1 
HETATM 1203 O  O   . HOH C 3 .   ? -11.662 7.369   -12.949 1.00 35.89 ? 531 HOH A O   1 
HETATM 1204 O  O   . HOH C 3 .   ? -11.733 4.622   -13.280 1.00 41.83 ? 532 HOH A O   1 
HETATM 1205 O  O   . HOH C 3 .   ? -6.361  -12.793 6.551   1.00 44.76 ? 533 HOH A O   1 
HETATM 1206 O  O   . HOH C 3 .   ? -18.240 -2.763  15.197  1.00 62.96 ? 534 HOH A O   1 
HETATM 1207 O  O   . HOH C 3 .   ? -4.277  9.368   9.639   1.00 44.86 ? 535 HOH A O   1 
HETATM 1208 O  O   . HOH C 3 .   ? 10.719  -8.132  8.285   1.00 33.80 ? 536 HOH A O   1 
HETATM 1209 O  O   . HOH C 3 .   ? 5.143   2.105   25.918  1.00 46.35 ? 537 HOH A O   1 
HETATM 1210 O  O   . HOH C 3 .   ? -8.462  -9.405  6.874   1.00 46.71 ? 538 HOH A O   1 
HETATM 1211 O  O   . HOH C 3 .   ? -12.535 7.649   -10.552 1.00 42.14 ? 539 HOH A O   1 
HETATM 1212 O  O   . HOH C 3 .   ? 11.728  10.980  -8.375  1.00 48.17 ? 540 HOH A O   1 
HETATM 1213 O  O   . HOH C 3 .   ? 1.516   -17.332 -6.621  1.00 53.50 ? 541 HOH A O   1 
HETATM 1214 O  O   . HOH C 3 .   ? 12.041  -2.325  -10.129 1.00 46.39 ? 542 HOH A O   1 
HETATM 1215 O  O   . HOH C 3 .   ? -2.232  -18.171 0.304   1.00 56.03 ? 543 HOH A O   1 
HETATM 1216 O  O   . HOH C 3 .   ? 13.027  5.196   3.451   1.00 42.22 ? 544 HOH A O   1 
HETATM 1217 O  O   . HOH C 3 .   ? -2.536  -5.530  -15.998 1.00 49.09 ? 545 HOH A O   1 
HETATM 1218 O  O   . HOH C 3 .   ? -7.608  17.153  -5.373  1.00 49.05 ? 546 HOH A O   1 
HETATM 1219 O  O   . HOH C 3 .   ? -7.386  -8.622  11.630  1.00 48.90 ? 547 HOH A O   1 
HETATM 1220 O  O   . HOH C 3 .   ? -5.280  -14.986 7.829   1.00 48.63 ? 548 HOH A O   1 
HETATM 1221 O  O   . HOH C 3 .   ? -11.780 4.316   8.663   1.00 38.84 ? 549 HOH A O   1 
HETATM 1222 O  O   . HOH C 3 .   ? -13.406 2.800   -12.689 1.00 45.62 ? 550 HOH A O   1 
HETATM 1223 O  O   . HOH C 3 .   ? 12.301  -13.751 -6.757  1.00 53.68 ? 551 HOH A O   1 
HETATM 1224 O  O   . HOH C 3 .   ? 0.141   -12.804 16.718  1.00 48.15 ? 552 HOH A O   1 
HETATM 1225 O  O   . HOH C 3 .   ? -0.066  -5.385  -15.022 1.00 51.08 ? 553 HOH A O   1 
HETATM 1226 O  O   . HOH C 3 .   ? -10.244 -16.581 -2.758  1.00 46.85 ? 554 HOH A O   1 
HETATM 1227 O  O   . HOH C 3 .   ? 12.418  0.269   -8.826  1.00 36.72 ? 555 HOH A O   1 
HETATM 1228 O  O   . HOH C 3 .   ? -0.094  -10.275 18.675  1.00 37.07 ? 556 HOH A O   1 
HETATM 1229 O  O   . HOH C 3 .   ? -7.875  0.980   -15.933 1.00 48.91 ? 557 HOH A O   1 
HETATM 1230 O  O   . HOH C 3 .   ? -5.263  -14.829 10.649  1.00 56.21 ? 558 HOH A O   1 
HETATM 1231 O  O   . HOH C 3 .   ? 1.022   -14.972 -8.959  1.00 53.48 ? 559 HOH A O   1 
HETATM 1232 O  O   . HOH C 3 .   ? -0.269  17.378  -4.473  1.00 45.48 ? 560 HOH A O   1 
HETATM 1233 O  O   . HOH C 3 .   ? -2.309  16.386  -2.580  1.00 37.16 ? 561 HOH A O   1 
HETATM 1234 O  O   . HOH C 3 .   ? 5.083   0.239   27.469  1.00 50.43 ? 562 HOH A O   1 
HETATM 1235 O  O   . HOH C 3 .   ? 0.077   16.636  -7.064  1.00 47.76 ? 563 HOH A O   1 
HETATM 1236 O  O   . HOH C 3 .   ? -6.485  16.471  -3.285  1.00 37.89 ? 564 HOH A O   1 
HETATM 1237 O  O   . HOH C 3 .   ? -0.941  -19.203 -6.875  1.00 50.19 ? 565 HOH A O   1 
HETATM 1238 O  O   . HOH C 3 .   ? 2.874   -16.948 -7.970  1.00 55.20 ? 566 HOH A O   1 
HETATM 1239 O  O   . HOH C 3 .   ? -6.904  -3.108  13.686  1.00 41.65 ? 567 HOH A O   1 
HETATM 1240 O  O   . HOH C 3 .   ? 12.182  -0.687  -6.415  1.00 39.55 ? 568 HOH A O   1 
HETATM 1241 O  O   . HOH C 3 .   ? -4.882  9.071   12.099  1.00 47.98 ? 569 HOH A O   1 
HETATM 1242 O  O   . HOH C 3 .   ? 2.438   -19.909 -6.382  1.00 52.81 ? 570 HOH A O   1 
HETATM 1243 O  O   . HOH C 3 .   ? -2.217  -19.193 -8.218  1.00 47.09 ? 571 HOH A O   1 
HETATM 1244 O  O   . HOH C 3 .   ? -1.075  -20.371 0.050   1.00 52.18 ? 572 HOH A O   1 
HETATM 1245 O  O   . HOH C 3 .   ? -8.187  -21.340 0.314   1.00 55.29 ? 573 HOH A O   1 
HETATM 1246 O  O   . HOH C 3 .   ? -6.376  -21.725 -0.290  1.00 52.74 ? 574 HOH A O   1 
HETATM 1247 O  O   . HOH C 3 .   ? -6.359  -22.904 3.494   1.00 56.37 ? 575 HOH A O   1 
HETATM 1248 O  O   . HOH C 3 .   ? 2.113   -21.430 1.107   1.00 55.88 ? 576 HOH A O   1 
HETATM 1249 O  O   . HOH C 3 .   ? -4.659  -22.594 0.176   1.00 42.04 ? 577 HOH A O   1 
HETATM 1250 O  O   . HOH C 3 .   ? -1.702  -22.246 1.622   1.00 53.64 ? 578 HOH A O   1 
HETATM 1251 O  O   . HOH C 3 .   ? 1.133   -22.396 -4.038  1.00 53.00 ? 579 HOH A O   1 
HETATM 1252 O  O   . HOH C 3 .   ? -0.165  -23.448 2.425   1.00 50.53 ? 580 HOH A O   1 
HETATM 1253 O  O   . HOH C 3 .   ? 7.454   -22.886 2.031   1.00 52.52 ? 581 HOH A O   1 
HETATM 1254 O  O   . HOH C 3 .   ? -1.256  -23.343 -3.211  1.00 47.63 ? 582 HOH A O   1 
HETATM 1255 O  O   . HOH C 3 .   ? -6.876  -24.617 5.556   1.00 51.00 ? 583 HOH A O   1 
HETATM 1256 O  O   . HOH C 3 .   ? -2.023  -24.361 1.922   1.00 49.66 ? 584 HOH A O   1 
HETATM 1257 O  O   . HOH C 3 .   ? 1.919   -23.323 -1.215  1.00 50.24 ? 585 HOH A O   1 
HETATM 1258 O  O   . HOH C 3 .   ? -2.928  -23.760 -2.166  1.00 52.00 ? 586 HOH A O   1 
HETATM 1259 O  O   . HOH C 3 .   ? 7.418   -23.895 0.315   1.00 52.99 ? 587 HOH A O   1 
HETATM 1260 O  O   . HOH C 3 .   ? 3.603   -24.392 -0.789  1.00 58.03 ? 588 HOH A O   1 
HETATM 1261 O  O   . HOH C 3 .   ? -8.810  -21.205 -10.918 1.00 47.32 ? 589 HOH A O   1 
HETATM 1262 O  O   . HOH C 3 .   ? -1.233  -25.201 0.038   1.00 49.81 ? 590 HOH A O   1 
HETATM 1263 O  O   . HOH C 3 .   ? -6.498  -22.359 -11.338 1.00 50.74 ? 591 HOH A O   1 
HETATM 1264 O  O   . HOH C 3 .   ? -4.024  -23.762 -11.870 1.00 52.84 ? 592 HOH A O   1 
HETATM 1265 O  O   . HOH C 3 .   ? -2.659  -26.131 -9.053  1.00 41.96 ? 593 HOH A O   1 
HETATM 1266 O  O   . HOH C 3 .   ? -1.999  -28.129 -7.832  1.00 46.80 ? 594 HOH A O   1 
HETATM 1267 O  O   . HOH C 3 .   ? -0.774  -33.414 -7.113  1.00 53.80 ? 595 HOH A O   1 
HETATM 1268 O  O   . HOH C 3 .   ? -1.645  -34.956 -9.620  1.00 52.74 ? 596 HOH A O   1 
# 
